data_6WZC
# 
_entry.id   6WZC 
# 
_audit_conform.dict_name       mmcif_pdbx.dic 
_audit_conform.dict_version    5.397 
_audit_conform.dict_location   http://mmcif.pdb.org/dictionaries/ascii/mmcif_pdbx.dic 
# 
loop_
_database_2.database_id 
_database_2.database_code 
_database_2.pdbx_database_accession 
_database_2.pdbx_DOI 
PDB   6WZC         pdb_00006wzc 10.2210/pdb6wzc/pdb 
WWPDB D_1000249249 ?            ?                   
# 
loop_
_pdbx_audit_revision_history.ordinal 
_pdbx_audit_revision_history.data_content_type 
_pdbx_audit_revision_history.major_revision 
_pdbx_audit_revision_history.minor_revision 
_pdbx_audit_revision_history.revision_date 
1 'Structure model' 1 0 2020-09-16 
2 'Structure model' 1 1 2020-12-16 
3 'Structure model' 1 2 2023-10-18 
4 'Structure model' 1 3 2024-10-16 
# 
_pdbx_audit_revision_details.ordinal             1 
_pdbx_audit_revision_details.revision_ordinal    1 
_pdbx_audit_revision_details.data_content_type   'Structure model' 
_pdbx_audit_revision_details.provider            repository 
_pdbx_audit_revision_details.type                'Initial release' 
_pdbx_audit_revision_details.description         ? 
_pdbx_audit_revision_details.details             ? 
# 
loop_
_pdbx_audit_revision_group.ordinal 
_pdbx_audit_revision_group.revision_ordinal 
_pdbx_audit_revision_group.data_content_type 
_pdbx_audit_revision_group.group 
1 2 'Structure model' 'Database references'    
2 3 'Structure model' 'Data collection'        
3 3 'Structure model' 'Database references'    
4 3 'Structure model' 'Refinement description' 
5 4 'Structure model' 'Structure summary'      
# 
loop_
_pdbx_audit_revision_category.ordinal 
_pdbx_audit_revision_category.revision_ordinal 
_pdbx_audit_revision_category.data_content_type 
_pdbx_audit_revision_category.category 
1 2 'Structure model' citation                      
2 2 'Structure model' citation_author               
3 3 'Structure model' chem_comp_atom                
4 3 'Structure model' chem_comp_bond                
5 3 'Structure model' database_2                    
6 3 'Structure model' pdbx_initial_refinement_model 
7 4 'Structure model' pdbx_entry_details            
8 4 'Structure model' pdbx_modification_feature     
# 
loop_
_pdbx_audit_revision_item.ordinal 
_pdbx_audit_revision_item.revision_ordinal 
_pdbx_audit_revision_item.data_content_type 
_pdbx_audit_revision_item.item 
1 2 'Structure model' '_citation.journal_volume'                     
2 2 'Structure model' '_citation.page_first'                         
3 2 'Structure model' '_citation.page_last'                          
4 2 'Structure model' '_citation_author.identifier_ORCID'            
5 2 'Structure model' '_citation_author.name'                        
6 3 'Structure model' '_database_2.pdbx_DOI'                         
7 3 'Structure model' '_database_2.pdbx_database_accession'          
8 4 'Structure model' '_pdbx_entry_details.has_protein_modification' 
# 
_pdbx_database_status.status_code                     REL 
_pdbx_database_status.status_code_sf                  REL 
_pdbx_database_status.status_code_mr                  ? 
_pdbx_database_status.entry_id                        6WZC 
_pdbx_database_status.recvd_initial_deposition_date   2020-05-13 
_pdbx_database_status.SG_entry                        N 
_pdbx_database_status.deposit_site                    RCSB 
_pdbx_database_status.process_site                    RCSB 
_pdbx_database_status.status_code_cs                  ? 
_pdbx_database_status.status_code_nmr_data            ? 
_pdbx_database_status.methods_development_category    ? 
_pdbx_database_status.pdb_format_compatible           Y 
# 
loop_
_audit_author.name 
_audit_author.pdbx_ordinal 
_audit_author.identifier_ORCID 
'Tezcan, F.A.' 1 0000-0002-4733-6500 
'Kakkis, A.'   2 0000-0001-6225-7352 
# 
_citation.abstract                  ? 
_citation.abstract_id_CAS           ? 
_citation.book_id_ISBN              ? 
_citation.book_publisher            ? 
_citation.book_publisher_city       ? 
_citation.book_title                ? 
_citation.coordinate_linkage        ? 
_citation.country                   GE 
_citation.database_id_Medline       ? 
_citation.details                   ? 
_citation.id                        primary 
_citation.journal_abbrev            Angew.Chem.Int.Ed.Engl. 
_citation.journal_id_ASTM           ACIEAY 
_citation.journal_id_CSD            0179 
_citation.journal_id_ISSN           1521-3773 
_citation.journal_full              ? 
_citation.journal_issue             ? 
_citation.journal_volume            59 
_citation.language                  ? 
_citation.page_first                21940 
_citation.page_last                 21944 
_citation.title                     
'Metal-Templated Design of Chemically Switchable Protein Assemblies with High-Affinity Coordination Sites.' 
_citation.year                      2020 
_citation.database_id_CSD           ? 
_citation.pdbx_database_id_DOI      10.1002/anie.202009226 
_citation.pdbx_database_id_PubMed   32830423 
_citation.unpublished_flag          ? 
# 
loop_
_citation_author.citation_id 
_citation_author.name 
_citation_author.ordinal 
_citation_author.identifier_ORCID 
primary 'Kakkis, A.'    1 0000-0001-6225-7352 
primary 'Gagnon, D.'    2 0000-0003-1737-6365 
primary 'Esselborn, J.' 3 0000-0002-3499-8417 
primary 'Britt, R.D.'   4 0000-0003-0889-8436 
primary 'Tezcan, F.A.'  5 0000-0002-4733-6500 
# 
loop_
_entity.id 
_entity.type 
_entity.src_method 
_entity.pdbx_description 
_entity.formula_weight 
_entity.pdbx_number_of_molecules 
_entity.pdbx_ec 
_entity.pdbx_mutation 
_entity.pdbx_fragment 
_entity.details 
1 polymer     man 'Soluble cytochrome b562' 11796.407 1   ? 
'T31K, A35K, Q41K, D54A, K59I, H63V, I67E, V69A, G70W, Q71E, D73H, L76A, K77H, N80K, R98C, Y101C' ? ? 
2 non-polymer syn 'HEME C'                  618.503   1   ? ? ? ? 
3 non-polymer syn 'NICKEL (II) ION'         58.693    2   ? ? ? ? 
4 non-polymer syn 'CALCIUM ION'             40.078    4   ? ? ? ? 
5 non-polymer syn 'CHLORIDE ION'            35.453    3   ? ? ? ? 
6 water       nat water                     18.015    105 ? ? ? ? 
# 
_entity_name_com.entity_id   1 
_entity_name_com.name        'Cytochrome b-562' 
# 
_entity_poly.entity_id                      1 
_entity_poly.type                           'polypeptide(L)' 
_entity_poly.nstd_linkage                   no 
_entity_poly.nstd_monomer                   no 
_entity_poly.pdbx_seq_one_letter_code       
;ADLEDNMETLNDNLKVIEKADNAAQVKDALKKMRKAALDAKKATPPKLEDKSPASPEMIDFRVGFDELAWEIHDAAHLAK
EGKVKEAQAAAEQLKTTCNACHQKYR
;
_entity_poly.pdbx_seq_one_letter_code_can   
;ADLEDNMETLNDNLKVIEKADNAAQVKDALKKMRKAALDAKKATPPKLEDKSPASPEMIDFRVGFDELAWEIHDAAHLAK
EGKVKEAQAAAEQLKTTCNACHQKYR
;
_entity_poly.pdbx_strand_id                 A 
_entity_poly.pdbx_target_identifier         ? 
# 
loop_
_pdbx_entity_nonpoly.entity_id 
_pdbx_entity_nonpoly.name 
_pdbx_entity_nonpoly.comp_id 
2 'HEME C'          HEC 
3 'NICKEL (II) ION' NI  
4 'CALCIUM ION'     CA  
5 'CHLORIDE ION'    CL  
6 water             HOH 
# 
loop_
_entity_poly_seq.entity_id 
_entity_poly_seq.num 
_entity_poly_seq.mon_id 
_entity_poly_seq.hetero 
1 1   ALA n 
1 2   ASP n 
1 3   LEU n 
1 4   GLU n 
1 5   ASP n 
1 6   ASN n 
1 7   MET n 
1 8   GLU n 
1 9   THR n 
1 10  LEU n 
1 11  ASN n 
1 12  ASP n 
1 13  ASN n 
1 14  LEU n 
1 15  LYS n 
1 16  VAL n 
1 17  ILE n 
1 18  GLU n 
1 19  LYS n 
1 20  ALA n 
1 21  ASP n 
1 22  ASN n 
1 23  ALA n 
1 24  ALA n 
1 25  GLN n 
1 26  VAL n 
1 27  LYS n 
1 28  ASP n 
1 29  ALA n 
1 30  LEU n 
1 31  LYS n 
1 32  LYS n 
1 33  MET n 
1 34  ARG n 
1 35  LYS n 
1 36  ALA n 
1 37  ALA n 
1 38  LEU n 
1 39  ASP n 
1 40  ALA n 
1 41  LYS n 
1 42  LYS n 
1 43  ALA n 
1 44  THR n 
1 45  PRO n 
1 46  PRO n 
1 47  LYS n 
1 48  LEU n 
1 49  GLU n 
1 50  ASP n 
1 51  LYS n 
1 52  SER n 
1 53  PRO n 
1 54  ALA n 
1 55  SER n 
1 56  PRO n 
1 57  GLU n 
1 58  MET n 
1 59  ILE n 
1 60  ASP n 
1 61  PHE n 
1 62  ARG n 
1 63  VAL n 
1 64  GLY n 
1 65  PHE n 
1 66  ASP n 
1 67  GLU n 
1 68  LEU n 
1 69  ALA n 
1 70  TRP n 
1 71  GLU n 
1 72  ILE n 
1 73  HIS n 
1 74  ASP n 
1 75  ALA n 
1 76  ALA n 
1 77  HIS n 
1 78  LEU n 
1 79  ALA n 
1 80  LYS n 
1 81  GLU n 
1 82  GLY n 
1 83  LYS n 
1 84  VAL n 
1 85  LYS n 
1 86  GLU n 
1 87  ALA n 
1 88  GLN n 
1 89  ALA n 
1 90  ALA n 
1 91  ALA n 
1 92  GLU n 
1 93  GLN n 
1 94  LEU n 
1 95  LYS n 
1 96  THR n 
1 97  THR n 
1 98  CYS n 
1 99  ASN n 
1 100 ALA n 
1 101 CYS n 
1 102 HIS n 
1 103 GLN n 
1 104 LYS n 
1 105 TYR n 
1 106 ARG n 
# 
_entity_src_gen.entity_id                          1 
_entity_src_gen.pdbx_src_id                        1 
_entity_src_gen.pdbx_alt_source_flag               sample 
_entity_src_gen.pdbx_seq_type                      'Biological sequence' 
_entity_src_gen.pdbx_beg_seq_num                   1 
_entity_src_gen.pdbx_end_seq_num                   106 
_entity_src_gen.gene_src_common_name               ? 
_entity_src_gen.gene_src_genus                     ? 
_entity_src_gen.pdbx_gene_src_gene                 cybC 
_entity_src_gen.gene_src_species                   ? 
_entity_src_gen.gene_src_strain                    ? 
_entity_src_gen.gene_src_tissue                    ? 
_entity_src_gen.gene_src_tissue_fraction           ? 
_entity_src_gen.gene_src_details                   ? 
_entity_src_gen.pdbx_gene_src_fragment             ? 
_entity_src_gen.pdbx_gene_src_scientific_name      'Escherichia coli' 
_entity_src_gen.pdbx_gene_src_ncbi_taxonomy_id     562 
_entity_src_gen.pdbx_gene_src_variant              ? 
_entity_src_gen.pdbx_gene_src_cell_line            ? 
_entity_src_gen.pdbx_gene_src_atcc                 ? 
_entity_src_gen.pdbx_gene_src_organ                ? 
_entity_src_gen.pdbx_gene_src_organelle            ? 
_entity_src_gen.pdbx_gene_src_cell                 ? 
_entity_src_gen.pdbx_gene_src_cellular_location    ? 
_entity_src_gen.host_org_common_name               ? 
_entity_src_gen.pdbx_host_org_scientific_name      'Escherichia coli' 
_entity_src_gen.pdbx_host_org_ncbi_taxonomy_id     562 
_entity_src_gen.host_org_genus                     ? 
_entity_src_gen.pdbx_host_org_gene                 ? 
_entity_src_gen.pdbx_host_org_organ                ? 
_entity_src_gen.host_org_species                   ? 
_entity_src_gen.pdbx_host_org_tissue               ? 
_entity_src_gen.pdbx_host_org_tissue_fraction      ? 
_entity_src_gen.pdbx_host_org_strain               ? 
_entity_src_gen.pdbx_host_org_variant              ? 
_entity_src_gen.pdbx_host_org_cell_line            ? 
_entity_src_gen.pdbx_host_org_atcc                 ? 
_entity_src_gen.pdbx_host_org_culture_collection   ? 
_entity_src_gen.pdbx_host_org_cell                 ? 
_entity_src_gen.pdbx_host_org_organelle            ? 
_entity_src_gen.pdbx_host_org_cellular_location    ? 
_entity_src_gen.pdbx_host_org_vector_type          ? 
_entity_src_gen.pdbx_host_org_vector               ? 
_entity_src_gen.host_org_details                   ? 
_entity_src_gen.expression_system_id               ? 
_entity_src_gen.plasmid_name                       ? 
_entity_src_gen.plasmid_details                    ? 
_entity_src_gen.pdbx_description                   ? 
# 
loop_
_chem_comp.id 
_chem_comp.type 
_chem_comp.mon_nstd_flag 
_chem_comp.name 
_chem_comp.pdbx_synonyms 
_chem_comp.formula 
_chem_comp.formula_weight 
ALA 'L-peptide linking' y ALANINE           ? 'C3 H7 N O2'       89.093  
ARG 'L-peptide linking' y ARGININE          ? 'C6 H15 N4 O2 1'   175.209 
ASN 'L-peptide linking' y ASPARAGINE        ? 'C4 H8 N2 O3'      132.118 
ASP 'L-peptide linking' y 'ASPARTIC ACID'   ? 'C4 H7 N O4'       133.103 
CA  non-polymer         . 'CALCIUM ION'     ? 'Ca 2'             40.078  
CL  non-polymer         . 'CHLORIDE ION'    ? 'Cl -1'            35.453  
CYS 'L-peptide linking' y CYSTEINE          ? 'C3 H7 N O2 S'     121.158 
GLN 'L-peptide linking' y GLUTAMINE         ? 'C5 H10 N2 O3'     146.144 
GLU 'L-peptide linking' y 'GLUTAMIC ACID'   ? 'C5 H9 N O4'       147.129 
GLY 'peptide linking'   y GLYCINE           ? 'C2 H5 N O2'       75.067  
HEC non-polymer         . 'HEME C'          ? 'C34 H34 Fe N4 O4' 618.503 
HIS 'L-peptide linking' y HISTIDINE         ? 'C6 H10 N3 O2 1'   156.162 
HOH non-polymer         . WATER             ? 'H2 O'             18.015  
ILE 'L-peptide linking' y ISOLEUCINE        ? 'C6 H13 N O2'      131.173 
LEU 'L-peptide linking' y LEUCINE           ? 'C6 H13 N O2'      131.173 
LYS 'L-peptide linking' y LYSINE            ? 'C6 H15 N2 O2 1'   147.195 
MET 'L-peptide linking' y METHIONINE        ? 'C5 H11 N O2 S'    149.211 
NI  non-polymer         . 'NICKEL (II) ION' ? 'Ni 2'             58.693  
PHE 'L-peptide linking' y PHENYLALANINE     ? 'C9 H11 N O2'      165.189 
PRO 'L-peptide linking' y PROLINE           ? 'C5 H9 N O2'       115.130 
SER 'L-peptide linking' y SERINE            ? 'C3 H7 N O3'       105.093 
THR 'L-peptide linking' y THREONINE         ? 'C4 H9 N O3'       119.119 
TRP 'L-peptide linking' y TRYPTOPHAN        ? 'C11 H12 N2 O2'    204.225 
TYR 'L-peptide linking' y TYROSINE          ? 'C9 H11 N O3'      181.189 
VAL 'L-peptide linking' y VALINE            ? 'C5 H11 N O2'      117.146 
# 
loop_
_pdbx_poly_seq_scheme.asym_id 
_pdbx_poly_seq_scheme.entity_id 
_pdbx_poly_seq_scheme.seq_id 
_pdbx_poly_seq_scheme.mon_id 
_pdbx_poly_seq_scheme.ndb_seq_num 
_pdbx_poly_seq_scheme.pdb_seq_num 
_pdbx_poly_seq_scheme.auth_seq_num 
_pdbx_poly_seq_scheme.pdb_mon_id 
_pdbx_poly_seq_scheme.auth_mon_id 
_pdbx_poly_seq_scheme.pdb_strand_id 
_pdbx_poly_seq_scheme.pdb_ins_code 
_pdbx_poly_seq_scheme.hetero 
A 1 1   ALA 1   1   1   ALA ALA A . n 
A 1 2   ASP 2   2   2   ASP ASP A . n 
A 1 3   LEU 3   3   3   LEU LEU A . n 
A 1 4   GLU 4   4   4   GLU GLU A . n 
A 1 5   ASP 5   5   5   ASP ASP A . n 
A 1 6   ASN 6   6   6   ASN ASN A . n 
A 1 7   MET 7   7   7   MET MET A . n 
A 1 8   GLU 8   8   8   GLU GLU A . n 
A 1 9   THR 9   9   9   THR THR A . n 
A 1 10  LEU 10  10  10  LEU LEU A . n 
A 1 11  ASN 11  11  11  ASN ASN A . n 
A 1 12  ASP 12  12  12  ASP ASP A . n 
A 1 13  ASN 13  13  13  ASN ASN A . n 
A 1 14  LEU 14  14  14  LEU LEU A . n 
A 1 15  LYS 15  15  15  LYS LYS A . n 
A 1 16  VAL 16  16  16  VAL VAL A . n 
A 1 17  ILE 17  17  17  ILE ILE A . n 
A 1 18  GLU 18  18  18  GLU GLU A . n 
A 1 19  LYS 19  19  19  LYS LYS A . n 
A 1 20  ALA 20  20  20  ALA ALA A . n 
A 1 21  ASP 21  21  21  ASP ASP A . n 
A 1 22  ASN 22  22  22  ASN ASN A . n 
A 1 23  ALA 23  23  23  ALA ALA A . n 
A 1 24  ALA 24  24  24  ALA ALA A . n 
A 1 25  GLN 25  25  25  GLN GLN A . n 
A 1 26  VAL 26  26  26  VAL VAL A . n 
A 1 27  LYS 27  27  27  LYS LYS A . n 
A 1 28  ASP 28  28  28  ASP ASP A . n 
A 1 29  ALA 29  29  29  ALA ALA A . n 
A 1 30  LEU 30  30  30  LEU LEU A . n 
A 1 31  LYS 31  31  31  LYS LYS A . n 
A 1 32  LYS 32  32  32  LYS LYS A . n 
A 1 33  MET 33  33  33  MET MET A . n 
A 1 34  ARG 34  34  34  ARG ARG A . n 
A 1 35  LYS 35  35  35  LYS LYS A . n 
A 1 36  ALA 36  36  36  ALA ALA A . n 
A 1 37  ALA 37  37  37  ALA ALA A . n 
A 1 38  LEU 38  38  38  LEU LEU A . n 
A 1 39  ASP 39  39  39  ASP ASP A . n 
A 1 40  ALA 40  40  40  ALA ALA A . n 
A 1 41  LYS 41  41  41  LYS LYS A . n 
A 1 42  LYS 42  42  42  LYS LYS A . n 
A 1 43  ALA 43  43  43  ALA ALA A . n 
A 1 44  THR 44  44  44  THR THR A . n 
A 1 45  PRO 45  45  45  PRO PRO A . n 
A 1 46  PRO 46  46  46  PRO PRO A . n 
A 1 47  LYS 47  47  47  LYS LYS A . n 
A 1 48  LEU 48  48  48  LEU LEU A . n 
A 1 49  GLU 49  49  49  GLU GLU A . n 
A 1 50  ASP 50  50  50  ASP ASP A . n 
A 1 51  LYS 51  51  51  LYS LYS A . n 
A 1 52  SER 52  52  52  SER SER A . n 
A 1 53  PRO 53  53  53  PRO PRO A . n 
A 1 54  ALA 54  54  54  ALA ALA A . n 
A 1 55  SER 55  55  55  SER SER A . n 
A 1 56  PRO 56  56  56  PRO PRO A . n 
A 1 57  GLU 57  57  57  GLU GLU A . n 
A 1 58  MET 58  58  58  MET MET A . n 
A 1 59  ILE 59  59  59  ILE ILE A . n 
A 1 60  ASP 60  60  60  ASP ASP A . n 
A 1 61  PHE 61  61  61  PHE PHE A . n 
A 1 62  ARG 62  62  62  ARG ARG A . n 
A 1 63  VAL 63  63  63  VAL VAL A . n 
A 1 64  GLY 64  64  64  GLY GLY A . n 
A 1 65  PHE 65  65  65  PHE PHE A . n 
A 1 66  ASP 66  66  66  ASP ASP A . n 
A 1 67  GLU 67  67  67  GLU GLU A . n 
A 1 68  LEU 68  68  68  LEU LEU A . n 
A 1 69  ALA 69  69  69  ALA ALA A . n 
A 1 70  TRP 70  70  70  TRP TRP A . n 
A 1 71  GLU 71  71  71  GLU GLU A . n 
A 1 72  ILE 72  72  72  ILE ILE A . n 
A 1 73  HIS 73  73  73  HIS HIS A . n 
A 1 74  ASP 74  74  74  ASP ASP A . n 
A 1 75  ALA 75  75  75  ALA ALA A . n 
A 1 76  ALA 76  76  76  ALA ALA A . n 
A 1 77  HIS 77  77  77  HIS HIS A . n 
A 1 78  LEU 78  78  78  LEU LEU A . n 
A 1 79  ALA 79  79  79  ALA ALA A . n 
A 1 80  LYS 80  80  80  LYS LYS A . n 
A 1 81  GLU 81  81  81  GLU GLU A . n 
A 1 82  GLY 82  82  82  GLY GLY A . n 
A 1 83  LYS 83  83  83  LYS LYS A . n 
A 1 84  VAL 84  84  84  VAL VAL A . n 
A 1 85  LYS 85  85  85  LYS LYS A . n 
A 1 86  GLU 86  86  86  GLU GLU A . n 
A 1 87  ALA 87  87  87  ALA ALA A . n 
A 1 88  GLN 88  88  88  GLN GLN A . n 
A 1 89  ALA 89  89  89  ALA ALA A . n 
A 1 90  ALA 90  90  90  ALA ALA A . n 
A 1 91  ALA 91  91  91  ALA ALA A . n 
A 1 92  GLU 92  92  92  GLU GLU A . n 
A 1 93  GLN 93  93  93  GLN GLN A . n 
A 1 94  LEU 94  94  94  LEU LEU A . n 
A 1 95  LYS 95  95  95  LYS LYS A . n 
A 1 96  THR 96  96  96  THR THR A . n 
A 1 97  THR 97  97  97  THR THR A . n 
A 1 98  CYS 98  98  98  CYS CYS A . n 
A 1 99  ASN 99  99  99  ASN ASN A . n 
A 1 100 ALA 100 100 100 ALA ALA A . n 
A 1 101 CYS 101 101 101 CYS CYS A . n 
A 1 102 HIS 102 102 102 HIS HIS A . n 
A 1 103 GLN 103 103 103 GLN GLN A . n 
A 1 104 LYS 104 104 104 LYS LYS A . n 
A 1 105 TYR 105 105 105 TYR TYR A . n 
A 1 106 ARG 106 106 106 ARG ARG A . n 
# 
_pdbx_entity_instance_feature.ordinal        1 
_pdbx_entity_instance_feature.comp_id        NI 
_pdbx_entity_instance_feature.asym_id        ? 
_pdbx_entity_instance_feature.seq_num        ? 
_pdbx_entity_instance_feature.auth_comp_id   NI 
_pdbx_entity_instance_feature.auth_asym_id   ? 
_pdbx_entity_instance_feature.auth_seq_num   ? 
_pdbx_entity_instance_feature.feature_type   'SUBJECT OF INVESTIGATION' 
_pdbx_entity_instance_feature.details        ? 
# 
loop_
_pdbx_nonpoly_scheme.asym_id 
_pdbx_nonpoly_scheme.entity_id 
_pdbx_nonpoly_scheme.mon_id 
_pdbx_nonpoly_scheme.ndb_seq_num 
_pdbx_nonpoly_scheme.pdb_seq_num 
_pdbx_nonpoly_scheme.auth_seq_num 
_pdbx_nonpoly_scheme.pdb_mon_id 
_pdbx_nonpoly_scheme.auth_mon_id 
_pdbx_nonpoly_scheme.pdb_strand_id 
_pdbx_nonpoly_scheme.pdb_ins_code 
B 2 HEC 1   201 150 HEC HEM A . 
C 3 NI  1   202 1   NI  NI  A . 
D 3 NI  1   203 2   NI  NI  A . 
E 4 CA  1   204 1   CA  CA  A . 
F 4 CA  1   205 2   CA  CA  A . 
G 4 CA  1   206 3   CA  CA  A . 
H 4 CA  1   207 4   CA  CA  A . 
I 5 CL  1   208 1   CL  CL  A . 
J 5 CL  1   209 2   CL  CL  A . 
K 5 CL  1   210 3   CL  CL  A . 
L 6 HOH 1   301 100 HOH HOH A . 
L 6 HOH 2   302 102 HOH HOH A . 
L 6 HOH 3   303 42  HOH HOH A . 
L 6 HOH 4   304 57  HOH HOH A . 
L 6 HOH 5   305 95  HOH HOH A . 
L 6 HOH 6   306 76  HOH HOH A . 
L 6 HOH 7   307 47  HOH HOH A . 
L 6 HOH 8   308 53  HOH HOH A . 
L 6 HOH 9   309 71  HOH HOH A . 
L 6 HOH 10  310 20  HOH HOH A . 
L 6 HOH 11  311 40  HOH HOH A . 
L 6 HOH 12  312 96  HOH HOH A . 
L 6 HOH 13  313 13  HOH HOH A . 
L 6 HOH 14  314 37  HOH HOH A . 
L 6 HOH 15  315 56  HOH HOH A . 
L 6 HOH 16  316 62  HOH HOH A . 
L 6 HOH 17  317 67  HOH HOH A . 
L 6 HOH 18  318 74  HOH HOH A . 
L 6 HOH 19  319 27  HOH HOH A . 
L 6 HOH 20  320 1   HOH HOH A . 
L 6 HOH 21  321 9   HOH HOH A . 
L 6 HOH 22  322 79  HOH HOH A . 
L 6 HOH 23  323 11  HOH HOH A . 
L 6 HOH 24  324 48  HOH HOH A . 
L 6 HOH 25  325 103 HOH HOH A . 
L 6 HOH 26  326 28  HOH HOH A . 
L 6 HOH 27  327 77  HOH HOH A . 
L 6 HOH 28  328 35  HOH HOH A . 
L 6 HOH 29  329 8   HOH HOH A . 
L 6 HOH 30  330 52  HOH HOH A . 
L 6 HOH 31  331 19  HOH HOH A . 
L 6 HOH 32  332 26  HOH HOH A . 
L 6 HOH 33  333 15  HOH HOH A . 
L 6 HOH 34  334 5   HOH HOH A . 
L 6 HOH 35  335 7   HOH HOH A . 
L 6 HOH 36  336 36  HOH HOH A . 
L 6 HOH 37  337 54  HOH HOH A . 
L 6 HOH 38  338 64  HOH HOH A . 
L 6 HOH 39  339 81  HOH HOH A . 
L 6 HOH 40  340 21  HOH HOH A . 
L 6 HOH 41  341 39  HOH HOH A . 
L 6 HOH 42  342 4   HOH HOH A . 
L 6 HOH 43  343 38  HOH HOH A . 
L 6 HOH 44  344 60  HOH HOH A . 
L 6 HOH 45  345 61  HOH HOH A . 
L 6 HOH 46  346 10  HOH HOH A . 
L 6 HOH 47  347 82  HOH HOH A . 
L 6 HOH 48  348 43  HOH HOH A . 
L 6 HOH 49  349 29  HOH HOH A . 
L 6 HOH 50  350 23  HOH HOH A . 
L 6 HOH 51  351 18  HOH HOH A . 
L 6 HOH 52  352 92  HOH HOH A . 
L 6 HOH 53  353 41  HOH HOH A . 
L 6 HOH 54  354 25  HOH HOH A . 
L 6 HOH 55  355 17  HOH HOH A . 
L 6 HOH 56  356 63  HOH HOH A . 
L 6 HOH 57  357 90  HOH HOH A . 
L 6 HOH 58  358 83  HOH HOH A . 
L 6 HOH 59  359 32  HOH HOH A . 
L 6 HOH 60  360 3   HOH HOH A . 
L 6 HOH 61  361 2   HOH HOH A . 
L 6 HOH 62  362 34  HOH HOH A . 
L 6 HOH 63  363 46  HOH HOH A . 
L 6 HOH 64  364 30  HOH HOH A . 
L 6 HOH 65  365 50  HOH HOH A . 
L 6 HOH 66  366 58  HOH HOH A . 
L 6 HOH 67  367 12  HOH HOH A . 
L 6 HOH 68  368 93  HOH HOH A . 
L 6 HOH 69  369 6   HOH HOH A . 
L 6 HOH 70  370 88  HOH HOH A . 
L 6 HOH 71  371 45  HOH HOH A . 
L 6 HOH 72  372 80  HOH HOH A . 
L 6 HOH 73  373 24  HOH HOH A . 
L 6 HOH 74  374 55  HOH HOH A . 
L 6 HOH 75  375 31  HOH HOH A . 
L 6 HOH 76  376 65  HOH HOH A . 
L 6 HOH 77  377 49  HOH HOH A . 
L 6 HOH 78  378 78  HOH HOH A . 
L 6 HOH 79  379 86  HOH HOH A . 
L 6 HOH 80  380 99  HOH HOH A . 
L 6 HOH 81  381 91  HOH HOH A . 
L 6 HOH 82  382 72  HOH HOH A . 
L 6 HOH 83  383 105 HOH HOH A . 
L 6 HOH 84  384 104 HOH HOH A . 
L 6 HOH 85  385 97  HOH HOH A . 
L 6 HOH 86  386 84  HOH HOH A . 
L 6 HOH 87  387 33  HOH HOH A . 
L 6 HOH 88  388 22  HOH HOH A . 
L 6 HOH 89  389 16  HOH HOH A . 
L 6 HOH 90  390 101 HOH HOH A . 
L 6 HOH 91  391 51  HOH HOH A . 
L 6 HOH 92  392 87  HOH HOH A . 
L 6 HOH 93  393 69  HOH HOH A . 
L 6 HOH 94  394 98  HOH HOH A . 
L 6 HOH 95  395 14  HOH HOH A . 
L 6 HOH 96  396 89  HOH HOH A . 
L 6 HOH 97  397 66  HOH HOH A . 
L 6 HOH 98  398 70  HOH HOH A . 
L 6 HOH 99  399 68  HOH HOH A . 
L 6 HOH 100 400 75  HOH HOH A . 
L 6 HOH 101 401 73  HOH HOH A . 
L 6 HOH 102 402 44  HOH HOH A . 
L 6 HOH 103 403 59  HOH HOH A . 
L 6 HOH 104 404 94  HOH HOH A . 
L 6 HOH 105 405 85  HOH HOH A . 
# 
loop_
_software.citation_id 
_software.classification 
_software.compiler_name 
_software.compiler_version 
_software.contact_author 
_software.contact_author_email 
_software.date 
_software.description 
_software.dependencies 
_software.hardware 
_software.language 
_software.location 
_software.mods 
_software.name 
_software.os 
_software.os_version 
_software.type 
_software.version 
_software.pdbx_ordinal 
? refinement       ? ? ? ? ? ? ? ? ? ? ? PHENIX  ? ? ? 1.14-3260 1 
? 'data reduction' ? ? ? ? ? ? ? ? ? ? ? XDS     ? ? ? .         2 
? 'data scaling'   ? ? ? ? ? ? ? ? ? ? ? Aimless ? ? ? .         3 
? phasing          ? ? ? ? ? ? ? ? ? ? ? PHASER  ? ? ? .         4 
# 
_cell.angle_alpha                  90.00 
_cell.angle_alpha_esd              ? 
_cell.angle_beta                   90.00 
_cell.angle_beta_esd               ? 
_cell.angle_gamma                  120.00 
_cell.angle_gamma_esd              ? 
_cell.entry_id                     6WZC 
_cell.details                      ? 
_cell.formula_units_Z              ? 
_cell.length_a                     82.460 
_cell.length_a_esd                 ? 
_cell.length_b                     82.460 
_cell.length_b_esd                 ? 
_cell.length_c                     53.118 
_cell.length_c_esd                 ? 
_cell.volume                       ? 
_cell.volume_esd                   ? 
_cell.Z_PDB                        6 
_cell.reciprocal_angle_alpha       ? 
_cell.reciprocal_angle_beta        ? 
_cell.reciprocal_angle_gamma       ? 
_cell.reciprocal_angle_alpha_esd   ? 
_cell.reciprocal_angle_beta_esd    ? 
_cell.reciprocal_angle_gamma_esd   ? 
_cell.reciprocal_length_a          ? 
_cell.reciprocal_length_b          ? 
_cell.reciprocal_length_c          ? 
_cell.reciprocal_length_a_esd      ? 
_cell.reciprocal_length_b_esd      ? 
_cell.reciprocal_length_c_esd      ? 
_cell.pdbx_unique_axis             ? 
# 
_symmetry.entry_id                         6WZC 
_symmetry.cell_setting                     ? 
_symmetry.Int_Tables_number                150 
_symmetry.space_group_name_Hall            ? 
_symmetry.space_group_name_H-M             'P 3 2 1' 
_symmetry.pdbx_full_space_group_name_H-M   ? 
# 
_exptl.absorpt_coefficient_mu     ? 
_exptl.absorpt_correction_T_max   ? 
_exptl.absorpt_correction_T_min   ? 
_exptl.absorpt_correction_type    ? 
_exptl.absorpt_process_details    ? 
_exptl.entry_id                   6WZC 
_exptl.crystals_number            1 
_exptl.details                    ? 
_exptl.method                     'X-RAY DIFFRACTION' 
_exptl.method_details             ? 
# 
_exptl_crystal.colour                      ? 
_exptl_crystal.density_diffrn              ? 
_exptl_crystal.density_Matthews            4.34 
_exptl_crystal.density_method              ? 
_exptl_crystal.density_percent_sol         71.66 
_exptl_crystal.description                 ? 
_exptl_crystal.F_000                       ? 
_exptl_crystal.id                          1 
_exptl_crystal.preparation                 ? 
_exptl_crystal.size_max                    ? 
_exptl_crystal.size_mid                    ? 
_exptl_crystal.size_min                    ? 
_exptl_crystal.size_rad                    ? 
_exptl_crystal.colour_lustre               ? 
_exptl_crystal.colour_modifier             ? 
_exptl_crystal.colour_primary              ? 
_exptl_crystal.density_meas                ? 
_exptl_crystal.density_meas_esd            ? 
_exptl_crystal.density_meas_gt             ? 
_exptl_crystal.density_meas_lt             ? 
_exptl_crystal.density_meas_temp           ? 
_exptl_crystal.density_meas_temp_esd       ? 
_exptl_crystal.density_meas_temp_gt        ? 
_exptl_crystal.density_meas_temp_lt        ? 
_exptl_crystal.pdbx_crystal_image_url      ? 
_exptl_crystal.pdbx_crystal_image_format   ? 
_exptl_crystal.pdbx_mosaicity              ? 
_exptl_crystal.pdbx_mosaicity_esd          ? 
# 
_exptl_crystal_grow.apparatus       ? 
_exptl_crystal_grow.atmosphere      ? 
_exptl_crystal_grow.crystal_id      1 
_exptl_crystal_grow.details         ? 
_exptl_crystal_grow.method          'VAPOR DIFFUSION, SITTING DROP' 
_exptl_crystal_grow.method_ref      ? 
_exptl_crystal_grow.pH              6.5 
_exptl_crystal_grow.pressure        ? 
_exptl_crystal_grow.pressure_esd    ? 
_exptl_crystal_grow.seeding         ? 
_exptl_crystal_grow.seeding_ref     ? 
_exptl_crystal_grow.temp            298 
_exptl_crystal_grow.temp_details    ? 
_exptl_crystal_grow.temp_esd        ? 
_exptl_crystal_grow.time            ? 
_exptl_crystal_grow.pdbx_details    '25% PEG2000, 0.2 M CaCl2, 0.1 M Bis-Tris (pH 6.5)' 
_exptl_crystal_grow.pdbx_pH_range   ? 
# 
_diffrn.ambient_environment              ? 
_diffrn.ambient_temp                     100 
_diffrn.ambient_temp_details             ? 
_diffrn.ambient_temp_esd                 ? 
_diffrn.crystal_id                       1 
_diffrn.crystal_support                  ? 
_diffrn.crystal_treatment                ? 
_diffrn.details                          ? 
_diffrn.id                               1 
_diffrn.ambient_pressure                 ? 
_diffrn.ambient_pressure_esd             ? 
_diffrn.ambient_pressure_gt              ? 
_diffrn.ambient_pressure_lt              ? 
_diffrn.ambient_temp_gt                  ? 
_diffrn.ambient_temp_lt                  ? 
_diffrn.pdbx_serial_crystal_experiment   N 
# 
_diffrn_detector.details                      ? 
_diffrn_detector.detector                     PIXEL 
_diffrn_detector.diffrn_id                    1 
_diffrn_detector.type                         'DECTRIS PILATUS 6M' 
_diffrn_detector.area_resol_mean              ? 
_diffrn_detector.dtime                        ? 
_diffrn_detector.pdbx_frames_total            ? 
_diffrn_detector.pdbx_collection_time_total   ? 
_diffrn_detector.pdbx_collection_date         2020-03-06 
_diffrn_detector.pdbx_frequency               ? 
# 
_diffrn_radiation.collimation                      ? 
_diffrn_radiation.diffrn_id                        1 
_diffrn_radiation.filter_edge                      ? 
_diffrn_radiation.inhomogeneity                    ? 
_diffrn_radiation.monochromator                    ? 
_diffrn_radiation.polarisn_norm                    ? 
_diffrn_radiation.polarisn_ratio                   ? 
_diffrn_radiation.probe                            ? 
_diffrn_radiation.type                             ? 
_diffrn_radiation.xray_symbol                      ? 
_diffrn_radiation.wavelength_id                    1 
_diffrn_radiation.pdbx_monochromatic_or_laue_m_l   M 
_diffrn_radiation.pdbx_wavelength_list             ? 
_diffrn_radiation.pdbx_wavelength                  ? 
_diffrn_radiation.pdbx_diffrn_protocol             'SINGLE WAVELENGTH' 
_diffrn_radiation.pdbx_analyzer                    ? 
_diffrn_radiation.pdbx_scattering_type             x-ray 
# 
_diffrn_radiation_wavelength.id           1 
_diffrn_radiation_wavelength.wavelength   1.2398 
_diffrn_radiation_wavelength.wt           1.0 
# 
_diffrn_source.current                     ? 
_diffrn_source.details                     ? 
_diffrn_source.diffrn_id                   1 
_diffrn_source.power                       ? 
_diffrn_source.size                        ? 
_diffrn_source.source                      SYNCHROTRON 
_diffrn_source.target                      ? 
_diffrn_source.type                        'SSRL BEAMLINE BL12-2' 
_diffrn_source.voltage                     ? 
_diffrn_source.take-off_angle              ? 
_diffrn_source.pdbx_wavelength_list        1.2398 
_diffrn_source.pdbx_wavelength             ? 
_diffrn_source.pdbx_synchrotron_beamline   BL12-2 
_diffrn_source.pdbx_synchrotron_site       SSRL 
# 
_reflns.B_iso_Wilson_estimate            ? 
_reflns.entry_id                         6WZC 
_reflns.data_reduction_details           ? 
_reflns.data_reduction_method            ? 
_reflns.d_resolution_high                2.195 
_reflns.d_resolution_low                 35.7108 
_reflns.details                          ? 
_reflns.limit_h_max                      ? 
_reflns.limit_h_min                      ? 
_reflns.limit_k_max                      ? 
_reflns.limit_k_min                      ? 
_reflns.limit_l_max                      ? 
_reflns.limit_l_min                      ? 
_reflns.number_all                       ? 
_reflns.number_obs                       10934 
_reflns.observed_criterion               ? 
_reflns.observed_criterion_F_max         ? 
_reflns.observed_criterion_F_min         ? 
_reflns.observed_criterion_I_max         ? 
_reflns.observed_criterion_I_min         ? 
_reflns.observed_criterion_sigma_F       ? 
_reflns.observed_criterion_sigma_I       ? 
_reflns.percent_possible_obs             99.62 
_reflns.R_free_details                   ? 
_reflns.Rmerge_F_all                     ? 
_reflns.Rmerge_F_obs                     ? 
_reflns.Friedel_coverage                 ? 
_reflns.number_gt                        ? 
_reflns.threshold_expression             ? 
_reflns.pdbx_redundancy                  12.7 
_reflns.pdbx_Rmerge_I_obs                0.7438 
_reflns.pdbx_Rmerge_I_all                ? 
_reflns.pdbx_Rsym_value                  ? 
_reflns.pdbx_netI_over_av_sigmaI         ? 
_reflns.pdbx_netI_over_sigmaI            2.96 
_reflns.pdbx_res_netI_over_av_sigmaI_2   ? 
_reflns.pdbx_res_netI_over_sigmaI_2      ? 
_reflns.pdbx_chi_squared                 ? 
_reflns.pdbx_scaling_rejects             ? 
_reflns.pdbx_d_res_high_opt              ? 
_reflns.pdbx_d_res_low_opt               ? 
_reflns.pdbx_d_res_opt_method            ? 
_reflns.phase_calculation_details        ? 
_reflns.pdbx_Rrim_I_all                  0.7678 
_reflns.pdbx_Rpim_I_all                  0.1867 
_reflns.pdbx_d_opt                       ? 
_reflns.pdbx_number_measured_all         ? 
_reflns.pdbx_diffrn_id                   1 
_reflns.pdbx_ordinal                     1 
_reflns.pdbx_CC_half                     0.887 
_reflns.pdbx_CC_star                     ? 
_reflns.pdbx_R_split                     ? 
# 
_reflns_shell.d_res_high                  2.195 
_reflns_shell.d_res_low                   2.274 
_reflns_shell.meanI_over_sigI_all         ? 
_reflns_shell.meanI_over_sigI_obs         ? 
_reflns_shell.number_measured_all         ? 
_reflns_shell.number_measured_obs         ? 
_reflns_shell.number_possible             ? 
_reflns_shell.number_unique_all           ? 
_reflns_shell.number_unique_obs           1068 
_reflns_shell.percent_possible_all        ? 
_reflns_shell.percent_possible_obs        ? 
_reflns_shell.Rmerge_F_all                ? 
_reflns_shell.Rmerge_F_obs                ? 
_reflns_shell.Rmerge_I_all                ? 
_reflns_shell.Rmerge_I_obs                0.5781 
_reflns_shell.meanI_over_sigI_gt          ? 
_reflns_shell.meanI_over_uI_all           ? 
_reflns_shell.meanI_over_uI_gt            ? 
_reflns_shell.number_measured_gt          ? 
_reflns_shell.number_unique_gt            ? 
_reflns_shell.percent_possible_gt         ? 
_reflns_shell.Rmerge_F_gt                 ? 
_reflns_shell.Rmerge_I_gt                 ? 
_reflns_shell.pdbx_redundancy             ? 
_reflns_shell.pdbx_Rsym_value             ? 
_reflns_shell.pdbx_chi_squared            ? 
_reflns_shell.pdbx_netI_over_sigmaI_all   ? 
_reflns_shell.pdbx_netI_over_sigmaI_obs   ? 
_reflns_shell.pdbx_Rrim_I_all             0.6193 
_reflns_shell.pdbx_Rpim_I_all             0.2183 
_reflns_shell.pdbx_rejects                ? 
_reflns_shell.pdbx_ordinal                1 
_reflns_shell.pdbx_diffrn_id              1 
_reflns_shell.pdbx_CC_half                0.887 
_reflns_shell.pdbx_CC_star                ? 
_reflns_shell.pdbx_R_split                ? 
# 
_refine.aniso_B[1][1]                            ? 
_refine.aniso_B[1][2]                            ? 
_refine.aniso_B[1][3]                            ? 
_refine.aniso_B[2][2]                            ? 
_refine.aniso_B[2][3]                            ? 
_refine.aniso_B[3][3]                            ? 
_refine.B_iso_max                                ? 
_refine.B_iso_mean                               ? 
_refine.B_iso_min                                ? 
_refine.correlation_coeff_Fo_to_Fc               ? 
_refine.correlation_coeff_Fo_to_Fc_free          ? 
_refine.details                                  ? 
_refine.diff_density_max                         ? 
_refine.diff_density_max_esd                     ? 
_refine.diff_density_min                         ? 
_refine.diff_density_min_esd                     ? 
_refine.diff_density_rms                         ? 
_refine.diff_density_rms_esd                     ? 
_refine.entry_id                                 6WZC 
_refine.pdbx_refine_id                           'X-RAY DIFFRACTION' 
_refine.ls_abs_structure_details                 ? 
_refine.ls_abs_structure_Flack                   ? 
_refine.ls_abs_structure_Flack_esd               ? 
_refine.ls_abs_structure_Rogers                  ? 
_refine.ls_abs_structure_Rogers_esd              ? 
_refine.ls_d_res_high                            2.195 
_refine.ls_d_res_low                             35.7108 
_refine.ls_extinction_coef                       ? 
_refine.ls_extinction_coef_esd                   ? 
_refine.ls_extinction_expression                 ? 
_refine.ls_extinction_method                     ? 
_refine.ls_goodness_of_fit_all                   ? 
_refine.ls_goodness_of_fit_all_esd               ? 
_refine.ls_goodness_of_fit_obs                   ? 
_refine.ls_goodness_of_fit_obs_esd               ? 
_refine.ls_hydrogen_treatment                    ? 
_refine.ls_matrix_type                           ? 
_refine.ls_number_constraints                    ? 
_refine.ls_number_parameters                     ? 
_refine.ls_number_reflns_all                     ? 
_refine.ls_number_reflns_obs                     10934 
_refine.ls_number_reflns_R_free                  1092 
_refine.ls_number_reflns_R_work                  ? 
_refine.ls_number_restraints                     ? 
_refine.ls_percent_reflns_obs                    99.67 
_refine.ls_percent_reflns_R_free                 9.99 
_refine.ls_R_factor_all                          ? 
_refine.ls_R_factor_obs                          0.1847 
_refine.ls_R_factor_R_free                       0.2187 
_refine.ls_R_factor_R_free_error                 ? 
_refine.ls_R_factor_R_free_error_details         ? 
_refine.ls_R_factor_R_work                       0.1810 
_refine.ls_R_Fsqd_factor_obs                     ? 
_refine.ls_R_I_factor_obs                        ? 
_refine.ls_redundancy_reflns_all                 ? 
_refine.ls_redundancy_reflns_obs                 ? 
_refine.ls_restrained_S_all                      ? 
_refine.ls_restrained_S_obs                      ? 
_refine.ls_shift_over_esd_max                    ? 
_refine.ls_shift_over_esd_mean                   ? 
_refine.ls_structure_factor_coef                 ? 
_refine.ls_weighting_details                     ? 
_refine.ls_weighting_scheme                      ? 
_refine.ls_wR_factor_all                         ? 
_refine.ls_wR_factor_obs                         ? 
_refine.ls_wR_factor_R_free                      ? 
_refine.ls_wR_factor_R_work                      ? 
_refine.occupancy_max                            ? 
_refine.occupancy_min                            ? 
_refine.solvent_model_details                    'FLAT BULK SOLVENT MODEL' 
_refine.solvent_model_param_bsol                 ? 
_refine.solvent_model_param_ksol                 ? 
_refine.pdbx_R_complete                          ? 
_refine.ls_R_factor_gt                           ? 
_refine.ls_goodness_of_fit_gt                    ? 
_refine.ls_goodness_of_fit_ref                   ? 
_refine.ls_shift_over_su_max                     ? 
_refine.ls_shift_over_su_max_lt                  ? 
_refine.ls_shift_over_su_mean                    ? 
_refine.ls_shift_over_su_mean_lt                 ? 
_refine.pdbx_ls_sigma_I                          ? 
_refine.pdbx_ls_sigma_F                          1.41 
_refine.pdbx_ls_sigma_Fsqd                       ? 
_refine.pdbx_data_cutoff_high_absF               ? 
_refine.pdbx_data_cutoff_high_rms_absF           ? 
_refine.pdbx_data_cutoff_low_absF                ? 
_refine.pdbx_isotropic_thermal_model             ? 
_refine.pdbx_ls_cross_valid_method               THROUGHOUT 
_refine.pdbx_method_to_determine_struct          'MOLECULAR REPLACEMENT' 
_refine.pdbx_starting_model                      2bc5 
_refine.pdbx_stereochemistry_target_values       ML 
_refine.pdbx_R_Free_selection_details            ? 
_refine.pdbx_stereochem_target_val_spec_case     ? 
_refine.pdbx_overall_ESU_R                       ? 
_refine.pdbx_overall_ESU_R_Free                  ? 
_refine.pdbx_solvent_vdw_probe_radii             1.11 
_refine.pdbx_solvent_ion_probe_radii             ? 
_refine.pdbx_solvent_shrinkage_radii             0.90 
_refine.pdbx_real_space_R                        ? 
_refine.pdbx_density_correlation                 ? 
_refine.pdbx_pd_number_of_powder_patterns        ? 
_refine.pdbx_pd_number_of_points                 ? 
_refine.pdbx_pd_meas_number_of_points            ? 
_refine.pdbx_pd_proc_ls_prof_R_factor            ? 
_refine.pdbx_pd_proc_ls_prof_wR_factor           ? 
_refine.pdbx_pd_Marquardt_correlation_coeff      ? 
_refine.pdbx_pd_Fsqrd_R_factor                   ? 
_refine.pdbx_pd_ls_matrix_band_width             ? 
_refine.pdbx_overall_phase_error                 20.55 
_refine.pdbx_overall_SU_R_free_Cruickshank_DPI   ? 
_refine.pdbx_overall_SU_R_free_Blow_DPI          ? 
_refine.pdbx_overall_SU_R_Blow_DPI               ? 
_refine.pdbx_TLS_residual_ADP_flag               ? 
_refine.pdbx_diffrn_id                           1 
_refine.overall_SU_B                             ? 
_refine.overall_SU_ML                            0.22 
_refine.overall_SU_R_Cruickshank_DPI             ? 
_refine.overall_SU_R_free                        ? 
_refine.overall_FOM_free_R_set                   ? 
_refine.overall_FOM_work_R_set                   ? 
_refine.pdbx_average_fsc_overall                 ? 
_refine.pdbx_average_fsc_work                    ? 
_refine.pdbx_average_fsc_free                    ? 
# 
_refine_hist.pdbx_refine_id                   'X-RAY DIFFRACTION' 
_refine_hist.cycle_id                         LAST 
_refine_hist.details                          ? 
_refine_hist.d_res_high                       2.195 
_refine_hist.d_res_low                        35.7108 
_refine_hist.number_atoms_solvent             105 
_refine_hist.number_atoms_total               981 
_refine_hist.number_reflns_all                ? 
_refine_hist.number_reflns_obs                ? 
_refine_hist.number_reflns_R_free             ? 
_refine_hist.number_reflns_R_work             ? 
_refine_hist.R_factor_all                     ? 
_refine_hist.R_factor_obs                     ? 
_refine_hist.R_factor_R_free                  ? 
_refine_hist.R_factor_R_work                  ? 
_refine_hist.pdbx_number_residues_total       ? 
_refine_hist.pdbx_B_iso_mean_ligand           ? 
_refine_hist.pdbx_B_iso_mean_solvent          ? 
_refine_hist.pdbx_number_atoms_protein        824 
_refine_hist.pdbx_number_atoms_nucleic_acid   0 
_refine_hist.pdbx_number_atoms_ligand         52 
_refine_hist.pdbx_number_atoms_lipid          ? 
_refine_hist.pdbx_number_atoms_carb           ? 
_refine_hist.pdbx_pseudo_atom_details         ? 
# 
loop_
_refine_ls_restr.pdbx_refine_id 
_refine_ls_restr.criterion 
_refine_ls_restr.dev_ideal 
_refine_ls_restr.dev_ideal_target 
_refine_ls_restr.number 
_refine_ls_restr.rejects 
_refine_ls_restr.type 
_refine_ls_restr.weight 
_refine_ls_restr.pdbx_restraint_function 
'X-RAY DIFFRACTION' ? 0.008  ? 906  ? f_bond_d           ? ? 
'X-RAY DIFFRACTION' ? 0.858  ? 1235 ? f_angle_d          ? ? 
'X-RAY DIFFRACTION' ? 10.907 ? 768  ? f_dihedral_angle_d ? ? 
'X-RAY DIFFRACTION' ? 0.041  ? 127  ? f_chiral_restr     ? ? 
'X-RAY DIFFRACTION' ? 0.004  ? 161  ? f_plane_restr      ? ? 
# 
loop_
_refine_ls_shell.pdbx_refine_id 
_refine_ls_shell.d_res_high 
_refine_ls_shell.d_res_low 
_refine_ls_shell.number_reflns_all 
_refine_ls_shell.number_reflns_obs 
_refine_ls_shell.number_reflns_R_free 
_refine_ls_shell.number_reflns_R_work 
_refine_ls_shell.percent_reflns_obs 
_refine_ls_shell.percent_reflns_R_free 
_refine_ls_shell.R_factor_all 
_refine_ls_shell.R_factor_obs 
_refine_ls_shell.R_factor_R_free 
_refine_ls_shell.R_factor_R_free_error 
_refine_ls_shell.R_factor_R_work 
_refine_ls_shell.redundancy_reflns_all 
_refine_ls_shell.redundancy_reflns_obs 
_refine_ls_shell.wR_factor_all 
_refine_ls_shell.wR_factor_obs 
_refine_ls_shell.wR_factor_R_free 
_refine_ls_shell.wR_factor_R_work 
_refine_ls_shell.pdbx_R_complete 
_refine_ls_shell.pdbx_total_number_of_bins_used 
_refine_ls_shell.pdbx_phase_error 
_refine_ls_shell.pdbx_fsc_work 
_refine_ls_shell.pdbx_fsc_free 
'X-RAY DIFFRACTION' 2.1954 2.2953  . . 132 1200 98.00  . . . 0.2437 . 0.1828 . . . . . . . . . . . 
'X-RAY DIFFRACTION' 2.2953 2.4163  . . 134 1217 100.00 . . . 0.2605 . 0.1827 . . . . . . . . . . . 
'X-RAY DIFFRACTION' 2.4163 2.5676  . . 134 1208 100.00 . . . 0.2605 . 0.1787 . . . . . . . . . . . 
'X-RAY DIFFRACTION' 2.5676 2.7658  . . 137 1215 100.00 . . . 0.2312 . 0.1899 . . . . . . . . . . . 
'X-RAY DIFFRACTION' 2.7658 3.0440  . . 133 1230 100.00 . . . 0.2445 . 0.1930 . . . . . . . . . . . 
'X-RAY DIFFRACTION' 3.0440 3.4842  . . 136 1219 100.00 . . . 0.2092 . 0.1965 . . . . . . . . . . . 
'X-RAY DIFFRACTION' 3.4842 4.3884  . . 140 1246 100.00 . . . 0.1999 . 0.1716 . . . . . . . . . . . 
'X-RAY DIFFRACTION' 4.3884 35.7108 . . 146 1307 100.00 . . . 0.1960 . 0.1699 . . . . . . . . . . . 
# 
_struct.entry_id                     6WZC 
_struct.title                        'Ni-bound structure of an engineered protein trimer, TriCyt3' 
_struct.pdbx_model_details           ? 
_struct.pdbx_formula_weight          ? 
_struct.pdbx_formula_weight_method   ? 
_struct.pdbx_model_type_details      ? 
_struct.pdbx_CASP_flag               N 
# 
_struct_keywords.entry_id        6WZC 
_struct_keywords.text            'four-helix bundle, metalloprotein trimer, METAL BINDING PROTEIN' 
_struct_keywords.pdbx_keywords   'METAL BINDING PROTEIN' 
# 
loop_
_struct_asym.id 
_struct_asym.pdbx_blank_PDB_chainid_flag 
_struct_asym.pdbx_modified 
_struct_asym.entity_id 
_struct_asym.details 
A N N 1 ? 
B N N 2 ? 
C N N 3 ? 
D N N 3 ? 
E N N 4 ? 
F N N 4 ? 
G N N 4 ? 
H N N 4 ? 
I N N 5 ? 
J N N 5 ? 
K N N 5 ? 
L N N 6 ? 
# 
_struct_ref.id                         1 
_struct_ref.db_name                    UNP 
_struct_ref.db_code                    C562_ECOLX 
_struct_ref.pdbx_db_accession          P0ABE7 
_struct_ref.pdbx_db_isoform            ? 
_struct_ref.entity_id                  1 
_struct_ref.pdbx_seq_one_letter_code   
;ADLEDNMETLNDNLKVIEKADNAAQVKDALTKMRAAALDAQKATPPKLEDKSPDSPEMKDFRHGFDILVGQIDDALKLAN
EGKVKEAQAAAEQLKTTRNAYHQKYR
;
_struct_ref.pdbx_align_begin           23 
# 
_struct_ref_seq.align_id                      1 
_struct_ref_seq.ref_id                        1 
_struct_ref_seq.pdbx_PDB_id_code              6WZC 
_struct_ref_seq.pdbx_strand_id                A 
_struct_ref_seq.seq_align_beg                 1 
_struct_ref_seq.pdbx_seq_align_beg_ins_code   ? 
_struct_ref_seq.seq_align_end                 106 
_struct_ref_seq.pdbx_seq_align_end_ins_code   ? 
_struct_ref_seq.pdbx_db_accession             P0ABE7 
_struct_ref_seq.db_align_beg                  23 
_struct_ref_seq.pdbx_db_align_beg_ins_code    ? 
_struct_ref_seq.db_align_end                  128 
_struct_ref_seq.pdbx_db_align_end_ins_code    ? 
_struct_ref_seq.pdbx_auth_seq_align_beg       1 
_struct_ref_seq.pdbx_auth_seq_align_end       106 
# 
loop_
_struct_ref_seq_dif.align_id 
_struct_ref_seq_dif.pdbx_pdb_id_code 
_struct_ref_seq_dif.mon_id 
_struct_ref_seq_dif.pdbx_pdb_strand_id 
_struct_ref_seq_dif.seq_num 
_struct_ref_seq_dif.pdbx_pdb_ins_code 
_struct_ref_seq_dif.pdbx_seq_db_name 
_struct_ref_seq_dif.pdbx_seq_db_accession_code 
_struct_ref_seq_dif.db_mon_id 
_struct_ref_seq_dif.pdbx_seq_db_seq_num 
_struct_ref_seq_dif.details 
_struct_ref_seq_dif.pdbx_auth_seq_num 
_struct_ref_seq_dif.pdbx_ordinal 
1 6WZC LYS A 31  ? UNP P0ABE7 THR 53  'engineered mutation' 31  1  
1 6WZC LYS A 35  ? UNP P0ABE7 ALA 57  'engineered mutation' 35  2  
1 6WZC LYS A 41  ? UNP P0ABE7 GLN 63  'engineered mutation' 41  3  
1 6WZC ALA A 54  ? UNP P0ABE7 ASP 76  'engineered mutation' 54  4  
1 6WZC ILE A 59  ? UNP P0ABE7 LYS 81  'engineered mutation' 59  5  
1 6WZC VAL A 63  ? UNP P0ABE7 HIS 85  'engineered mutation' 63  6  
1 6WZC GLU A 67  ? UNP P0ABE7 ILE 89  'engineered mutation' 67  7  
1 6WZC ALA A 69  ? UNP P0ABE7 VAL 91  'engineered mutation' 69  8  
1 6WZC TRP A 70  ? UNP P0ABE7 GLY 92  'engineered mutation' 70  9  
1 6WZC GLU A 71  ? UNP P0ABE7 GLN 93  'engineered mutation' 71  10 
1 6WZC HIS A 73  ? UNP P0ABE7 ASP 95  'engineered mutation' 73  11 
1 6WZC ALA A 76  ? UNP P0ABE7 LEU 98  'engineered mutation' 76  12 
1 6WZC HIS A 77  ? UNP P0ABE7 LYS 99  'engineered mutation' 77  13 
1 6WZC LYS A 80  ? UNP P0ABE7 ASN 102 'engineered mutation' 80  14 
1 6WZC CYS A 98  ? UNP P0ABE7 ARG 120 'engineered mutation' 98  15 
1 6WZC CYS A 101 ? UNP P0ABE7 TYR 123 'engineered mutation' 101 16 
# 
_pdbx_struct_assembly.id                   1 
_pdbx_struct_assembly.details              author_and_software_defined_assembly 
_pdbx_struct_assembly.method_details       PISA 
_pdbx_struct_assembly.oligomeric_details   trimeric 
_pdbx_struct_assembly.oligomeric_count     3 
# 
loop_
_pdbx_struct_assembly_prop.biol_id 
_pdbx_struct_assembly_prop.type 
_pdbx_struct_assembly_prop.value 
_pdbx_struct_assembly_prop.details 
1 'ABSA (A^2)' 8240  ? 
1 MORE         -170  ? 
1 'SSA (A^2)'  15110 ? 
# 
_pdbx_struct_assembly_gen.assembly_id       1 
_pdbx_struct_assembly_gen.oper_expression   1,2,3 
_pdbx_struct_assembly_gen.asym_id_list      A,B,C,D,E,F,G,H,I,J,K,L 
# 
_pdbx_struct_assembly_auth_evidence.id                     1 
_pdbx_struct_assembly_auth_evidence.assembly_id            1 
_pdbx_struct_assembly_auth_evidence.experimental_support   none 
_pdbx_struct_assembly_auth_evidence.details                
'Oligomerization state was characterized via analytical ultracentrifugation (AUC)' 
# 
loop_
_pdbx_struct_oper_list.id 
_pdbx_struct_oper_list.type 
_pdbx_struct_oper_list.name 
_pdbx_struct_oper_list.symmetry_operation 
_pdbx_struct_oper_list.matrix[1][1] 
_pdbx_struct_oper_list.matrix[1][2] 
_pdbx_struct_oper_list.matrix[1][3] 
_pdbx_struct_oper_list.vector[1] 
_pdbx_struct_oper_list.matrix[2][1] 
_pdbx_struct_oper_list.matrix[2][2] 
_pdbx_struct_oper_list.matrix[2][3] 
_pdbx_struct_oper_list.vector[2] 
_pdbx_struct_oper_list.matrix[3][1] 
_pdbx_struct_oper_list.matrix[3][2] 
_pdbx_struct_oper_list.matrix[3][3] 
_pdbx_struct_oper_list.vector[3] 
1 'identity operation'         1_555 x,y,z       1.0000000000 0.0000000000 0.0000000000  0.0000000000   0.0000000000 1.0000000000 0.0000000000  0.0000000000   0.0000000000  0.0000000000  1.0000000000  0.0000000000   
2 'crystal symmetry operation' 2_565 -y,x-y+1,z  0.0416432423 0.9915395349 0.1229438537  -3.5867111467  0.1624857411 0.1146916613 -0.9800225542 -10.8844119129 -0.9858317424 0.0607879399  -0.1563349035 -19.0596280083 
3 'crystal symmetry operation' 3_455 -x+y-1,-x,z 0.0416432423 0.1624857411 -0.9858317424 -16.8716622702 0.9915395349 0.1146916613 0.0607879399  5.9633127066   0.1229438537  -0.9800225542 -0.1563349035 -13.2056901794 
# 
loop_
_struct_conf.conf_type_id 
_struct_conf.id 
_struct_conf.pdbx_PDB_helix_id 
_struct_conf.beg_label_comp_id 
_struct_conf.beg_label_asym_id 
_struct_conf.beg_label_seq_id 
_struct_conf.pdbx_beg_PDB_ins_code 
_struct_conf.end_label_comp_id 
_struct_conf.end_label_asym_id 
_struct_conf.end_label_seq_id 
_struct_conf.pdbx_end_PDB_ins_code 
_struct_conf.beg_auth_comp_id 
_struct_conf.beg_auth_asym_id 
_struct_conf.beg_auth_seq_id 
_struct_conf.end_auth_comp_id 
_struct_conf.end_auth_asym_id 
_struct_conf.end_auth_seq_id 
_struct_conf.pdbx_PDB_helix_class 
_struct_conf.details 
_struct_conf.pdbx_PDB_helix_length 
HELX_P HELX_P1 AA1 ASP A 2  ? LYS A 19  ? ASP A 2  LYS A 19  1 ? 18 
HELX_P HELX_P2 AA2 ASN A 22 ? LYS A 41  ? ASN A 22 LYS A 41  1 ? 20 
HELX_P HELX_P3 AA3 PRO A 45 ? GLU A 49  ? PRO A 45 GLU A 49  5 ? 5  
HELX_P HELX_P4 AA4 SER A 55 ? GLU A 81  ? SER A 55 GLU A 81  1 ? 27 
HELX_P HELX_P5 AA5 LYS A 83 ? LEU A 94  ? LYS A 83 LEU A 94  1 ? 12 
HELX_P HELX_P6 AA6 LEU A 94 ? ARG A 106 ? LEU A 94 ARG A 106 1 ? 13 
# 
_struct_conf_type.id          HELX_P 
_struct_conf_type.criteria    ? 
_struct_conf_type.reference   ? 
# 
loop_
_struct_conn.id 
_struct_conn.conn_type_id 
_struct_conn.pdbx_leaving_atom_flag 
_struct_conn.pdbx_PDB_id 
_struct_conn.ptnr1_label_asym_id 
_struct_conn.ptnr1_label_comp_id 
_struct_conn.ptnr1_label_seq_id 
_struct_conn.ptnr1_label_atom_id 
_struct_conn.pdbx_ptnr1_label_alt_id 
_struct_conn.pdbx_ptnr1_PDB_ins_code 
_struct_conn.pdbx_ptnr1_standard_comp_id 
_struct_conn.ptnr1_symmetry 
_struct_conn.ptnr2_label_asym_id 
_struct_conn.ptnr2_label_comp_id 
_struct_conn.ptnr2_label_seq_id 
_struct_conn.ptnr2_label_atom_id 
_struct_conn.pdbx_ptnr2_label_alt_id 
_struct_conn.pdbx_ptnr2_PDB_ins_code 
_struct_conn.ptnr1_auth_asym_id 
_struct_conn.ptnr1_auth_comp_id 
_struct_conn.ptnr1_auth_seq_id 
_struct_conn.ptnr2_auth_asym_id 
_struct_conn.ptnr2_auth_comp_id 
_struct_conn.ptnr2_auth_seq_id 
_struct_conn.ptnr2_symmetry 
_struct_conn.pdbx_ptnr3_label_atom_id 
_struct_conn.pdbx_ptnr3_label_seq_id 
_struct_conn.pdbx_ptnr3_label_comp_id 
_struct_conn.pdbx_ptnr3_label_asym_id 
_struct_conn.pdbx_ptnr3_label_alt_id 
_struct_conn.pdbx_ptnr3_PDB_ins_code 
_struct_conn.details 
_struct_conn.pdbx_dist_value 
_struct_conn.pdbx_value_order 
_struct_conn.pdbx_role 
covale1  covale none ? A CYS 98  SG  ? ? ? 1_555 B HEC . CAB ? ? A CYS 98  A HEC 201 1_555 ? ? ? ? ? ? ? 1.775 ? ? 
covale2  covale none ? A CYS 101 SG  ? ? ? 1_555 B HEC . CAC ? ? A CYS 101 A HEC 201 1_555 ? ? ? ? ? ? ? 1.773 ? ? 
metalc1  metalc ?    ? A ALA 1   N   ? ? ? 1_555 C NI  . NI  ? ? A ALA 1   A NI  202 1_555 ? ? ? ? ? ? ? 1.994 ? ? 
metalc2  metalc ?    ? A ALA 1   O   ? ? ? 1_555 C NI  . NI  ? ? A ALA 1   A NI  202 1_555 ? ? ? ? ? ? ? 2.108 ? ? 
metalc3  metalc ?    ? A GLU 4   OE1 ? ? ? 1_555 G CA  . CA  ? ? A GLU 4   A CA  206 1_555 ? ? ? ? ? ? ? 2.525 ? ? 
metalc4  metalc ?    ? A GLU 4   OE2 ? ? ? 1_555 G CA  . CA  ? ? A GLU 4   A CA  206 1_555 ? ? ? ? ? ? ? 3.183 ? ? 
metalc5  metalc ?    ? A GLU 4   OE1 ? ? ? 1_555 H CA  . CA  ? ? A GLU 4   A CA  207 1_555 ? ? ? ? ? ? ? 2.525 ? ? 
metalc6  metalc ?    ? A GLU 4   OE1 ? ? ? 1_555 H CA  . CA  ? ? A GLU 4   A CA  207 6_556 ? ? ? ? ? ? ? 2.525 ? ? 
metalc7  metalc ?    ? A MET 7   SD  ? ? ? 1_555 B HEC . FE  ? ? A MET 7   A HEC 201 1_555 ? ? ? ? ? ? ? 2.427 ? ? 
metalc8  metalc ?    ? A GLU 8   OE1 ? ? ? 1_555 G CA  . CA  ? ? A GLU 8   A CA  206 6_556 ? ? ? ? ? ? ? 2.437 ? ? 
metalc9  metalc ?    ? A LYS 19  O   ? ? ? 1_555 E CA  . CA  ? ? A LYS 19  A CA  204 1_555 ? ? ? ? ? ? ? 2.456 ? ? 
metalc10 metalc ?    ? A LYS 19  O   ? ? ? 1_555 E CA  . CA  ? ? A LYS 19  A CA  204 6_555 ? ? ? ? ? ? ? 2.456 ? ? 
metalc11 metalc ?    ? A ALA 20  O   ? ? ? 1_555 F CA  . CA  ? ? A ALA 20  A CA  205 6_555 ? ? ? ? ? ? ? 2.835 ? ? 
metalc12 metalc ?    ? A ASP 21  OD1 ? ? ? 1_555 E CA  . CA  ? ? A ASP 21  A CA  204 1_555 ? ? ? ? ? ? ? 2.381 ? ? 
metalc13 metalc ?    ? A ASP 21  OD1 ? ? ? 1_555 E CA  . CA  ? ? A ASP 21  A CA  204 6_555 ? ? ? ? ? ? ? 2.381 ? ? 
metalc14 metalc ?    ? A ASP 21  OD1 ? ? ? 1_555 F CA  . CA  ? ? A ASP 21  A CA  205 6_555 ? ? ? ? ? ? ? 3.055 ? ? 
metalc15 metalc ?    ? A ASP 39  OD2 ? ? ? 1_555 C NI  . NI  ? ? A ASP 39  A NI  202 1_555 ? ? ? ? ? ? ? 2.249 ? ? 
metalc16 metalc ?    ? A HIS 73  NE2 ? ? ? 1_555 D NI  . NI  ? ? A HIS 73  A NI  203 1_555 ? ? ? ? ? ? ? 2.083 ? ? 
metalc17 metalc ?    ? A HIS 73  NE2 ? ? ? 1_555 D NI  . NI  ? ? A HIS 73  A NI  203 2_565 ? ? ? ? ? ? ? 2.083 ? ? 
metalc18 metalc ?    ? A HIS 77  NE2 ? ? ? 1_555 D NI  . NI  ? ? A HIS 77  A NI  203 1_555 ? ? ? ? ? ? ? 2.236 ? ? 
metalc19 metalc ?    ? A HIS 77  NE2 ? ? ? 1_555 D NI  . NI  ? ? A HIS 77  A NI  203 2_565 ? ? ? ? ? ? ? 2.236 ? ? 
metalc20 metalc ?    ? A HIS 102 NE2 ? ? ? 1_555 B HEC . FE  ? ? A HIS 102 A HEC 201 1_555 ? ? ? ? ? ? ? 2.211 ? ? 
metalc21 metalc ?    ? B HEC .   O1A ? ? ? 1_555 H CA  . CA  ? ? A HEC 201 A CA  207 1_555 ? ? ? ? ? ? ? 2.468 ? ? 
metalc22 metalc ?    ? B HEC .   O2A ? ? ? 1_555 H CA  . CA  ? ? A HEC 201 A CA  207 1_555 ? ? ? ? ? ? ? 2.545 ? ? 
metalc23 metalc ?    ? B HEC .   O1A ? ? ? 1_555 H CA  . CA  ? ? A HEC 201 A CA  207 6_556 ? ? ? ? ? ? ? 2.468 ? ? 
metalc24 metalc ?    ? B HEC .   O2A ? ? ? 1_555 H CA  . CA  ? ? A HEC 201 A CA  207 6_556 ? ? ? ? ? ? ? 2.545 ? ? 
metalc25 metalc ?    ? C NI  .   NI  ? ? ? 1_555 L HOH . O   ? ? A NI  202 A HOH 320 1_555 ? ? ? ? ? ? ? 2.184 ? ? 
metalc26 metalc ?    ? C NI  .   NI  ? ? ? 1_555 L HOH . O   ? ? A NI  202 A HOH 360 1_555 ? ? ? ? ? ? ? 2.231 ? ? 
metalc27 metalc ?    ? C NI  .   NI  ? ? ? 1_555 L HOH . O   ? ? A NI  202 A HOH 361 1_555 ? ? ? ? ? ? ? 2.051 ? ? 
metalc28 metalc ?    ? E CA  .   CA  ? ? ? 1_555 L HOH . O   ? ? A CA  204 A HOH 363 1_555 ? ? ? ? ? ? ? 2.311 ? ? 
metalc29 metalc ?    ? E CA  .   CA  ? ? ? 1_555 L HOH . O   ? ? A CA  204 A HOH 363 6_555 ? ? ? ? ? ? ? 2.311 ? ? 
metalc30 metalc ?    ? F CA  .   CA  ? ? ? 1_555 L HOH . O   ? ? A CA  205 A HOH 385 6_555 ? ? ? ? ? ? ? 2.541 ? ? 
metalc31 metalc ?    ? G CA  .   CA  ? ? ? 1_555 L HOH . O   ? ? A CA  206 A HOH 379 1_555 ? ? ? ? ? ? ? 2.762 ? ? 
# 
loop_
_struct_conn_type.id 
_struct_conn_type.criteria 
_struct_conn_type.reference 
covale ? ? 
metalc ? ? 
# 
loop_
_pdbx_struct_conn_angle.id 
_pdbx_struct_conn_angle.ptnr1_label_atom_id 
_pdbx_struct_conn_angle.ptnr1_label_alt_id 
_pdbx_struct_conn_angle.ptnr1_label_asym_id 
_pdbx_struct_conn_angle.ptnr1_label_comp_id 
_pdbx_struct_conn_angle.ptnr1_label_seq_id 
_pdbx_struct_conn_angle.ptnr1_auth_atom_id 
_pdbx_struct_conn_angle.ptnr1_auth_asym_id 
_pdbx_struct_conn_angle.ptnr1_auth_comp_id 
_pdbx_struct_conn_angle.ptnr1_auth_seq_id 
_pdbx_struct_conn_angle.ptnr1_PDB_ins_code 
_pdbx_struct_conn_angle.ptnr1_symmetry 
_pdbx_struct_conn_angle.ptnr2_label_atom_id 
_pdbx_struct_conn_angle.ptnr2_label_alt_id 
_pdbx_struct_conn_angle.ptnr2_label_asym_id 
_pdbx_struct_conn_angle.ptnr2_label_comp_id 
_pdbx_struct_conn_angle.ptnr2_label_seq_id 
_pdbx_struct_conn_angle.ptnr2_auth_atom_id 
_pdbx_struct_conn_angle.ptnr2_auth_asym_id 
_pdbx_struct_conn_angle.ptnr2_auth_comp_id 
_pdbx_struct_conn_angle.ptnr2_auth_seq_id 
_pdbx_struct_conn_angle.ptnr2_PDB_ins_code 
_pdbx_struct_conn_angle.ptnr2_symmetry 
_pdbx_struct_conn_angle.ptnr3_label_atom_id 
_pdbx_struct_conn_angle.ptnr3_label_alt_id 
_pdbx_struct_conn_angle.ptnr3_label_asym_id 
_pdbx_struct_conn_angle.ptnr3_label_comp_id 
_pdbx_struct_conn_angle.ptnr3_label_seq_id 
_pdbx_struct_conn_angle.ptnr3_auth_atom_id 
_pdbx_struct_conn_angle.ptnr3_auth_asym_id 
_pdbx_struct_conn_angle.ptnr3_auth_comp_id 
_pdbx_struct_conn_angle.ptnr3_auth_seq_id 
_pdbx_struct_conn_angle.ptnr3_PDB_ins_code 
_pdbx_struct_conn_angle.ptnr3_symmetry 
_pdbx_struct_conn_angle.value 
_pdbx_struct_conn_angle.value_esd 
1  N   ? A ALA 1  ? A ALA 1   ? 1_555 NI ? C NI  . ? A NI  202 ? 1_555 O   ? A ALA 1   ? A ALA 1   ? 1_555 83.5  ? 
2  N   ? A ALA 1  ? A ALA 1   ? 1_555 NI ? C NI  . ? A NI  202 ? 1_555 OD2 ? A ASP 39  ? A ASP 39  ? 1_555 88.1  ? 
3  O   ? A ALA 1  ? A ALA 1   ? 1_555 NI ? C NI  . ? A NI  202 ? 1_555 OD2 ? A ASP 39  ? A ASP 39  ? 1_555 88.2  ? 
4  N   ? A ALA 1  ? A ALA 1   ? 1_555 NI ? C NI  . ? A NI  202 ? 1_555 O   ? L HOH .   ? A HOH 320 ? 1_555 101.2 ? 
5  O   ? A ALA 1  ? A ALA 1   ? 1_555 NI ? C NI  . ? A NI  202 ? 1_555 O   ? L HOH .   ? A HOH 320 ? 1_555 171.8 ? 
6  OD2 ? A ASP 39 ? A ASP 39  ? 1_555 NI ? C NI  . ? A NI  202 ? 1_555 O   ? L HOH .   ? A HOH 320 ? 1_555 98.6  ? 
7  N   ? A ALA 1  ? A ALA 1   ? 1_555 NI ? C NI  . ? A NI  202 ? 1_555 O   ? L HOH .   ? A HOH 360 ? 1_555 98.8  ? 
8  O   ? A ALA 1  ? A ALA 1   ? 1_555 NI ? C NI  . ? A NI  202 ? 1_555 O   ? L HOH .   ? A HOH 360 ? 1_555 83.6  ? 
9  OD2 ? A ASP 39 ? A ASP 39  ? 1_555 NI ? C NI  . ? A NI  202 ? 1_555 O   ? L HOH .   ? A HOH 360 ? 1_555 168.5 ? 
10 O   ? L HOH .  ? A HOH 320 ? 1_555 NI ? C NI  . ? A NI  202 ? 1_555 O   ? L HOH .   ? A HOH 360 ? 1_555 89.0  ? 
11 N   ? A ALA 1  ? A ALA 1   ? 1_555 NI ? C NI  . ? A NI  202 ? 1_555 O   ? L HOH .   ? A HOH 361 ? 1_555 171.6 ? 
12 O   ? A ALA 1  ? A ALA 1   ? 1_555 NI ? C NI  . ? A NI  202 ? 1_555 O   ? L HOH .   ? A HOH 361 ? 1_555 88.2  ? 
13 OD2 ? A ASP 39 ? A ASP 39  ? 1_555 NI ? C NI  . ? A NI  202 ? 1_555 O   ? L HOH .   ? A HOH 361 ? 1_555 90.2  ? 
14 O   ? L HOH .  ? A HOH 320 ? 1_555 NI ? C NI  . ? A NI  202 ? 1_555 O   ? L HOH .   ? A HOH 361 ? 1_555 87.2  ? 
15 O   ? L HOH .  ? A HOH 360 ? 1_555 NI ? C NI  . ? A NI  202 ? 1_555 O   ? L HOH .   ? A HOH 361 ? 1_555 81.6  ? 
16 OE1 ? A GLU 4  ? A GLU 4   ? 1_555 CA ? G CA  . ? A CA  206 ? 1_555 OE2 ? A GLU 4   ? A GLU 4   ? 1_555 43.7  ? 
17 OE1 ? A GLU 4  ? A GLU 4   ? 1_555 CA ? G CA  . ? A CA  206 ? 1_555 OE1 ? A GLU 8   ? A GLU 8   ? 1_555 28.0  ? 
18 OE2 ? A GLU 4  ? A GLU 4   ? 1_555 CA ? G CA  . ? A CA  206 ? 1_555 OE1 ? A GLU 8   ? A GLU 8   ? 1_555 70.6  ? 
19 OE1 ? A GLU 4  ? A GLU 4   ? 1_555 CA ? G CA  . ? A CA  206 ? 1_555 O   ? L HOH .   ? A HOH 379 ? 1_555 74.3  ? 
20 OE2 ? A GLU 4  ? A GLU 4   ? 1_555 CA ? G CA  . ? A CA  206 ? 1_555 O   ? L HOH .   ? A HOH 379 ? 1_555 76.7  ? 
21 OE1 ? A GLU 8  ? A GLU 8   ? 1_555 CA ? G CA  . ? A CA  206 ? 1_555 O   ? L HOH .   ? A HOH 379 ? 1_555 85.9  ? 
22 OE1 ? A GLU 4  ? A GLU 4   ? 1_555 CA ? H CA  . ? A CA  207 ? 1_555 OE1 ? A GLU 4   ? A GLU 4   ? 1_555 0.0   ? 
23 OE1 ? A GLU 4  ? A GLU 4   ? 1_555 CA ? H CA  . ? A CA  207 ? 1_555 O1A ? B HEC .   ? A HEC 201 ? 1_555 109.5 ? 
24 OE1 ? A GLU 4  ? A GLU 4   ? 1_555 CA ? H CA  . ? A CA  207 ? 1_555 O1A ? B HEC .   ? A HEC 201 ? 1_555 109.5 ? 
25 OE1 ? A GLU 4  ? A GLU 4   ? 1_555 CA ? H CA  . ? A CA  207 ? 1_555 O2A ? B HEC .   ? A HEC 201 ? 1_555 95.3  ? 
26 OE1 ? A GLU 4  ? A GLU 4   ? 1_555 CA ? H CA  . ? A CA  207 ? 1_555 O2A ? B HEC .   ? A HEC 201 ? 1_555 95.3  ? 
27 O1A ? B HEC .  ? A HEC 201 ? 1_555 CA ? H CA  . ? A CA  207 ? 1_555 O2A ? B HEC .   ? A HEC 201 ? 1_555 52.4  ? 
28 OE1 ? A GLU 4  ? A GLU 4   ? 1_555 CA ? H CA  . ? A CA  207 ? 1_555 O1A ? B HEC .   ? A HEC 201 ? 1_555 109.5 ? 
29 OE1 ? A GLU 4  ? A GLU 4   ? 1_555 CA ? H CA  . ? A CA  207 ? 1_555 O1A ? B HEC .   ? A HEC 201 ? 1_555 109.5 ? 
30 O1A ? B HEC .  ? A HEC 201 ? 1_555 CA ? H CA  . ? A CA  207 ? 1_555 O1A ? B HEC .   ? A HEC 201 ? 1_555 0.0   ? 
31 O2A ? B HEC .  ? A HEC 201 ? 1_555 CA ? H CA  . ? A CA  207 ? 1_555 O1A ? B HEC .   ? A HEC 201 ? 1_555 52.4  ? 
32 OE1 ? A GLU 4  ? A GLU 4   ? 1_555 CA ? H CA  . ? A CA  207 ? 1_555 O2A ? B HEC .   ? A HEC 201 ? 1_555 95.3  ? 
33 OE1 ? A GLU 4  ? A GLU 4   ? 1_555 CA ? H CA  . ? A CA  207 ? 1_555 O2A ? B HEC .   ? A HEC 201 ? 1_555 95.3  ? 
34 O1A ? B HEC .  ? A HEC 201 ? 1_555 CA ? H CA  . ? A CA  207 ? 1_555 O2A ? B HEC .   ? A HEC 201 ? 1_555 52.4  ? 
35 O2A ? B HEC .  ? A HEC 201 ? 1_555 CA ? H CA  . ? A CA  207 ? 1_555 O2A ? B HEC .   ? A HEC 201 ? 1_555 0.0   ? 
36 O1A ? B HEC .  ? A HEC 201 ? 1_555 CA ? H CA  . ? A CA  207 ? 1_555 O2A ? B HEC .   ? A HEC 201 ? 1_555 52.4  ? 
37 SD  ? A MET 7  ? A MET 7   ? 1_555 FE ? B HEC . ? A HEC 201 ? 1_555 NA  ? B HEC .   ? A HEC 201 ? 1_555 88.5  ? 
38 SD  ? A MET 7  ? A MET 7   ? 1_555 FE ? B HEC . ? A HEC 201 ? 1_555 NB  ? B HEC .   ? A HEC 201 ? 1_555 85.7  ? 
39 NA  ? B HEC .  ? A HEC 201 ? 1_555 FE ? B HEC . ? A HEC 201 ? 1_555 NB  ? B HEC .   ? A HEC 201 ? 1_555 88.7  ? 
40 SD  ? A MET 7  ? A MET 7   ? 1_555 FE ? B HEC . ? A HEC 201 ? 1_555 NC  ? B HEC .   ? A HEC 201 ? 1_555 91.4  ? 
41 NA  ? B HEC .  ? A HEC 201 ? 1_555 FE ? B HEC . ? A HEC 201 ? 1_555 NC  ? B HEC .   ? A HEC 201 ? 1_555 179.4 ? 
42 NB  ? B HEC .  ? A HEC 201 ? 1_555 FE ? B HEC . ? A HEC 201 ? 1_555 NC  ? B HEC .   ? A HEC 201 ? 1_555 90.8  ? 
43 SD  ? A MET 7  ? A MET 7   ? 1_555 FE ? B HEC . ? A HEC 201 ? 1_555 ND  ? B HEC .   ? A HEC 201 ? 1_555 94.4  ? 
44 NA  ? B HEC .  ? A HEC 201 ? 1_555 FE ? B HEC . ? A HEC 201 ? 1_555 ND  ? B HEC .   ? A HEC 201 ? 1_555 91.4  ? 
45 NB  ? B HEC .  ? A HEC 201 ? 1_555 FE ? B HEC . ? A HEC 201 ? 1_555 ND  ? B HEC .   ? A HEC 201 ? 1_555 179.9 ? 
46 NC  ? B HEC .  ? A HEC 201 ? 1_555 FE ? B HEC . ? A HEC 201 ? 1_555 ND  ? B HEC .   ? A HEC 201 ? 1_555 89.2  ? 
47 SD  ? A MET 7  ? A MET 7   ? 1_555 FE ? B HEC . ? A HEC 201 ? 1_555 NE2 ? A HIS 102 ? A HIS 102 ? 1_555 169.5 ? 
48 NA  ? B HEC .  ? A HEC 201 ? 1_555 FE ? B HEC . ? A HEC 201 ? 1_555 NE2 ? A HIS 102 ? A HIS 102 ? 1_555 89.2  ? 
49 NB  ? B HEC .  ? A HEC 201 ? 1_555 FE ? B HEC . ? A HEC 201 ? 1_555 NE2 ? A HIS 102 ? A HIS 102 ? 1_555 83.9  ? 
50 NC  ? B HEC .  ? A HEC 201 ? 1_555 FE ? B HEC . ? A HEC 201 ? 1_555 NE2 ? A HIS 102 ? A HIS 102 ? 1_555 90.8  ? 
51 ND  ? B HEC .  ? A HEC 201 ? 1_555 FE ? B HEC . ? A HEC 201 ? 1_555 NE2 ? A HIS 102 ? A HIS 102 ? 1_555 95.9  ? 
52 O   ? A LYS 19 ? A LYS 19  ? 1_555 CA ? E CA  . ? A CA  204 ? 1_555 O   ? A LYS 19  ? A LYS 19  ? 1_555 0.0   ? 
53 O   ? A LYS 19 ? A LYS 19  ? 1_555 CA ? E CA  . ? A CA  204 ? 1_555 OD1 ? A ASP 21  ? A ASP 21  ? 1_555 88.0  ? 
54 O   ? A LYS 19 ? A LYS 19  ? 1_555 CA ? E CA  . ? A CA  204 ? 1_555 OD1 ? A ASP 21  ? A ASP 21  ? 1_555 88.0  ? 
55 O   ? A LYS 19 ? A LYS 19  ? 1_555 CA ? E CA  . ? A CA  204 ? 1_555 OD1 ? A ASP 21  ? A ASP 21  ? 1_555 88.0  ? 
56 O   ? A LYS 19 ? A LYS 19  ? 1_555 CA ? E CA  . ? A CA  204 ? 1_555 OD1 ? A ASP 21  ? A ASP 21  ? 1_555 88.0  ? 
57 OD1 ? A ASP 21 ? A ASP 21  ? 1_555 CA ? E CA  . ? A CA  204 ? 1_555 OD1 ? A ASP 21  ? A ASP 21  ? 1_555 0.0   ? 
58 O   ? A LYS 19 ? A LYS 19  ? 1_555 CA ? E CA  . ? A CA  204 ? 1_555 O   ? L HOH .   ? A HOH 363 ? 1_555 94.6  ? 
59 O   ? A LYS 19 ? A LYS 19  ? 1_555 CA ? E CA  . ? A CA  204 ? 1_555 O   ? L HOH .   ? A HOH 363 ? 1_555 94.6  ? 
60 OD1 ? A ASP 21 ? A ASP 21  ? 1_555 CA ? E CA  . ? A CA  204 ? 1_555 O   ? L HOH .   ? A HOH 363 ? 1_555 80.0  ? 
61 OD1 ? A ASP 21 ? A ASP 21  ? 1_555 CA ? E CA  . ? A CA  204 ? 1_555 O   ? L HOH .   ? A HOH 363 ? 1_555 80.0  ? 
62 O   ? A LYS 19 ? A LYS 19  ? 1_555 CA ? E CA  . ? A CA  204 ? 1_555 O   ? L HOH .   ? A HOH 363 ? 6_555 94.5  ? 
63 O   ? A LYS 19 ? A LYS 19  ? 1_555 CA ? E CA  . ? A CA  204 ? 1_555 O   ? L HOH .   ? A HOH 363 ? 6_555 94.5  ? 
64 OD1 ? A ASP 21 ? A ASP 21  ? 1_555 CA ? E CA  . ? A CA  204 ? 1_555 O   ? L HOH .   ? A HOH 363 ? 6_555 80.0  ? 
65 OD1 ? A ASP 21 ? A ASP 21  ? 1_555 CA ? E CA  . ? A CA  204 ? 1_555 O   ? L HOH .   ? A HOH 363 ? 6_555 80.0  ? 
66 O   ? L HOH .  ? A HOH 363 ? 1_555 CA ? E CA  . ? A CA  204 ? 1_555 O   ? L HOH .   ? A HOH 363 ? 6_555 0.0   ? 
67 O   ? A ALA 20 ? A ALA 20  ? 1_555 CA ? F CA  . ? A CA  205 ? 6_555 OD1 ? A ASP 21  ? A ASP 21  ? 1_555 72.7  ? 
68 O   ? A ALA 20 ? A ALA 20  ? 1_555 CA ? F CA  . ? A CA  205 ? 6_555 O   ? L HOH .   ? A HOH 385 ? 6_555 129.6 ? 
69 OD1 ? A ASP 21 ? A ASP 21  ? 1_555 CA ? F CA  . ? A CA  205 ? 6_555 O   ? L HOH .   ? A HOH 385 ? 6_555 149.3 ? 
70 NE2 ? A HIS 73 ? A HIS 73  ? 1_555 NI ? D NI  . ? A NI  203 ? 1_555 NE2 ? A HIS 73  ? A HIS 73  ? 1_555 0.0   ? 
71 NE2 ? A HIS 73 ? A HIS 73  ? 1_555 NI ? D NI  . ? A NI  203 ? 1_555 NE2 ? A HIS 77  ? A HIS 77  ? 1_555 79.1  ? 
72 NE2 ? A HIS 73 ? A HIS 73  ? 1_555 NI ? D NI  . ? A NI  203 ? 1_555 NE2 ? A HIS 77  ? A HIS 77  ? 1_555 79.1  ? 
73 NE2 ? A HIS 73 ? A HIS 73  ? 1_555 NI ? D NI  . ? A NI  203 ? 1_555 NE2 ? A HIS 77  ? A HIS 77  ? 1_555 79.1  ? 
74 NE2 ? A HIS 73 ? A HIS 73  ? 1_555 NI ? D NI  . ? A NI  203 ? 1_555 NE2 ? A HIS 77  ? A HIS 77  ? 1_555 79.1  ? 
75 NE2 ? A HIS 77 ? A HIS 77  ? 1_555 NI ? D NI  . ? A NI  203 ? 1_555 NE2 ? A HIS 77  ? A HIS 77  ? 1_555 0.0   ? 
# 
loop_
_pdbx_modification_feature.ordinal 
_pdbx_modification_feature.label_comp_id 
_pdbx_modification_feature.label_asym_id 
_pdbx_modification_feature.label_seq_id 
_pdbx_modification_feature.label_alt_id 
_pdbx_modification_feature.modified_residue_label_comp_id 
_pdbx_modification_feature.modified_residue_label_asym_id 
_pdbx_modification_feature.modified_residue_label_seq_id 
_pdbx_modification_feature.modified_residue_label_alt_id 
_pdbx_modification_feature.auth_comp_id 
_pdbx_modification_feature.auth_asym_id 
_pdbx_modification_feature.auth_seq_id 
_pdbx_modification_feature.PDB_ins_code 
_pdbx_modification_feature.symmetry 
_pdbx_modification_feature.modified_residue_auth_comp_id 
_pdbx_modification_feature.modified_residue_auth_asym_id 
_pdbx_modification_feature.modified_residue_auth_seq_id 
_pdbx_modification_feature.modified_residue_PDB_ins_code 
_pdbx_modification_feature.modified_residue_symmetry 
_pdbx_modification_feature.comp_id_linking_atom 
_pdbx_modification_feature.modified_residue_id_linking_atom 
_pdbx_modification_feature.modified_residue_id 
_pdbx_modification_feature.ref_pcm_id 
_pdbx_modification_feature.ref_comp_id 
_pdbx_modification_feature.type 
_pdbx_modification_feature.category 
1 HEC B . ? CYS A 98  ? HEC A 201 ? 1_555 CYS A 98  ? 1_555 CAB SG CYS 2 HEC None Heme/heme-like 
2 HEC B . ? CYS A 101 ? HEC A 201 ? 1_555 CYS A 101 ? 1_555 CAC SG CYS 3 HEC None Heme/heme-like 
# 
loop_
_struct_site.id 
_struct_site.pdbx_evidence_code 
_struct_site.pdbx_auth_asym_id 
_struct_site.pdbx_auth_comp_id 
_struct_site.pdbx_auth_seq_id 
_struct_site.pdbx_auth_ins_code 
_struct_site.pdbx_num_residues 
_struct_site.details 
AC1 Software A HEC 201 ? 17 'binding site for residue HEC A 201' 
AC2 Software A NI  202 ? 5  'binding site for residue NI A 202'  
AC3 Software A NI  203 ? 6  'binding site for residue NI A 203'  
AC4 Software A CA  204 ? 8  'binding site for residue CA A 204'  
AC5 Software A CA  205 ? 7  'binding site for residue CA A 205'  
AC6 Software A CA  206 ? 6  'binding site for residue CA A 206'  
AC7 Software A CA  207 ? 6  'binding site for residue CA A 207'  
AC8 Software A CL  208 ? 3  'binding site for residue CL A 208'  
AC9 Software A CL  209 ? 6  'binding site for residue CL A 209'  
AD1 Software A CL  210 ? 3  'binding site for residue CL A 210'  
# 
loop_
_struct_site_gen.id 
_struct_site_gen.site_id 
_struct_site_gen.pdbx_num_res 
_struct_site_gen.label_comp_id 
_struct_site_gen.label_asym_id 
_struct_site_gen.label_seq_id 
_struct_site_gen.pdbx_auth_ins_code 
_struct_site_gen.auth_comp_id 
_struct_site_gen.auth_asym_id 
_struct_site_gen.auth_seq_id 
_struct_site_gen.label_atom_id 
_struct_site_gen.label_alt_id 
_struct_site_gen.symmetry 
_struct_site_gen.details 
1  AC1 17 GLU A 4   ? GLU A 4   . ? 1_555 ? 
2  AC1 17 MET A 7   ? MET A 7   . ? 1_555 ? 
3  AC1 17 GLU A 8   ? GLU A 8   . ? 1_555 ? 
4  AC1 17 LEU A 14  ? LEU A 14  . ? 1_555 ? 
5  AC1 17 PRO A 45  ? PRO A 45  . ? 1_555 ? 
6  AC1 17 PHE A 61  ? PHE A 61  . ? 1_555 ? 
7  AC1 17 PHE A 65  ? PHE A 65  . ? 1_555 ? 
8  AC1 17 CYS A 98  ? CYS A 98  . ? 1_555 ? 
9  AC1 17 CYS A 101 ? CYS A 101 . ? 1_555 ? 
10 AC1 17 HIS A 102 ? HIS A 102 . ? 1_555 ? 
11 AC1 17 ARG A 106 ? ARG A 106 . ? 1_555 ? 
12 AC1 17 CA  G .   ? CA  A 206 . ? 6_556 ? 
13 AC1 17 CA  H .   ? CA  A 207 . ? 6_556 ? 
14 AC1 17 CA  H .   ? CA  A 207 . ? 1_555 ? 
15 AC1 17 HOH L .   ? HOH A 311 . ? 1_555 ? 
16 AC1 17 HOH L .   ? HOH A 313 . ? 1_555 ? 
17 AC1 17 HOH L .   ? HOH A 318 . ? 1_555 ? 
18 AC2 5  ALA A 1   ? ALA A 1   . ? 1_555 ? 
19 AC2 5  ASP A 39  ? ASP A 39  . ? 1_555 ? 
20 AC2 5  HOH L .   ? HOH A 320 . ? 1_555 ? 
21 AC2 5  HOH L .   ? HOH A 360 . ? 1_555 ? 
22 AC2 5  HOH L .   ? HOH A 361 . ? 1_555 ? 
23 AC3 6  HIS A 73  ? HIS A 73  . ? 2_565 ? 
24 AC3 6  HIS A 73  ? HIS A 73  . ? 3_455 ? 
25 AC3 6  HIS A 73  ? HIS A 73  . ? 1_555 ? 
26 AC3 6  HIS A 77  ? HIS A 77  . ? 1_555 ? 
27 AC3 6  HIS A 77  ? HIS A 77  . ? 3_455 ? 
28 AC3 6  HIS A 77  ? HIS A 77  . ? 2_565 ? 
29 AC4 8  LYS A 19  ? LYS A 19  . ? 1_555 ? 
30 AC4 8  LYS A 19  ? LYS A 19  . ? 6_555 ? 
31 AC4 8  ASP A 21  ? ASP A 21  . ? 1_555 ? 
32 AC4 8  ASP A 21  ? ASP A 21  . ? 6_555 ? 
33 AC4 8  CA  F .   ? CA  A 205 . ? 6_555 ? 
34 AC4 8  CA  F .   ? CA  A 205 . ? 1_555 ? 
35 AC4 8  HOH L .   ? HOH A 363 . ? 6_555 ? 
36 AC4 8  HOH L .   ? HOH A 363 . ? 1_555 ? 
37 AC5 7  LYS A 19  ? LYS A 19  . ? 1_555 ? 
38 AC5 7  LYS A 19  ? LYS A 19  . ? 6_555 ? 
39 AC5 7  ALA A 20  ? ALA A 20  . ? 6_555 ? 
40 AC5 7  ASP A 21  ? ASP A 21  . ? 6_555 ? 
41 AC5 7  CA  E .   ? CA  A 204 . ? 6_555 ? 
42 AC5 7  CA  E .   ? CA  A 204 . ? 1_555 ? 
43 AC5 7  HOH L .   ? HOH A 385 . ? 6_555 ? 
44 AC6 6  GLU A 4   ? GLU A 4   . ? 1_555 ? 
45 AC6 6  GLU A 8   ? GLU A 8   . ? 6_556 ? 
46 AC6 6  HEC B .   ? HEC A 201 . ? 6_556 ? 
47 AC6 6  CA  H .   ? CA  A 207 . ? 6_556 ? 
48 AC6 6  CA  H .   ? CA  A 207 . ? 1_555 ? 
49 AC6 6  HOH L .   ? HOH A 379 . ? 1_555 ? 
50 AC7 6  GLU A 4   ? GLU A 4   . ? 1_555 ? 
51 AC7 6  GLU A 4   ? GLU A 4   . ? 6_556 ? 
52 AC7 6  HEC B .   ? HEC A 201 . ? 6_556 ? 
53 AC7 6  HEC B .   ? HEC A 201 . ? 1_555 ? 
54 AC7 6  CA  G .   ? CA  A 206 . ? 1_555 ? 
55 AC7 6  CA  G .   ? CA  A 206 . ? 6_556 ? 
56 AC8 3  ARG A 62  ? ARG A 62  . ? 3_455 ? 
57 AC8 3  ARG A 62  ? ARG A 62  . ? 2_565 ? 
58 AC8 3  ARG A 62  ? ARG A 62  . ? 1_555 ? 
59 AC9 6  LYS A 41  ? LYS A 41  . ? 3_455 ? 
60 AC9 6  LYS A 41  ? LYS A 41  . ? 2_565 ? 
61 AC9 6  LYS A 41  ? LYS A 41  . ? 1_555 ? 
62 AC9 6  HOH L .   ? HOH A 339 . ? 3_455 ? 
63 AC9 6  HOH L .   ? HOH A 339 . ? 1_555 ? 
64 AC9 6  HOH L .   ? HOH A 339 . ? 2_565 ? 
65 AD1 3  ARG A 34  ? ARG A 34  . ? 1_555 ? 
66 AD1 3  HIS A 73  ? HIS A 73  . ? 1_555 ? 
67 AD1 3  HOH L .   ? HOH A 388 . ? 1_555 ? 
# 
_pdbx_entry_details.entry_id                   6WZC 
_pdbx_entry_details.nonpolymer_details         ? 
_pdbx_entry_details.sequence_details           ? 
_pdbx_entry_details.compound_details           ? 
_pdbx_entry_details.source_details             ? 
_pdbx_entry_details.has_ligand_of_interest     Y 
_pdbx_entry_details.has_protein_modification   Y 
# 
loop_
_pdbx_validate_close_contact.id 
_pdbx_validate_close_contact.PDB_model_num 
_pdbx_validate_close_contact.auth_atom_id_1 
_pdbx_validate_close_contact.auth_asym_id_1 
_pdbx_validate_close_contact.auth_comp_id_1 
_pdbx_validate_close_contact.auth_seq_id_1 
_pdbx_validate_close_contact.PDB_ins_code_1 
_pdbx_validate_close_contact.label_alt_id_1 
_pdbx_validate_close_contact.auth_atom_id_2 
_pdbx_validate_close_contact.auth_asym_id_2 
_pdbx_validate_close_contact.auth_comp_id_2 
_pdbx_validate_close_contact.auth_seq_id_2 
_pdbx_validate_close_contact.PDB_ins_code_2 
_pdbx_validate_close_contact.label_alt_id_2 
_pdbx_validate_close_contact.dist 
1 1 O  A HOH 391 ? ? O A HOH 398 ? ? 2.14 
2 1 NZ A LYS 80  ? ? O A HOH 301 ? ? 2.16 
3 1 O  A HOH 345 ? ? O A HOH 396 ? ? 2.18 
4 1 O  A HOH 345 ? ? O A HOH 372 ? ? 2.19 
# 
loop_
_pdbx_struct_special_symmetry.id 
_pdbx_struct_special_symmetry.PDB_model_num 
_pdbx_struct_special_symmetry.auth_asym_id 
_pdbx_struct_special_symmetry.auth_comp_id 
_pdbx_struct_special_symmetry.auth_seq_id 
_pdbx_struct_special_symmetry.PDB_ins_code 
_pdbx_struct_special_symmetry.label_asym_id 
_pdbx_struct_special_symmetry.label_comp_id 
_pdbx_struct_special_symmetry.label_seq_id 
1 1 A NI  203 ? D NI  . 
2 1 A CA  204 ? E CA  . 
3 1 A CA  207 ? H CA  . 
4 1 A CL  208 ? I CL  . 
5 1 A CL  209 ? J CL  . 
6 1 A HOH 363 ? L HOH . 
7 1 A HOH 390 ? L HOH . 
8 1 A HOH 404 ? L HOH . 
# 
loop_
_chem_comp_atom.comp_id 
_chem_comp_atom.atom_id 
_chem_comp_atom.type_symbol 
_chem_comp_atom.pdbx_aromatic_flag 
_chem_comp_atom.pdbx_stereo_config 
_chem_comp_atom.pdbx_ordinal 
ALA N    N  N N 1   
ALA CA   C  N S 2   
ALA C    C  N N 3   
ALA O    O  N N 4   
ALA CB   C  N N 5   
ALA OXT  O  N N 6   
ALA H    H  N N 7   
ALA H2   H  N N 8   
ALA HA   H  N N 9   
ALA HB1  H  N N 10  
ALA HB2  H  N N 11  
ALA HB3  H  N N 12  
ALA HXT  H  N N 13  
ARG N    N  N N 14  
ARG CA   C  N S 15  
ARG C    C  N N 16  
ARG O    O  N N 17  
ARG CB   C  N N 18  
ARG CG   C  N N 19  
ARG CD   C  N N 20  
ARG NE   N  N N 21  
ARG CZ   C  N N 22  
ARG NH1  N  N N 23  
ARG NH2  N  N N 24  
ARG OXT  O  N N 25  
ARG H    H  N N 26  
ARG H2   H  N N 27  
ARG HA   H  N N 28  
ARG HB2  H  N N 29  
ARG HB3  H  N N 30  
ARG HG2  H  N N 31  
ARG HG3  H  N N 32  
ARG HD2  H  N N 33  
ARG HD3  H  N N 34  
ARG HE   H  N N 35  
ARG HH11 H  N N 36  
ARG HH12 H  N N 37  
ARG HH21 H  N N 38  
ARG HH22 H  N N 39  
ARG HXT  H  N N 40  
ASN N    N  N N 41  
ASN CA   C  N S 42  
ASN C    C  N N 43  
ASN O    O  N N 44  
ASN CB   C  N N 45  
ASN CG   C  N N 46  
ASN OD1  O  N N 47  
ASN ND2  N  N N 48  
ASN OXT  O  N N 49  
ASN H    H  N N 50  
ASN H2   H  N N 51  
ASN HA   H  N N 52  
ASN HB2  H  N N 53  
ASN HB3  H  N N 54  
ASN HD21 H  N N 55  
ASN HD22 H  N N 56  
ASN HXT  H  N N 57  
ASP N    N  N N 58  
ASP CA   C  N S 59  
ASP C    C  N N 60  
ASP O    O  N N 61  
ASP CB   C  N N 62  
ASP CG   C  N N 63  
ASP OD1  O  N N 64  
ASP OD2  O  N N 65  
ASP OXT  O  N N 66  
ASP H    H  N N 67  
ASP H2   H  N N 68  
ASP HA   H  N N 69  
ASP HB2  H  N N 70  
ASP HB3  H  N N 71  
ASP HD2  H  N N 72  
ASP HXT  H  N N 73  
CA  CA   CA N N 74  
CL  CL   CL N N 75  
CYS N    N  N N 76  
CYS CA   C  N R 77  
CYS C    C  N N 78  
CYS O    O  N N 79  
CYS CB   C  N N 80  
CYS SG   S  N N 81  
CYS OXT  O  N N 82  
CYS H    H  N N 83  
CYS H2   H  N N 84  
CYS HA   H  N N 85  
CYS HB2  H  N N 86  
CYS HB3  H  N N 87  
CYS HG   H  N N 88  
CYS HXT  H  N N 89  
GLN N    N  N N 90  
GLN CA   C  N S 91  
GLN C    C  N N 92  
GLN O    O  N N 93  
GLN CB   C  N N 94  
GLN CG   C  N N 95  
GLN CD   C  N N 96  
GLN OE1  O  N N 97  
GLN NE2  N  N N 98  
GLN OXT  O  N N 99  
GLN H    H  N N 100 
GLN H2   H  N N 101 
GLN HA   H  N N 102 
GLN HB2  H  N N 103 
GLN HB3  H  N N 104 
GLN HG2  H  N N 105 
GLN HG3  H  N N 106 
GLN HE21 H  N N 107 
GLN HE22 H  N N 108 
GLN HXT  H  N N 109 
GLU N    N  N N 110 
GLU CA   C  N S 111 
GLU C    C  N N 112 
GLU O    O  N N 113 
GLU CB   C  N N 114 
GLU CG   C  N N 115 
GLU CD   C  N N 116 
GLU OE1  O  N N 117 
GLU OE2  O  N N 118 
GLU OXT  O  N N 119 
GLU H    H  N N 120 
GLU H2   H  N N 121 
GLU HA   H  N N 122 
GLU HB2  H  N N 123 
GLU HB3  H  N N 124 
GLU HG2  H  N N 125 
GLU HG3  H  N N 126 
GLU HE2  H  N N 127 
GLU HXT  H  N N 128 
GLY N    N  N N 129 
GLY CA   C  N N 130 
GLY C    C  N N 131 
GLY O    O  N N 132 
GLY OXT  O  N N 133 
GLY H    H  N N 134 
GLY H2   H  N N 135 
GLY HA2  H  N N 136 
GLY HA3  H  N N 137 
GLY HXT  H  N N 138 
HEC FE   FE N N 139 
HEC CHA  C  N N 140 
HEC CHB  C  N N 141 
HEC CHC  C  N N 142 
HEC CHD  C  N N 143 
HEC NA   N  Y N 144 
HEC C1A  C  Y N 145 
HEC C2A  C  Y N 146 
HEC C3A  C  Y N 147 
HEC C4A  C  Y N 148 
HEC CMA  C  N N 149 
HEC CAA  C  N N 150 
HEC CBA  C  N N 151 
HEC CGA  C  N N 152 
HEC O1A  O  N N 153 
HEC O2A  O  N N 154 
HEC NB   N  Y N 155 
HEC C1B  C  Y N 156 
HEC C2B  C  Y N 157 
HEC C3B  C  Y N 158 
HEC C4B  C  Y N 159 
HEC CMB  C  N N 160 
HEC CAB  C  N N 161 
HEC CBB  C  N N 162 
HEC NC   N  Y N 163 
HEC C1C  C  Y N 164 
HEC C2C  C  Y N 165 
HEC C3C  C  Y N 166 
HEC C4C  C  Y N 167 
HEC CMC  C  N N 168 
HEC CAC  C  N N 169 
HEC CBC  C  N N 170 
HEC ND   N  Y N 171 
HEC C1D  C  Y N 172 
HEC C2D  C  Y N 173 
HEC C3D  C  Y N 174 
HEC C4D  C  Y N 175 
HEC CMD  C  N N 176 
HEC CAD  C  N N 177 
HEC CBD  C  N N 178 
HEC CGD  C  N N 179 
HEC O1D  O  N N 180 
HEC O2D  O  N N 181 
HEC HHA  H  N N 182 
HEC HHB  H  N N 183 
HEC HHC  H  N N 184 
HEC HHD  H  N N 185 
HEC HMA1 H  N N 186 
HEC HMA2 H  N N 187 
HEC HMA3 H  N N 188 
HEC HAA1 H  N N 189 
HEC HAA2 H  N N 190 
HEC HBA1 H  N N 191 
HEC HBA2 H  N N 192 
HEC H2A  H  N N 193 
HEC HMB1 H  N N 194 
HEC HMB2 H  N N 195 
HEC HMB3 H  N N 196 
HEC HAB  H  N N 197 
HEC HBB1 H  N N 198 
HEC HBB2 H  N N 199 
HEC HBB3 H  N N 200 
HEC HMC1 H  N N 201 
HEC HMC2 H  N N 202 
HEC HMC3 H  N N 203 
HEC HAC  H  N N 204 
HEC HBC1 H  N N 205 
HEC HBC2 H  N N 206 
HEC HBC3 H  N N 207 
HEC HMD1 H  N N 208 
HEC HMD2 H  N N 209 
HEC HMD3 H  N N 210 
HEC HAD1 H  N N 211 
HEC HAD2 H  N N 212 
HEC HBD1 H  N N 213 
HEC HBD2 H  N N 214 
HEC H2D  H  N N 215 
HIS N    N  N N 216 
HIS CA   C  N S 217 
HIS C    C  N N 218 
HIS O    O  N N 219 
HIS CB   C  N N 220 
HIS CG   C  Y N 221 
HIS ND1  N  Y N 222 
HIS CD2  C  Y N 223 
HIS CE1  C  Y N 224 
HIS NE2  N  Y N 225 
HIS OXT  O  N N 226 
HIS H    H  N N 227 
HIS H2   H  N N 228 
HIS HA   H  N N 229 
HIS HB2  H  N N 230 
HIS HB3  H  N N 231 
HIS HD1  H  N N 232 
HIS HD2  H  N N 233 
HIS HE1  H  N N 234 
HIS HE2  H  N N 235 
HIS HXT  H  N N 236 
HOH O    O  N N 237 
HOH H1   H  N N 238 
HOH H2   H  N N 239 
ILE N    N  N N 240 
ILE CA   C  N S 241 
ILE C    C  N N 242 
ILE O    O  N N 243 
ILE CB   C  N S 244 
ILE CG1  C  N N 245 
ILE CG2  C  N N 246 
ILE CD1  C  N N 247 
ILE OXT  O  N N 248 
ILE H    H  N N 249 
ILE H2   H  N N 250 
ILE HA   H  N N 251 
ILE HB   H  N N 252 
ILE HG12 H  N N 253 
ILE HG13 H  N N 254 
ILE HG21 H  N N 255 
ILE HG22 H  N N 256 
ILE HG23 H  N N 257 
ILE HD11 H  N N 258 
ILE HD12 H  N N 259 
ILE HD13 H  N N 260 
ILE HXT  H  N N 261 
LEU N    N  N N 262 
LEU CA   C  N S 263 
LEU C    C  N N 264 
LEU O    O  N N 265 
LEU CB   C  N N 266 
LEU CG   C  N N 267 
LEU CD1  C  N N 268 
LEU CD2  C  N N 269 
LEU OXT  O  N N 270 
LEU H    H  N N 271 
LEU H2   H  N N 272 
LEU HA   H  N N 273 
LEU HB2  H  N N 274 
LEU HB3  H  N N 275 
LEU HG   H  N N 276 
LEU HD11 H  N N 277 
LEU HD12 H  N N 278 
LEU HD13 H  N N 279 
LEU HD21 H  N N 280 
LEU HD22 H  N N 281 
LEU HD23 H  N N 282 
LEU HXT  H  N N 283 
LYS N    N  N N 284 
LYS CA   C  N S 285 
LYS C    C  N N 286 
LYS O    O  N N 287 
LYS CB   C  N N 288 
LYS CG   C  N N 289 
LYS CD   C  N N 290 
LYS CE   C  N N 291 
LYS NZ   N  N N 292 
LYS OXT  O  N N 293 
LYS H    H  N N 294 
LYS H2   H  N N 295 
LYS HA   H  N N 296 
LYS HB2  H  N N 297 
LYS HB3  H  N N 298 
LYS HG2  H  N N 299 
LYS HG3  H  N N 300 
LYS HD2  H  N N 301 
LYS HD3  H  N N 302 
LYS HE2  H  N N 303 
LYS HE3  H  N N 304 
LYS HZ1  H  N N 305 
LYS HZ2  H  N N 306 
LYS HZ3  H  N N 307 
LYS HXT  H  N N 308 
MET N    N  N N 309 
MET CA   C  N S 310 
MET C    C  N N 311 
MET O    O  N N 312 
MET CB   C  N N 313 
MET CG   C  N N 314 
MET SD   S  N N 315 
MET CE   C  N N 316 
MET OXT  O  N N 317 
MET H    H  N N 318 
MET H2   H  N N 319 
MET HA   H  N N 320 
MET HB2  H  N N 321 
MET HB3  H  N N 322 
MET HG2  H  N N 323 
MET HG3  H  N N 324 
MET HE1  H  N N 325 
MET HE2  H  N N 326 
MET HE3  H  N N 327 
MET HXT  H  N N 328 
NI  NI   NI N N 329 
PHE N    N  N N 330 
PHE CA   C  N S 331 
PHE C    C  N N 332 
PHE O    O  N N 333 
PHE CB   C  N N 334 
PHE CG   C  Y N 335 
PHE CD1  C  Y N 336 
PHE CD2  C  Y N 337 
PHE CE1  C  Y N 338 
PHE CE2  C  Y N 339 
PHE CZ   C  Y N 340 
PHE OXT  O  N N 341 
PHE H    H  N N 342 
PHE H2   H  N N 343 
PHE HA   H  N N 344 
PHE HB2  H  N N 345 
PHE HB3  H  N N 346 
PHE HD1  H  N N 347 
PHE HD2  H  N N 348 
PHE HE1  H  N N 349 
PHE HE2  H  N N 350 
PHE HZ   H  N N 351 
PHE HXT  H  N N 352 
PRO N    N  N N 353 
PRO CA   C  N S 354 
PRO C    C  N N 355 
PRO O    O  N N 356 
PRO CB   C  N N 357 
PRO CG   C  N N 358 
PRO CD   C  N N 359 
PRO OXT  O  N N 360 
PRO H    H  N N 361 
PRO HA   H  N N 362 
PRO HB2  H  N N 363 
PRO HB3  H  N N 364 
PRO HG2  H  N N 365 
PRO HG3  H  N N 366 
PRO HD2  H  N N 367 
PRO HD3  H  N N 368 
PRO HXT  H  N N 369 
SER N    N  N N 370 
SER CA   C  N S 371 
SER C    C  N N 372 
SER O    O  N N 373 
SER CB   C  N N 374 
SER OG   O  N N 375 
SER OXT  O  N N 376 
SER H    H  N N 377 
SER H2   H  N N 378 
SER HA   H  N N 379 
SER HB2  H  N N 380 
SER HB3  H  N N 381 
SER HG   H  N N 382 
SER HXT  H  N N 383 
THR N    N  N N 384 
THR CA   C  N S 385 
THR C    C  N N 386 
THR O    O  N N 387 
THR CB   C  N R 388 
THR OG1  O  N N 389 
THR CG2  C  N N 390 
THR OXT  O  N N 391 
THR H    H  N N 392 
THR H2   H  N N 393 
THR HA   H  N N 394 
THR HB   H  N N 395 
THR HG1  H  N N 396 
THR HG21 H  N N 397 
THR HG22 H  N N 398 
THR HG23 H  N N 399 
THR HXT  H  N N 400 
TRP N    N  N N 401 
TRP CA   C  N S 402 
TRP C    C  N N 403 
TRP O    O  N N 404 
TRP CB   C  N N 405 
TRP CG   C  Y N 406 
TRP CD1  C  Y N 407 
TRP CD2  C  Y N 408 
TRP NE1  N  Y N 409 
TRP CE2  C  Y N 410 
TRP CE3  C  Y N 411 
TRP CZ2  C  Y N 412 
TRP CZ3  C  Y N 413 
TRP CH2  C  Y N 414 
TRP OXT  O  N N 415 
TRP H    H  N N 416 
TRP H2   H  N N 417 
TRP HA   H  N N 418 
TRP HB2  H  N N 419 
TRP HB3  H  N N 420 
TRP HD1  H  N N 421 
TRP HE1  H  N N 422 
TRP HE3  H  N N 423 
TRP HZ2  H  N N 424 
TRP HZ3  H  N N 425 
TRP HH2  H  N N 426 
TRP HXT  H  N N 427 
TYR N    N  N N 428 
TYR CA   C  N S 429 
TYR C    C  N N 430 
TYR O    O  N N 431 
TYR CB   C  N N 432 
TYR CG   C  Y N 433 
TYR CD1  C  Y N 434 
TYR CD2  C  Y N 435 
TYR CE1  C  Y N 436 
TYR CE2  C  Y N 437 
TYR CZ   C  Y N 438 
TYR OH   O  N N 439 
TYR OXT  O  N N 440 
TYR H    H  N N 441 
TYR H2   H  N N 442 
TYR HA   H  N N 443 
TYR HB2  H  N N 444 
TYR HB3  H  N N 445 
TYR HD1  H  N N 446 
TYR HD2  H  N N 447 
TYR HE1  H  N N 448 
TYR HE2  H  N N 449 
TYR HH   H  N N 450 
TYR HXT  H  N N 451 
VAL N    N  N N 452 
VAL CA   C  N S 453 
VAL C    C  N N 454 
VAL O    O  N N 455 
VAL CB   C  N N 456 
VAL CG1  C  N N 457 
VAL CG2  C  N N 458 
VAL OXT  O  N N 459 
VAL H    H  N N 460 
VAL H2   H  N N 461 
VAL HA   H  N N 462 
VAL HB   H  N N 463 
VAL HG11 H  N N 464 
VAL HG12 H  N N 465 
VAL HG13 H  N N 466 
VAL HG21 H  N N 467 
VAL HG22 H  N N 468 
VAL HG23 H  N N 469 
VAL HXT  H  N N 470 
# 
loop_
_chem_comp_bond.comp_id 
_chem_comp_bond.atom_id_1 
_chem_comp_bond.atom_id_2 
_chem_comp_bond.value_order 
_chem_comp_bond.pdbx_aromatic_flag 
_chem_comp_bond.pdbx_stereo_config 
_chem_comp_bond.pdbx_ordinal 
ALA N   CA   sing N N 1   
ALA N   H    sing N N 2   
ALA N   H2   sing N N 3   
ALA CA  C    sing N N 4   
ALA CA  CB   sing N N 5   
ALA CA  HA   sing N N 6   
ALA C   O    doub N N 7   
ALA C   OXT  sing N N 8   
ALA CB  HB1  sing N N 9   
ALA CB  HB2  sing N N 10  
ALA CB  HB3  sing N N 11  
ALA OXT HXT  sing N N 12  
ARG N   CA   sing N N 13  
ARG N   H    sing N N 14  
ARG N   H2   sing N N 15  
ARG CA  C    sing N N 16  
ARG CA  CB   sing N N 17  
ARG CA  HA   sing N N 18  
ARG C   O    doub N N 19  
ARG C   OXT  sing N N 20  
ARG CB  CG   sing N N 21  
ARG CB  HB2  sing N N 22  
ARG CB  HB3  sing N N 23  
ARG CG  CD   sing N N 24  
ARG CG  HG2  sing N N 25  
ARG CG  HG3  sing N N 26  
ARG CD  NE   sing N N 27  
ARG CD  HD2  sing N N 28  
ARG CD  HD3  sing N N 29  
ARG NE  CZ   sing N N 30  
ARG NE  HE   sing N N 31  
ARG CZ  NH1  sing N N 32  
ARG CZ  NH2  doub N N 33  
ARG NH1 HH11 sing N N 34  
ARG NH1 HH12 sing N N 35  
ARG NH2 HH21 sing N N 36  
ARG NH2 HH22 sing N N 37  
ARG OXT HXT  sing N N 38  
ASN N   CA   sing N N 39  
ASN N   H    sing N N 40  
ASN N   H2   sing N N 41  
ASN CA  C    sing N N 42  
ASN CA  CB   sing N N 43  
ASN CA  HA   sing N N 44  
ASN C   O    doub N N 45  
ASN C   OXT  sing N N 46  
ASN CB  CG   sing N N 47  
ASN CB  HB2  sing N N 48  
ASN CB  HB3  sing N N 49  
ASN CG  OD1  doub N N 50  
ASN CG  ND2  sing N N 51  
ASN ND2 HD21 sing N N 52  
ASN ND2 HD22 sing N N 53  
ASN OXT HXT  sing N N 54  
ASP N   CA   sing N N 55  
ASP N   H    sing N N 56  
ASP N   H2   sing N N 57  
ASP CA  C    sing N N 58  
ASP CA  CB   sing N N 59  
ASP CA  HA   sing N N 60  
ASP C   O    doub N N 61  
ASP C   OXT  sing N N 62  
ASP CB  CG   sing N N 63  
ASP CB  HB2  sing N N 64  
ASP CB  HB3  sing N N 65  
ASP CG  OD1  doub N N 66  
ASP CG  OD2  sing N N 67  
ASP OD2 HD2  sing N N 68  
ASP OXT HXT  sing N N 69  
CYS N   CA   sing N N 70  
CYS N   H    sing N N 71  
CYS N   H2   sing N N 72  
CYS CA  C    sing N N 73  
CYS CA  CB   sing N N 74  
CYS CA  HA   sing N N 75  
CYS C   O    doub N N 76  
CYS C   OXT  sing N N 77  
CYS CB  SG   sing N N 78  
CYS CB  HB2  sing N N 79  
CYS CB  HB3  sing N N 80  
CYS SG  HG   sing N N 81  
CYS OXT HXT  sing N N 82  
GLN N   CA   sing N N 83  
GLN N   H    sing N N 84  
GLN N   H2   sing N N 85  
GLN CA  C    sing N N 86  
GLN CA  CB   sing N N 87  
GLN CA  HA   sing N N 88  
GLN C   O    doub N N 89  
GLN C   OXT  sing N N 90  
GLN CB  CG   sing N N 91  
GLN CB  HB2  sing N N 92  
GLN CB  HB3  sing N N 93  
GLN CG  CD   sing N N 94  
GLN CG  HG2  sing N N 95  
GLN CG  HG3  sing N N 96  
GLN CD  OE1  doub N N 97  
GLN CD  NE2  sing N N 98  
GLN NE2 HE21 sing N N 99  
GLN NE2 HE22 sing N N 100 
GLN OXT HXT  sing N N 101 
GLU N   CA   sing N N 102 
GLU N   H    sing N N 103 
GLU N   H2   sing N N 104 
GLU CA  C    sing N N 105 
GLU CA  CB   sing N N 106 
GLU CA  HA   sing N N 107 
GLU C   O    doub N N 108 
GLU C   OXT  sing N N 109 
GLU CB  CG   sing N N 110 
GLU CB  HB2  sing N N 111 
GLU CB  HB3  sing N N 112 
GLU CG  CD   sing N N 113 
GLU CG  HG2  sing N N 114 
GLU CG  HG3  sing N N 115 
GLU CD  OE1  doub N N 116 
GLU CD  OE2  sing N N 117 
GLU OE2 HE2  sing N N 118 
GLU OXT HXT  sing N N 119 
GLY N   CA   sing N N 120 
GLY N   H    sing N N 121 
GLY N   H2   sing N N 122 
GLY CA  C    sing N N 123 
GLY CA  HA2  sing N N 124 
GLY CA  HA3  sing N N 125 
GLY C   O    doub N N 126 
GLY C   OXT  sing N N 127 
GLY OXT HXT  sing N N 128 
HEC FE  NA   sing N N 129 
HEC FE  NB   sing N N 130 
HEC FE  NC   sing N N 131 
HEC FE  ND   sing N N 132 
HEC CHA C1A  doub N N 133 
HEC CHA C4D  sing N N 134 
HEC CHA HHA  sing N N 135 
HEC CHB C4A  doub N N 136 
HEC CHB C1B  sing N N 137 
HEC CHB HHB  sing N N 138 
HEC CHC C4B  doub N N 139 
HEC CHC C1C  sing N N 140 
HEC CHC HHC  sing N N 141 
HEC CHD C4C  doub N N 142 
HEC CHD C1D  sing N N 143 
HEC CHD HHD  sing N N 144 
HEC NA  C1A  sing Y N 145 
HEC NA  C4A  sing Y N 146 
HEC C1A C2A  sing Y N 147 
HEC C2A C3A  doub Y N 148 
HEC C2A CAA  sing N N 149 
HEC C3A C4A  sing Y N 150 
HEC C3A CMA  sing N N 151 
HEC CMA HMA1 sing N N 152 
HEC CMA HMA2 sing N N 153 
HEC CMA HMA3 sing N N 154 
HEC CAA CBA  sing N N 155 
HEC CAA HAA1 sing N N 156 
HEC CAA HAA2 sing N N 157 
HEC CBA CGA  sing N N 158 
HEC CBA HBA1 sing N N 159 
HEC CBA HBA2 sing N N 160 
HEC CGA O1A  doub N N 161 
HEC CGA O2A  sing N N 162 
HEC O2A H2A  sing N N 163 
HEC NB  C1B  sing Y N 164 
HEC NB  C4B  sing Y N 165 
HEC C1B C2B  doub Y N 166 
HEC C2B C3B  sing Y N 167 
HEC C2B CMB  sing N N 168 
HEC C3B C4B  sing Y N 169 
HEC C3B CAB  doub N E 170 
HEC CMB HMB1 sing N N 171 
HEC CMB HMB2 sing N N 172 
HEC CMB HMB3 sing N N 173 
HEC CAB CBB  sing N N 174 
HEC CAB HAB  sing N N 175 
HEC CBB HBB1 sing N N 176 
HEC CBB HBB2 sing N N 177 
HEC CBB HBB3 sing N N 178 
HEC NC  C1C  sing Y N 179 
HEC NC  C4C  sing Y N 180 
HEC C1C C2C  doub Y N 181 
HEC C2C C3C  sing Y N 182 
HEC C2C CMC  sing N N 183 
HEC C3C C4C  sing Y N 184 
HEC C3C CAC  doub N E 185 
HEC CMC HMC1 sing N N 186 
HEC CMC HMC2 sing N N 187 
HEC CMC HMC3 sing N N 188 
HEC CAC CBC  sing N N 189 
HEC CAC HAC  sing N N 190 
HEC CBC HBC1 sing N N 191 
HEC CBC HBC2 sing N N 192 
HEC CBC HBC3 sing N N 193 
HEC ND  C1D  sing Y N 194 
HEC ND  C4D  sing Y N 195 
HEC C1D C2D  doub Y N 196 
HEC C2D C3D  sing Y N 197 
HEC C2D CMD  sing N N 198 
HEC C3D C4D  doub Y N 199 
HEC C3D CAD  sing N N 200 
HEC CMD HMD1 sing N N 201 
HEC CMD HMD2 sing N N 202 
HEC CMD HMD3 sing N N 203 
HEC CAD CBD  sing N N 204 
HEC CAD HAD1 sing N N 205 
HEC CAD HAD2 sing N N 206 
HEC CBD CGD  sing N N 207 
HEC CBD HBD1 sing N N 208 
HEC CBD HBD2 sing N N 209 
HEC CGD O1D  doub N N 210 
HEC CGD O2D  sing N N 211 
HEC O2D H2D  sing N N 212 
HIS N   CA   sing N N 213 
HIS N   H    sing N N 214 
HIS N   H2   sing N N 215 
HIS CA  C    sing N N 216 
HIS CA  CB   sing N N 217 
HIS CA  HA   sing N N 218 
HIS C   O    doub N N 219 
HIS C   OXT  sing N N 220 
HIS CB  CG   sing N N 221 
HIS CB  HB2  sing N N 222 
HIS CB  HB3  sing N N 223 
HIS CG  ND1  sing Y N 224 
HIS CG  CD2  doub Y N 225 
HIS ND1 CE1  doub Y N 226 
HIS ND1 HD1  sing N N 227 
HIS CD2 NE2  sing Y N 228 
HIS CD2 HD2  sing N N 229 
HIS CE1 NE2  sing Y N 230 
HIS CE1 HE1  sing N N 231 
HIS NE2 HE2  sing N N 232 
HIS OXT HXT  sing N N 233 
HOH O   H1   sing N N 234 
HOH O   H2   sing N N 235 
ILE N   CA   sing N N 236 
ILE N   H    sing N N 237 
ILE N   H2   sing N N 238 
ILE CA  C    sing N N 239 
ILE CA  CB   sing N N 240 
ILE CA  HA   sing N N 241 
ILE C   O    doub N N 242 
ILE C   OXT  sing N N 243 
ILE CB  CG1  sing N N 244 
ILE CB  CG2  sing N N 245 
ILE CB  HB   sing N N 246 
ILE CG1 CD1  sing N N 247 
ILE CG1 HG12 sing N N 248 
ILE CG1 HG13 sing N N 249 
ILE CG2 HG21 sing N N 250 
ILE CG2 HG22 sing N N 251 
ILE CG2 HG23 sing N N 252 
ILE CD1 HD11 sing N N 253 
ILE CD1 HD12 sing N N 254 
ILE CD1 HD13 sing N N 255 
ILE OXT HXT  sing N N 256 
LEU N   CA   sing N N 257 
LEU N   H    sing N N 258 
LEU N   H2   sing N N 259 
LEU CA  C    sing N N 260 
LEU CA  CB   sing N N 261 
LEU CA  HA   sing N N 262 
LEU C   O    doub N N 263 
LEU C   OXT  sing N N 264 
LEU CB  CG   sing N N 265 
LEU CB  HB2  sing N N 266 
LEU CB  HB3  sing N N 267 
LEU CG  CD1  sing N N 268 
LEU CG  CD2  sing N N 269 
LEU CG  HG   sing N N 270 
LEU CD1 HD11 sing N N 271 
LEU CD1 HD12 sing N N 272 
LEU CD1 HD13 sing N N 273 
LEU CD2 HD21 sing N N 274 
LEU CD2 HD22 sing N N 275 
LEU CD2 HD23 sing N N 276 
LEU OXT HXT  sing N N 277 
LYS N   CA   sing N N 278 
LYS N   H    sing N N 279 
LYS N   H2   sing N N 280 
LYS CA  C    sing N N 281 
LYS CA  CB   sing N N 282 
LYS CA  HA   sing N N 283 
LYS C   O    doub N N 284 
LYS C   OXT  sing N N 285 
LYS CB  CG   sing N N 286 
LYS CB  HB2  sing N N 287 
LYS CB  HB3  sing N N 288 
LYS CG  CD   sing N N 289 
LYS CG  HG2  sing N N 290 
LYS CG  HG3  sing N N 291 
LYS CD  CE   sing N N 292 
LYS CD  HD2  sing N N 293 
LYS CD  HD3  sing N N 294 
LYS CE  NZ   sing N N 295 
LYS CE  HE2  sing N N 296 
LYS CE  HE3  sing N N 297 
LYS NZ  HZ1  sing N N 298 
LYS NZ  HZ2  sing N N 299 
LYS NZ  HZ3  sing N N 300 
LYS OXT HXT  sing N N 301 
MET N   CA   sing N N 302 
MET N   H    sing N N 303 
MET N   H2   sing N N 304 
MET CA  C    sing N N 305 
MET CA  CB   sing N N 306 
MET CA  HA   sing N N 307 
MET C   O    doub N N 308 
MET C   OXT  sing N N 309 
MET CB  CG   sing N N 310 
MET CB  HB2  sing N N 311 
MET CB  HB3  sing N N 312 
MET CG  SD   sing N N 313 
MET CG  HG2  sing N N 314 
MET CG  HG3  sing N N 315 
MET SD  CE   sing N N 316 
MET CE  HE1  sing N N 317 
MET CE  HE2  sing N N 318 
MET CE  HE3  sing N N 319 
MET OXT HXT  sing N N 320 
PHE N   CA   sing N N 321 
PHE N   H    sing N N 322 
PHE N   H2   sing N N 323 
PHE CA  C    sing N N 324 
PHE CA  CB   sing N N 325 
PHE CA  HA   sing N N 326 
PHE C   O    doub N N 327 
PHE C   OXT  sing N N 328 
PHE CB  CG   sing N N 329 
PHE CB  HB2  sing N N 330 
PHE CB  HB3  sing N N 331 
PHE CG  CD1  doub Y N 332 
PHE CG  CD2  sing Y N 333 
PHE CD1 CE1  sing Y N 334 
PHE CD1 HD1  sing N N 335 
PHE CD2 CE2  doub Y N 336 
PHE CD2 HD2  sing N N 337 
PHE CE1 CZ   doub Y N 338 
PHE CE1 HE1  sing N N 339 
PHE CE2 CZ   sing Y N 340 
PHE CE2 HE2  sing N N 341 
PHE CZ  HZ   sing N N 342 
PHE OXT HXT  sing N N 343 
PRO N   CA   sing N N 344 
PRO N   CD   sing N N 345 
PRO N   H    sing N N 346 
PRO CA  C    sing N N 347 
PRO CA  CB   sing N N 348 
PRO CA  HA   sing N N 349 
PRO C   O    doub N N 350 
PRO C   OXT  sing N N 351 
PRO CB  CG   sing N N 352 
PRO CB  HB2  sing N N 353 
PRO CB  HB3  sing N N 354 
PRO CG  CD   sing N N 355 
PRO CG  HG2  sing N N 356 
PRO CG  HG3  sing N N 357 
PRO CD  HD2  sing N N 358 
PRO CD  HD3  sing N N 359 
PRO OXT HXT  sing N N 360 
SER N   CA   sing N N 361 
SER N   H    sing N N 362 
SER N   H2   sing N N 363 
SER CA  C    sing N N 364 
SER CA  CB   sing N N 365 
SER CA  HA   sing N N 366 
SER C   O    doub N N 367 
SER C   OXT  sing N N 368 
SER CB  OG   sing N N 369 
SER CB  HB2  sing N N 370 
SER CB  HB3  sing N N 371 
SER OG  HG   sing N N 372 
SER OXT HXT  sing N N 373 
THR N   CA   sing N N 374 
THR N   H    sing N N 375 
THR N   H2   sing N N 376 
THR CA  C    sing N N 377 
THR CA  CB   sing N N 378 
THR CA  HA   sing N N 379 
THR C   O    doub N N 380 
THR C   OXT  sing N N 381 
THR CB  OG1  sing N N 382 
THR CB  CG2  sing N N 383 
THR CB  HB   sing N N 384 
THR OG1 HG1  sing N N 385 
THR CG2 HG21 sing N N 386 
THR CG2 HG22 sing N N 387 
THR CG2 HG23 sing N N 388 
THR OXT HXT  sing N N 389 
TRP N   CA   sing N N 390 
TRP N   H    sing N N 391 
TRP N   H2   sing N N 392 
TRP CA  C    sing N N 393 
TRP CA  CB   sing N N 394 
TRP CA  HA   sing N N 395 
TRP C   O    doub N N 396 
TRP C   OXT  sing N N 397 
TRP CB  CG   sing N N 398 
TRP CB  HB2  sing N N 399 
TRP CB  HB3  sing N N 400 
TRP CG  CD1  doub Y N 401 
TRP CG  CD2  sing Y N 402 
TRP CD1 NE1  sing Y N 403 
TRP CD1 HD1  sing N N 404 
TRP CD2 CE2  doub Y N 405 
TRP CD2 CE3  sing Y N 406 
TRP NE1 CE2  sing Y N 407 
TRP NE1 HE1  sing N N 408 
TRP CE2 CZ2  sing Y N 409 
TRP CE3 CZ3  doub Y N 410 
TRP CE3 HE3  sing N N 411 
TRP CZ2 CH2  doub Y N 412 
TRP CZ2 HZ2  sing N N 413 
TRP CZ3 CH2  sing Y N 414 
TRP CZ3 HZ3  sing N N 415 
TRP CH2 HH2  sing N N 416 
TRP OXT HXT  sing N N 417 
TYR N   CA   sing N N 418 
TYR N   H    sing N N 419 
TYR N   H2   sing N N 420 
TYR CA  C    sing N N 421 
TYR CA  CB   sing N N 422 
TYR CA  HA   sing N N 423 
TYR C   O    doub N N 424 
TYR C   OXT  sing N N 425 
TYR CB  CG   sing N N 426 
TYR CB  HB2  sing N N 427 
TYR CB  HB3  sing N N 428 
TYR CG  CD1  doub Y N 429 
TYR CG  CD2  sing Y N 430 
TYR CD1 CE1  sing Y N 431 
TYR CD1 HD1  sing N N 432 
TYR CD2 CE2  doub Y N 433 
TYR CD2 HD2  sing N N 434 
TYR CE1 CZ   doub Y N 435 
TYR CE1 HE1  sing N N 436 
TYR CE2 CZ   sing Y N 437 
TYR CE2 HE2  sing N N 438 
TYR CZ  OH   sing N N 439 
TYR OH  HH   sing N N 440 
TYR OXT HXT  sing N N 441 
VAL N   CA   sing N N 442 
VAL N   H    sing N N 443 
VAL N   H2   sing N N 444 
VAL CA  C    sing N N 445 
VAL CA  CB   sing N N 446 
VAL CA  HA   sing N N 447 
VAL C   O    doub N N 448 
VAL C   OXT  sing N N 449 
VAL CB  CG1  sing N N 450 
VAL CB  CG2  sing N N 451 
VAL CB  HB   sing N N 452 
VAL CG1 HG11 sing N N 453 
VAL CG1 HG12 sing N N 454 
VAL CG1 HG13 sing N N 455 
VAL CG2 HG21 sing N N 456 
VAL CG2 HG22 sing N N 457 
VAL CG2 HG23 sing N N 458 
VAL OXT HXT  sing N N 459 
# 
loop_
_pdbx_audit_support.funding_organization 
_pdbx_audit_support.country 
_pdbx_audit_support.grant_number 
_pdbx_audit_support.ordinal 
'National Science Foundation (NSF, United States)'                                         'United States' CHE1607145     1 
'National Institutes of Health/National Institute of General Medical Sciences (NIH/NIGMS)' 'United States' T32GM112584-01 2 
# 
_pdbx_initial_refinement_model.id               1 
_pdbx_initial_refinement_model.entity_id_list   ? 
_pdbx_initial_refinement_model.type             'experimental model' 
_pdbx_initial_refinement_model.source_name      PDB 
_pdbx_initial_refinement_model.accession_code   2BC5 
_pdbx_initial_refinement_model.details          ? 
# 
_atom_sites.entry_id                    6WZC 
_atom_sites.Cartn_transf_matrix[1][1]   ? 
_atom_sites.Cartn_transf_matrix[1][2]   ? 
_atom_sites.Cartn_transf_matrix[1][3]   ? 
_atom_sites.Cartn_transf_matrix[2][1]   ? 
_atom_sites.Cartn_transf_matrix[2][2]   ? 
_atom_sites.Cartn_transf_matrix[2][3]   ? 
_atom_sites.Cartn_transf_matrix[3][1]   ? 
_atom_sites.Cartn_transf_matrix[3][2]   ? 
_atom_sites.Cartn_transf_matrix[3][3]   ? 
_atom_sites.Cartn_transf_vector[1]      ? 
_atom_sites.Cartn_transf_vector[2]      ? 
_atom_sites.Cartn_transf_vector[3]      ? 
_atom_sites.fract_transf_matrix[1][1]   0.00905650 
_atom_sites.fract_transf_matrix[1][2]   -0.00052503 
_atom_sites.fract_transf_matrix[1][3]   0.01066753 
_atom_sites.fract_transf_matrix[2][1]   0.01022448 
_atom_sites.fract_transf_matrix[2][2]   -0.00956778 
_atom_sites.fract_transf_matrix[2][3]   0.00004008 
_atom_sites.fract_transf_matrix[3][1]   0.01131277 
_atom_sites.fract_transf_matrix[3][2]   0.01205150 
_atom_sites.fract_transf_matrix[3][3]   -0.00901115 
_atom_sites.fract_transf_vector[1]      -0.157690 
_atom_sites.fract_transf_vector[2]      0.387791 
_atom_sites.fract_transf_vector[3]      0.320780 
_atom_sites.solution_primary            ? 
_atom_sites.solution_secondary          ? 
_atom_sites.solution_hydrogens          ? 
_atom_sites.special_details             ? 
# 
loop_
_atom_type.symbol 
C  
CA 
CL 
FE 
N  
NI 
O  
S  
# 
loop_
_atom_site.group_PDB 
_atom_site.id 
_atom_site.type_symbol 
_atom_site.label_atom_id 
_atom_site.label_alt_id 
_atom_site.label_comp_id 
_atom_site.label_asym_id 
_atom_site.label_entity_id 
_atom_site.label_seq_id 
_atom_site.pdbx_PDB_ins_code 
_atom_site.Cartn_x 
_atom_site.Cartn_y 
_atom_site.Cartn_z 
_atom_site.occupancy 
_atom_site.B_iso_or_equiv 
_atom_site.pdbx_formal_charge 
_atom_site.auth_seq_id 
_atom_site.auth_comp_id 
_atom_site.auth_asym_id 
_atom_site.auth_atom_id 
_atom_site.pdbx_PDB_model_num 
ATOM   1   N  N   . ALA A 1 1   ? -3.124  14.173  -0.593  1.00 26.57 ? 1   ALA A N   1 
ATOM   2   C  CA  . ALA A 1 1   ? -2.050  14.226  0.401   1.00 25.56 ? 1   ALA A CA  1 
ATOM   3   C  C   . ALA A 1 1   ? -0.675  14.066  -0.255  1.00 28.57 ? 1   ALA A C   1 
ATOM   4   O  O   . ALA A 1 1   ? -0.577  13.563  -1.373  1.00 30.86 ? 1   ALA A O   1 
ATOM   5   C  CB  . ALA A 1 1   ? -2.267  13.152  1.454   1.00 27.14 ? 1   ALA A CB  1 
ATOM   6   N  N   . ASP A 1 2   ? 0.396   14.491  0.419   1.00 27.54 ? 2   ASP A N   1 
ATOM   7   C  CA  . ASP A 1 2   ? 1.694   14.323  -0.220  1.00 26.38 ? 2   ASP A CA  1 
ATOM   8   C  C   . ASP A 1 2   ? 2.210   12.901  0.010   1.00 20.22 ? 2   ASP A C   1 
ATOM   9   O  O   . ASP A 1 2   ? 1.626   12.114  0.752   1.00 23.73 ? 2   ASP A O   1 
ATOM   10  C  CB  . ASP A 1 2   ? 2.695   15.387  0.254   1.00 31.65 ? 2   ASP A CB  1 
ATOM   11  C  CG  . ASP A 1 2   ? 2.978   15.347  1.766   1.00 42.12 ? 2   ASP A CG  1 
ATOM   12  O  OD1 . ASP A 1 2   ? 2.820   14.292  2.419   1.00 39.51 ? 2   ASP A OD1 1 
ATOM   13  O  OD2 . ASP A 1 2   ? 3.377   16.403  2.305   1.00 47.02 ? 2   ASP A OD2 1 
ATOM   14  N  N   . LEU A 1 3   ? 3.308   12.569  -0.671  1.00 25.83 ? 3   LEU A N   1 
ATOM   15  C  CA  . LEU A 1 3   ? 3.803   11.192  -0.669  1.00 26.54 ? 3   LEU A CA  1 
ATOM   16  C  C   . LEU A 1 3   ? 4.129   10.714  0.749   1.00 26.44 ? 3   LEU A C   1 
ATOM   17  O  O   . LEU A 1 3   ? 3.783   9.591   1.133   1.00 23.27 ? 3   LEU A O   1 
ATOM   18  C  CB  . LEU A 1 3   ? 5.029   11.092  -1.582  1.00 17.65 ? 3   LEU A CB  1 
ATOM   19  C  CG  . LEU A 1 3   ? 5.563   9.681   -1.821  1.00 32.72 ? 3   LEU A CG  1 
ATOM   20  C  CD1 . LEU A 1 3   ? 4.447   8.771   -2.362  1.00 21.54 ? 3   LEU A CD1 1 
ATOM   21  C  CD2 . LEU A 1 3   ? 6.750   9.716   -2.764  1.00 26.90 ? 3   LEU A CD2 1 
ATOM   22  N  N   . GLU A 1 4   ? 4.772   11.567  1.544   1.00 23.59 ? 4   GLU A N   1 
ATOM   23  C  CA  . GLU A 1 4   ? 5.159   11.187  2.899   1.00 30.14 ? 4   GLU A CA  1 
ATOM   24  C  C   . GLU A 1 4   ? 3.944   10.876  3.762   1.00 24.40 ? 4   GLU A C   1 
ATOM   25  O  O   . GLU A 1 4   ? 3.950   9.900   4.519   1.00 25.53 ? 4   GLU A O   1 
ATOM   26  C  CB  . GLU A 1 4   ? 5.988   12.307  3.523   1.00 32.06 ? 4   GLU A CB  1 
ATOM   27  C  CG  . GLU A 1 4   ? 6.767   11.913  4.751   1.00 59.76 ? 4   GLU A CG  1 
ATOM   28  C  CD  . GLU A 1 4   ? 7.785   12.974  5.149   1.00 73.02 ? 4   GLU A CD  1 
ATOM   29  O  OE1 . GLU A 1 4   ? 7.823   13.318  6.349   1.00 72.21 ? 4   GLU A OE1 1 
ATOM   30  O  OE2 . GLU A 1 4   ? 8.541   13.453  4.265   1.00 67.62 ? 4   GLU A OE2 1 
ATOM   31  N  N   . ASP A 1 5   ? 2.885   11.681  3.652   1.00 25.07 ? 5   ASP A N   1 
ATOM   32  C  CA  . ASP A 1 5   ? 1.679   11.410  4.429   1.00 29.39 ? 5   ASP A CA  1 
ATOM   33  C  C   . ASP A 1 5   ? 1.000   10.119  3.983   1.00 25.85 ? 5   ASP A C   1 
ATOM   34  O  O   . ASP A 1 5   ? 0.439   9.389   4.806   1.00 22.87 ? 5   ASP A O   1 
ATOM   35  C  CB  . ASP A 1 5   ? 0.705   12.584  4.321   1.00 31.49 ? 5   ASP A CB  1 
ATOM   36  C  CG  . ASP A 1 5   ? 1.195   13.826  5.070   1.00 48.05 ? 5   ASP A CG  1 
ATOM   37  O  OD1 . ASP A 1 5   ? 1.984   13.683  6.030   1.00 41.48 ? 5   ASP A OD1 1 
ATOM   38  O  OD2 . ASP A 1 5   ? 0.793   14.948  4.692   1.00 48.34 ? 5   ASP A OD2 1 
ATOM   39  N  N   . ASN A 1 6   ? 1.021   9.824   2.680   1.00 22.62 ? 6   ASN A N   1 
ATOM   40  C  CA  . ASN A 1 6   ? 0.428   8.571   2.225   1.00 22.71 ? 6   ASN A CA  1 
ATOM   41  C  C   . ASN A 1 6   ? 1.208   7.374   2.761   1.00 22.43 ? 6   ASN A C   1 
ATOM   42  O  O   . ASN A 1 6   ? 0.614   6.352   3.122   1.00 23.79 ? 6   ASN A O   1 
ATOM   43  C  CB  . ASN A 1 6   ? 0.345   8.553   0.697   1.00 18.57 ? 6   ASN A CB  1 
ATOM   44  C  CG  . ASN A 1 6   ? -0.816  9.400   0.176   1.00 24.95 ? 6   ASN A CG  1 
ATOM   45  O  OD1 . ASN A 1 6   ? -1.912  9.360   0.729   1.00 24.47 ? 6   ASN A OD1 1 
ATOM   46  N  ND2 . ASN A 1 6   ? -0.565  10.194  -0.858  1.00 23.22 ? 6   ASN A ND2 1 
ATOM   47  N  N   . MET A 1 7   ? 2.533   7.498   2.858   1.00 22.65 ? 7   MET A N   1 
ATOM   48  C  CA  . MET A 1 7   ? 3.340   6.411   3.404   1.00 23.43 ? 7   MET A CA  1 
ATOM   49  C  C   . MET A 1 7   ? 3.053   6.183   4.886   1.00 25.34 ? 7   MET A C   1 
ATOM   50  O  O   . MET A 1 7   ? 2.966   5.031   5.333   1.00 21.71 ? 7   MET A O   1 
ATOM   51  C  CB  . MET A 1 7   ? 4.817   6.703   3.161   1.00 18.94 ? 7   MET A CB  1 
ATOM   52  C  CG  . MET A 1 7   ? 5.179   6.639   1.677   1.00 24.31 ? 7   MET A CG  1 
ATOM   53  S  SD  . MET A 1 7   ? 4.798   4.990   1.008   1.00 22.46 ? 7   MET A SD  1 
ATOM   54  C  CE  . MET A 1 7   ? 4.596   5.379   -0.727  1.00 24.37 ? 7   MET A CE  1 
ATOM   55  N  N   . GLU A 1 8   ? 2.878   7.264   5.662   1.00 25.52 ? 8   GLU A N   1 
ATOM   56  C  CA  . GLU A 1 8   ? 2.510   7.105   7.069   1.00 29.34 ? 8   GLU A CA  1 
ATOM   57  C  C   . GLU A 1 8   ? 1.182   6.391   7.203   1.00 23.29 ? 8   GLU A C   1 
ATOM   58  O  O   . GLU A 1 8   ? 1.025   5.497   8.047   1.00 25.86 ? 8   GLU A O   1 
ATOM   59  C  CB  . GLU A 1 8   ? 2.400   8.455   7.773   1.00 21.35 ? 8   GLU A CB  1 
ATOM   60  C  CG  . GLU A 1 8   ? 3.410   9.456   7.391   1.00 49.51 ? 8   GLU A CG  1 
ATOM   61  C  CD  . GLU A 1 8   ? 4.562   9.498   8.347   1.00 68.75 ? 8   GLU A CD  1 
ATOM   62  O  OE1 . GLU A 1 8   ? 4.997   10.629  8.648   1.00 66.95 ? 8   GLU A OE1 1 
ATOM   63  O  OE2 . GLU A 1 8   ? 5.028   8.417   8.785   1.00 66.97 ? 8   GLU A OE2 1 
ATOM   64  N  N   . THR A 1 9   ? 0.197   6.810   6.407   1.00 21.51 ? 9   THR A N   1 
ATOM   65  C  CA  . THR A 1 9   ? -1.094  6.136   6.390   1.00 21.47 ? 9   THR A CA  1 
ATOM   66  C  C   . THR A 1 9   ? -0.924  4.650   6.117   1.00 18.40 ? 9   THR A C   1 
ATOM   67  O  O   . THR A 1 9   ? -1.531  3.812   6.793   1.00 21.37 ? 9   THR A O   1 
ATOM   68  C  CB  . THR A 1 9   ? -1.999  6.782   5.342   1.00 25.70 ? 9   THR A CB  1 
ATOM   69  O  OG1 . THR A 1 9   ? -2.244  8.144   5.709   1.00 23.03 ? 9   THR A OG1 1 
ATOM   70  C  CG2 . THR A 1 9   ? -3.320  6.045   5.235   1.00 24.88 ? 9   THR A CG2 1 
ATOM   71  N  N   . LEU A 1 10  ? -0.081  4.302   5.138   1.00 21.22 ? 10  LEU A N   1 
ATOM   72  C  CA  . LEU A 1 10  ? 0.182   2.888   4.863   1.00 24.73 ? 10  LEU A CA  1 
ATOM   73  C  C   . LEU A 1 10  ? 0.800   2.204   6.079   1.00 25.04 ? 10  LEU A C   1 
ATOM   74  O  O   . LEU A 1 10  ? 0.352   1.131   6.498   1.00 21.50 ? 10  LEU A O   1 
ATOM   75  C  CB  . LEU A 1 10  ? 1.104   2.737   3.648   1.00 20.90 ? 10  LEU A CB  1 
ATOM   76  C  CG  . LEU A 1 10  ? 0.524   3.114   2.277   1.00 25.21 ? 10  LEU A CG  1 
ATOM   77  C  CD1 . LEU A 1 10  ? 1.531   2.898   1.164   1.00 20.10 ? 10  LEU A CD1 1 
ATOM   78  C  CD2 . LEU A 1 10  ? -0.749  2.307   1.994   1.00 20.44 ? 10  LEU A CD2 1 
ATOM   79  N  N   . ASN A 1 11  ? 1.835   2.819   6.659   1.00 25.75 ? 11  ASN A N   1 
ATOM   80  C  CA  . ASN A 1 11  ? 2.535   2.208   7.787   1.00 25.77 ? 11  ASN A CA  1 
ATOM   81  C  C   . ASN A 1 11  ? 1.621   2.094   9.007   1.00 23.98 ? 11  ASN A C   1 
ATOM   82  O  O   . ASN A 1 11  ? 1.575   1.052   9.665   1.00 25.06 ? 11  ASN A O   1 
ATOM   83  C  CB  . ASN A 1 11  ? 3.788   3.027   8.120   1.00 29.12 ? 11  ASN A CB  1 
ATOM   84  C  CG  . ASN A 1 11  ? 4.815   2.233   8.911   1.00 30.62 ? 11  ASN A CG  1 
ATOM   85  O  OD1 . ASN A 1 11  ? 5.159   1.115   8.555   1.00 37.58 ? 11  ASN A OD1 1 
ATOM   86  N  ND2 . ASN A 1 11  ? 5.294   2.811   9.997   1.00 34.66 ? 11  ASN A ND2 1 
ATOM   87  N  N   . ASP A 1 12  ? 0.868   3.154   9.309   1.00 22.44 ? 12  ASP A N   1 
ATOM   88  C  CA  . ASP A 1 12  ? 0.017   3.133   10.494  1.00 24.61 ? 12  ASP A CA  1 
ATOM   89  C  C   . ASP A 1 12  ? -1.065  2.074   10.381  1.00 31.22 ? 12  ASP A C   1 
ATOM   90  O  O   . ASP A 1 12  ? -1.424  1.430   11.375  1.00 31.73 ? 12  ASP A O   1 
ATOM   91  C  CB  . ASP A 1 12  ? -0.615  4.506   10.719  1.00 28.01 ? 12  ASP A CB  1 
ATOM   92  C  CG  . ASP A 1 12  ? 0.393   5.538   11.143  1.00 33.57 ? 12  ASP A CG  1 
ATOM   93  O  OD1 . ASP A 1 12  ? 1.550   5.150   11.428  1.00 42.34 ? 12  ASP A OD1 1 
ATOM   94  O  OD2 . ASP A 1 12  ? 0.036   6.731   11.180  1.00 42.40 ? 12  ASP A OD2 1 
ATOM   95  N  N   . ASN A 1 13  ? -1.595  1.869   9.177   1.00 27.49 ? 13  ASN A N   1 
ATOM   96  C  CA  . ASN A 1 13  ? -2.694  0.924   9.054   1.00 25.75 ? 13  ASN A CA  1 
ATOM   97  C  C   . ASN A 1 13  ? -2.230  -0.524  9.023   1.00 23.62 ? 13  ASN A C   1 
ATOM   98  O  O   . ASN A 1 13  ? -2.999  -1.416  9.404   1.00 27.49 ? 13  ASN A O   1 
ATOM   99  C  CB  . ASN A 1 13  ? -3.526  1.271   7.831   1.00 22.36 ? 13  ASN A CB  1 
ATOM   100 C  CG  . ASN A 1 13  ? -4.514  2.353   8.137   1.00 28.41 ? 13  ASN A CG  1 
ATOM   101 O  OD1 . ASN A 1 13  ? -5.509  2.090   8.792   1.00 26.70 ? 13  ASN A OD1 1 
ATOM   102 N  ND2 . ASN A 1 13  ? -4.231  3.584   7.709   1.00 24.49 ? 13  ASN A ND2 1 
ATOM   103 N  N   . LEU A 1 14  ? -0.998  -0.787  8.576   1.00 24.52 ? 14  LEU A N   1 
ATOM   104 C  CA  . LEU A 1 14  ? -0.432  -2.120  8.757   1.00 29.09 ? 14  LEU A CA  1 
ATOM   105 C  C   . LEU A 1 14  ? -0.463  -2.525  10.226  1.00 33.37 ? 14  LEU A C   1 
ATOM   106 O  O   . LEU A 1 14  ? -0.828  -3.658  10.563  1.00 29.00 ? 14  LEU A O   1 
ATOM   107 C  CB  . LEU A 1 14  ? 1.006   -2.174  8.227   1.00 27.26 ? 14  LEU A CB  1 
ATOM   108 C  CG  . LEU A 1 14  ? 1.241   -2.500  6.745   1.00 24.64 ? 14  LEU A CG  1 
ATOM   109 C  CD1 . LEU A 1 14  ? 2.731   -2.649  6.458   1.00 25.80 ? 14  LEU A CD1 1 
ATOM   110 C  CD2 . LEU A 1 14  ? 0.487   -3.741  6.307   1.00 22.93 ? 14  LEU A CD2 1 
ATOM   111 N  N   . LYS A 1 15  ? -0.088  -1.601  11.115  1.00 28.47 ? 15  LYS A N   1 
ATOM   112 C  CA  . LYS A 1 15  ? -0.103  -1.895  12.542  1.00 34.23 ? 15  LYS A CA  1 
ATOM   113 C  C   . LYS A 1 15  ? -1.523  -2.024  13.066  1.00 34.14 ? 15  LYS A C   1 
ATOM   114 O  O   . LYS A 1 15  ? -1.808  -2.918  13.871  1.00 35.13 ? 15  LYS A O   1 
ATOM   115 C  CB  . LYS A 1 15  ? 0.650   -0.811  13.307  1.00 27.43 ? 15  LYS A CB  1 
ATOM   116 C  CG  . LYS A 1 15  ? 2.140   -0.823  13.039  1.00 39.13 ? 15  LYS A CG  1 
ATOM   117 C  CD  . LYS A 1 15  ? 2.663   0.593   12.977  1.00 46.49 ? 15  LYS A CD  1 
ATOM   118 C  CE  . LYS A 1 15  ? 4.078   0.672   13.485  1.00 41.89 ? 15  LYS A CE  1 
ATOM   119 N  NZ  . LYS A 1 15  ? 4.418   2.085   13.795  1.00 61.20 ? 15  LYS A NZ  1 
ATOM   120 N  N   . VAL A 1 16  ? -2.423  -1.136  12.629  1.00 26.51 ? 16  VAL A N   1 
ATOM   121 C  CA  . VAL A 1 16  ? -3.829  -1.260  13.008  1.00 29.07 ? 16  VAL A CA  1 
ATOM   122 C  C   . VAL A 1 16  ? -4.352  -2.639  12.644  1.00 30.53 ? 16  VAL A C   1 
ATOM   123 O  O   . VAL A 1 16  ? -5.051  -3.286  13.435  1.00 30.99 ? 16  VAL A O   1 
ATOM   124 C  CB  . VAL A 1 16  ? -4.663  -0.142  12.355  1.00 28.80 ? 16  VAL A CB  1 
ATOM   125 C  CG1 . VAL A 1 16  ? -6.162  -0.452  12.467  1.00 29.95 ? 16  VAL A CG1 1 
ATOM   126 C  CG2 . VAL A 1 16  ? -4.340  1.200   13.009  1.00 25.10 ? 16  VAL A CG2 1 
ATOM   127 N  N   . ILE A 1 17  ? -4.003  -3.126  11.454  1.00 26.75 ? 17  ILE A N   1 
ATOM   128 C  CA  . ILE A 1 17  ? -4.481  -4.437  11.044  1.00 26.90 ? 17  ILE A CA  1 
ATOM   129 C  C   . ILE A 1 17  ? -3.914  -5.519  11.953  1.00 31.82 ? 17  ILE A C   1 
ATOM   130 O  O   . ILE A 1 17  ? -4.626  -6.448  12.353  1.00 28.62 ? 17  ILE A O   1 
ATOM   131 C  CB  . ILE A 1 17  ? -4.126  -4.692  9.571   1.00 22.23 ? 17  ILE A CB  1 
ATOM   132 C  CG1 . ILE A 1 17  ? -5.050  -3.870  8.670   1.00 29.95 ? 17  ILE A CG1 1 
ATOM   133 C  CG2 . ILE A 1 17  ? -4.250  -6.181  9.254   1.00 23.23 ? 17  ILE A CG2 1 
ATOM   134 C  CD1 . ILE A 1 17  ? -4.561  -3.722  7.253   1.00 19.66 ? 17  ILE A CD1 1 
ATOM   135 N  N   . GLU A 1 18  ? -2.623  -5.423  12.282  1.00 30.96 ? 18  GLU A N   1 
ATOM   136 C  CA  . GLU A 1 18  ? -1.987  -6.452  13.099  1.00 33.30 ? 18  GLU A CA  1 
ATOM   137 C  C   . GLU A 1 18  ? -2.692  -6.603  14.444  1.00 28.06 ? 18  GLU A C   1 
ATOM   138 O  O   . GLU A 1 18  ? -2.880  -7.719  14.938  1.00 29.36 ? 18  GLU A O   1 
ATOM   139 C  CB  . GLU A 1 18  ? -0.513  -6.111  13.310  1.00 32.27 ? 18  GLU A CB  1 
ATOM   140 C  CG  . GLU A 1 18  ? 0.241   -7.163  14.107  1.00 37.50 ? 18  GLU A CG  1 
ATOM   141 C  CD  . GLU A 1 18  ? 1.505   -6.613  14.739  1.00 49.03 ? 18  GLU A CD  1 
ATOM   142 O  OE1 . GLU A 1 18  ? 1.807   -7.005  15.888  1.00 48.70 ? 18  GLU A OE1 1 
ATOM   143 O  OE2 . GLU A 1 18  ? 2.185   -5.782  14.093  1.00 45.46 ? 18  GLU A OE2 1 
ATOM   144 N  N   . LYS A 1 19  ? -3.112  -5.490  15.031  1.00 29.41 ? 19  LYS A N   1 
ATOM   145 C  CA  . LYS A 1 19  ? -3.736  -5.473  16.342  1.00 35.00 ? 19  LYS A CA  1 
ATOM   146 C  C   . LYS A 1 19  ? -5.256  -5.506  16.279  1.00 34.55 ? 19  LYS A C   1 
ATOM   147 O  O   . LYS A 1 19  ? -5.899  -5.353  17.319  1.00 36.04 ? 19  LYS A O   1 
ATOM   148 C  CB  . LYS A 1 19  ? -3.288  -4.226  17.116  1.00 28.31 ? 19  LYS A CB  1 
ATOM   149 C  CG  . LYS A 1 19  ? -1.778  -4.069  17.225  1.00 31.32 ? 19  LYS A CG  1 
ATOM   150 C  CD  . LYS A 1 19  ? -1.163  -5.249  17.954  1.00 37.13 ? 19  LYS A CD  1 
ATOM   151 C  CE  . LYS A 1 19  ? 0.344   -5.077  18.149  1.00 46.73 ? 19  LYS A CE  1 
ATOM   152 N  NZ  . LYS A 1 19  ? 0.685   -3.965  19.082  1.00 46.48 ? 19  LYS A NZ  1 
ATOM   153 N  N   . ALA A 1 20  ? -5.849  -5.673  15.099  1.00 34.93 ? 20  ALA A N   1 
ATOM   154 C  CA  . ALA A 1 20  ? -7.303  -5.574  15.000  1.00 40.80 ? 20  ALA A CA  1 
ATOM   155 C  C   . ALA A 1 20  ? -7.987  -6.734  15.716  1.00 35.98 ? 20  ALA A C   1 
ATOM   156 O  O   . ALA A 1 20  ? -7.460  -7.845  15.792  1.00 31.92 ? 20  ALA A O   1 
ATOM   157 C  CB  . ALA A 1 20  ? -7.749  -5.541  13.541  1.00 30.07 ? 20  ALA A CB  1 
ATOM   158 N  N   . ASP A 1 21  ? -9.187  -6.465  16.234  1.00 35.65 ? 21  ASP A N   1 
ATOM   159 C  CA  . ASP A 1 21  ? -9.965  -7.449  16.969  1.00 37.21 ? 21  ASP A CA  1 
ATOM   160 C  C   . ASP A 1 21  ? -11.145 -8.030  16.193  1.00 45.06 ? 21  ASP A C   1 
ATOM   161 O  O   . ASP A 1 21  ? -11.772 -8.968  16.694  1.00 40.44 ? 21  ASP A O   1 
ATOM   162 C  CB  . ASP A 1 21  ? -10.492 -6.841  18.280  1.00 34.68 ? 21  ASP A CB  1 
ATOM   163 C  CG  . ASP A 1 21  ? -9.388  -6.557  19.289  1.00 33.93 ? 21  ASP A CG  1 
ATOM   164 O  OD1 . ASP A 1 21  ? -8.233  -6.998  19.093  1.00 36.74 ? 21  ASP A OD1 1 
ATOM   165 O  OD2 . ASP A 1 21  ? -9.675  -5.866  20.285  1.00 47.28 ? 21  ASP A OD2 1 
ATOM   166 N  N   . ASN A 1 22  ? -11.474 -7.513  15.004  1.00 35.09 ? 22  ASN A N   1 
ATOM   167 C  CA  . ASN A 1 22  ? -12.631 -8.016  14.262  1.00 44.15 ? 22  ASN A CA  1 
ATOM   168 C  C   . ASN A 1 22  ? -12.507 -7.653  12.785  1.00 47.45 ? 22  ASN A C   1 
ATOM   169 O  O   . ASN A 1 22  ? -11.634 -6.882  12.380  1.00 36.84 ? 22  ASN A O   1 
ATOM   170 C  CB  . ASN A 1 22  ? -13.943 -7.470  14.835  1.00 33.40 ? 22  ASN A CB  1 
ATOM   171 C  CG  . ASN A 1 22  ? -13.976 -5.955  14.864  1.00 47.57 ? 22  ASN A CG  1 
ATOM   172 O  OD1 . ASN A 1 22  ? -13.894 -5.300  13.825  1.00 45.82 ? 22  ASN A OD1 1 
ATOM   173 N  ND2 . ASN A 1 22  ? -14.094 -5.388  16.057  1.00 39.97 ? 22  ASN A ND2 1 
ATOM   174 N  N   . ALA A 1 23  ? -13.426 -8.204  11.985  1.00 46.31 ? 23  ALA A N   1 
ATOM   175 C  CA  . ALA A 1 23  ? -13.327 -8.069  10.533  1.00 37.32 ? 23  ALA A CA  1 
ATOM   176 C  C   . ALA A 1 23  ? -13.465 -6.618  10.089  1.00 42.14 ? 23  ALA A C   1 
ATOM   177 O  O   . ALA A 1 23  ? -12.730 -6.162  9.201   1.00 36.06 ? 23  ALA A O   1 
ATOM   178 C  CB  . ALA A 1 23  ? -14.379 -8.935  9.847   1.00 32.47 ? 23  ALA A CB  1 
ATOM   179 N  N   . ALA A 1 24  ? -14.391 -5.875  10.710  1.00 32.31 ? 24  ALA A N   1 
ATOM   180 C  CA  . ALA A 1 24  ? -14.679 -4.511  10.282  1.00 34.97 ? 24  ALA A CA  1 
ATOM   181 C  C   . ALA A 1 24  ? -13.467 -3.605  10.454  1.00 42.98 ? 24  ALA A C   1 
ATOM   182 O  O   . ALA A 1 24  ? -13.239 -2.700  9.641   1.00 31.52 ? 24  ALA A O   1 
ATOM   183 C  CB  . ALA A 1 24  ? -15.871 -3.960  11.061  1.00 41.65 ? 24  ALA A CB  1 
ATOM   184 N  N   . GLN A 1 25  ? -12.679 -3.833  11.509  1.00 37.00 ? 25  GLN A N   1 
ATOM   185 C  CA  . GLN A 1 25  ? -11.493 -3.015  11.741  1.00 30.02 ? 25  GLN A CA  1 
ATOM   186 C  C   . GLN A 1 25  ? -10.432 -3.266  10.677  1.00 29.65 ? 25  GLN A C   1 
ATOM   187 O  O   . GLN A 1 25  ? -9.750  -2.333  10.244  1.00 30.94 ? 25  GLN A O   1 
ATOM   188 C  CB  . GLN A 1 25  ? -10.932 -3.296  13.132  1.00 36.47 ? 25  GLN A CB  1 
ATOM   189 C  CG  . GLN A 1 25  ? -11.697 -2.614  14.244  1.00 40.53 ? 25  GLN A CG  1 
ATOM   190 C  CD  . GLN A 1 25  ? -11.362 -3.187  15.601  1.00 45.90 ? 25  GLN A CD  1 
ATOM   191 O  OE1 . GLN A 1 25  ? -10.552 -4.109  15.715  1.00 38.24 ? 25  GLN A OE1 1 
ATOM   192 N  NE2 . GLN A 1 25  ? -11.980 -2.640  16.641  1.00 44.08 ? 25  GLN A NE2 1 
ATOM   193 N  N   . VAL A 1 26  ? -10.278 -4.521  10.251  1.00 25.13 ? 26  VAL A N   1 
ATOM   194 C  CA  . VAL A 1 26  ? -9.333  -4.851  9.194   1.00 32.56 ? 26  VAL A CA  1 
ATOM   195 C  C   . VAL A 1 26  ? -9.804  -4.269  7.863   1.00 31.68 ? 26  VAL A C   1 
ATOM   196 O  O   . VAL A 1 26  ? -9.027  -3.634  7.138   1.00 30.30 ? 26  VAL A O   1 
ATOM   197 C  CB  . VAL A 1 26  ? -9.141  -6.375  9.113   1.00 30.97 ? 26  VAL A CB  1 
ATOM   198 C  CG1 . VAL A 1 26  ? -8.272  -6.754  7.919   1.00 22.76 ? 26  VAL A CG1 1 
ATOM   199 C  CG2 . VAL A 1 26  ? -8.537  -6.901  10.413  1.00 34.54 ? 26  VAL A CG2 1 
ATOM   200 N  N   . LYS A 1 27  ? -11.083 -4.498  7.526   1.00 28.27 ? 27  LYS A N   1 
ATOM   201 C  CA  . LYS A 1 27  ? -11.678 -3.915  6.323   1.00 34.18 ? 27  LYS A CA  1 
ATOM   202 C  C   . LYS A 1 27  ? -11.440 -2.415  6.246   1.00 33.02 ? 27  LYS A C   1 
ATOM   203 O  O   . LYS A 1 27  ? -10.999 -1.898  5.215   1.00 27.02 ? 27  LYS A O   1 
ATOM   204 C  CB  . LYS A 1 27  ? -13.185 -4.186  6.290   1.00 27.78 ? 27  LYS A CB  1 
ATOM   205 C  CG  . LYS A 1 27  ? -13.584 -5.549  5.780   1.00 38.19 ? 27  LYS A CG  1 
ATOM   206 C  CD  . LYS A 1 27  ? -15.108 -5.678  5.691   1.00 49.37 ? 27  LYS A CD  1 
ATOM   207 C  CE  . LYS A 1 27  ? -15.710 -6.159  7.002   1.00 48.79 ? 27  LYS A CE  1 
ATOM   208 N  NZ  . LYS A 1 27  ? -17.188 -6.376  6.920   1.00 51.11 ? 27  LYS A NZ  1 
ATOM   209 N  N   . ASP A 1 28  ? -11.775 -1.694  7.316   1.00 23.26 ? 28  ASP A N   1 
ATOM   210 C  CA  A ASP A 1 28  ? -11.635 -0.243  7.304   0.55 28.31 ? 28  ASP A CA  1 
ATOM   211 C  CA  B ASP A 1 28  ? -11.636 -0.243  7.297   0.45 28.33 ? 28  ASP A CA  1 
ATOM   212 C  C   . ASP A 1 28  ? -10.183 0.172   7.097   1.00 30.83 ? 28  ASP A C   1 
ATOM   213 O  O   . ASP A 1 28  ? -9.896  1.092   6.322   1.00 25.43 ? 28  ASP A O   1 
ATOM   214 C  CB  A ASP A 1 28  ? -12.183 0.340   8.608   0.55 38.00 ? 28  ASP A CB  1 
ATOM   215 C  CB  B ASP A 1 28  ? -12.197 0.356   8.589   0.45 37.98 ? 28  ASP A CB  1 
ATOM   216 C  CG  A ASP A 1 28  ? -12.055 1.844   8.674   0.55 34.84 ? 28  ASP A CG  1 
ATOM   217 C  CG  B ASP A 1 28  ? -13.708 0.204   8.701   0.45 39.36 ? 28  ASP A CG  1 
ATOM   218 O  OD1 A ASP A 1 28  ? -12.733 2.539   7.890   0.55 48.52 ? 28  ASP A OD1 1 
ATOM   219 O  OD1 B ASP A 1 28  ? -14.327 -0.390  7.790   0.45 48.52 ? 28  ASP A OD1 1 
ATOM   220 O  OD2 A ASP A 1 28  ? -11.278 2.330   9.517   0.55 38.31 ? 28  ASP A OD2 1 
ATOM   221 O  OD2 B ASP A 1 28  ? -14.275 0.678   9.707   0.45 40.12 ? 28  ASP A OD2 1 
ATOM   222 N  N   . ALA A 1 29  ? -9.249  -0.497  7.782   1.00 25.19 ? 29  ALA A N   1 
ATOM   223 C  CA  . ALA A 1 29  ? -7.835  -0.159  7.623   1.00 26.90 ? 29  ALA A CA  1 
ATOM   224 C  C   . ALA A 1 29  ? -7.350  -0.452  6.205   1.00 20.38 ? 29  ALA A C   1 
ATOM   225 O  O   . ALA A 1 29  ? -6.617  0.349   5.620   1.00 22.99 ? 29  ALA A O   1 
ATOM   226 C  CB  . ALA A 1 29  ? -6.991  -0.915  8.650   1.00 22.51 ? 29  ALA A CB  1 
ATOM   227 N  N   . LEU A 1 30  ? -7.768  -1.582  5.632   1.00 21.02 ? 30  LEU A N   1 
ATOM   228 C  CA  . LEU A 1 30  ? -7.362  -1.914  4.270   1.00 25.04 ? 30  LEU A CA  1 
ATOM   229 C  C   . LEU A 1 30  ? -7.906  -0.905  3.263   1.00 27.12 ? 30  LEU A C   1 
ATOM   230 O  O   . LEU A 1 30  ? -7.236  -0.590  2.272   1.00 25.45 ? 30  LEU A O   1 
ATOM   231 C  CB  . LEU A 1 30  ? -7.814  -3.333  3.913   1.00 19.01 ? 30  LEU A CB  1 
ATOM   232 C  CG  . LEU A 1 30  ? -7.014  -4.474  4.566   1.00 19.89 ? 30  LEU A CG  1 
ATOM   233 C  CD1 . LEU A 1 30  ? -7.757  -5.796  4.389   1.00 20.77 ? 30  LEU A CD1 1 
ATOM   234 C  CD2 . LEU A 1 30  ? -5.598  -4.574  4.000   1.00 17.74 ? 30  LEU A CD2 1 
ATOM   235 N  N   . LYS A 1 31  ? -9.117  -0.390  3.495   1.00 24.44 ? 31  LYS A N   1 
ATOM   236 C  CA  . LYS A 1 31  ? -9.669  0.619   2.594   1.00 27.33 ? 31  LYS A CA  1 
ATOM   237 C  C   . LYS A 1 31  ? -8.858  1.908   2.651   1.00 22.74 ? 31  LYS A C   1 
ATOM   238 O  O   . LYS A 1 31  ? -8.628  2.552   1.622   1.00 22.53 ? 31  LYS A O   1 
ATOM   239 C  CB  . LYS A 1 31  ? -11.136 0.904   2.931   1.00 28.26 ? 31  LYS A CB  1 
ATOM   240 C  CG  . LYS A 1 31  ? -11.792 1.896   1.958   1.00 28.63 ? 31  LYS A CG  1 
ATOM   241 C  CD  . LYS A 1 31  ? -13.300 1.959   2.137   1.00 44.71 ? 31  LYS A CD  1 
ATOM   242 C  CE  . LYS A 1 31  ? -13.994 0.974   1.215   1.00 60.08 ? 31  LYS A CE  1 
ATOM   243 N  NZ  . LYS A 1 31  ? -15.476 0.994   1.384   1.00 67.41 ? 31  LYS A NZ  1 
ATOM   244 N  N   . LYS A 1 32  ? -8.419  2.308   3.842   1.00 22.70 ? 32  LYS A N   1 
ATOM   245 C  CA  . LYS A 1 32  ? -7.561  3.479   3.933   1.00 24.06 ? 32  LYS A CA  1 
ATOM   246 C  C   . LYS A 1 32  ? -6.230  3.241   3.241   1.00 21.16 ? 32  LYS A C   1 
ATOM   247 O  O   . LYS A 1 32  ? -5.652  4.172   2.670   1.00 19.97 ? 32  LYS A O   1 
ATOM   248 C  CB  . LYS A 1 32  ? -7.318  3.856   5.390   1.00 28.15 ? 32  LYS A CB  1 
ATOM   249 C  CG  . LYS A 1 32  ? -8.561  4.158   6.198   1.00 28.47 ? 32  LYS A CG  1 
ATOM   250 C  CD  . LYS A 1 32  ? -8.129  4.449   7.639   1.00 35.58 ? 32  LYS A CD  1 
ATOM   251 C  CE  . LYS A 1 32  ? -9.289  4.442   8.615   1.00 48.60 ? 32  LYS A CE  1 
ATOM   252 N  NZ  . LYS A 1 32  ? -10.121 5.658   8.513   1.00 54.40 ? 32  LYS A NZ  1 
ATOM   253 N  N   . MET A 1 33  ? -5.728  2.010   3.276   1.00 20.37 ? 33  MET A N   1 
ATOM   254 C  CA  . MET A 1 33  ? -4.472  1.722   2.591   1.00 22.18 ? 33  MET A CA  1 
ATOM   255 C  C   . MET A 1 33  ? -4.622  1.867   1.082   1.00 19.12 ? 33  MET A C   1 
ATOM   256 O  O   . MET A 1 33  ? -3.774  2.480   0.428   1.00 20.84 ? 33  MET A O   1 
ATOM   257 C  CB  . MET A 1 33  ? -3.984  0.323   2.955   1.00 19.42 ? 33  MET A CB  1 
ATOM   258 C  CG  . MET A 1 33  ? -3.523  0.238   4.422   1.00 21.22 ? 33  MET A CG  1 
ATOM   259 S  SD  . MET A 1 33  ? -2.762  -1.333  4.841   1.00 25.05 ? 33  MET A SD  1 
ATOM   260 C  CE  . MET A 1 33  ? -1.141  -1.131  4.097   1.00 18.55 ? 33  MET A CE  1 
ATOM   261 N  N   . ARG A 1 34  ? -5.699  1.303   0.513   1.00 18.42 ? 34  ARG A N   1 
ATOM   262 C  CA  . ARG A 1 34  ? -5.925  1.398   -0.928  1.00 21.38 ? 34  ARG A CA  1 
ATOM   263 C  C   . ARG A 1 34  ? -6.006  2.852   -1.371  1.00 20.99 ? 34  ARG A C   1 
ATOM   264 O  O   . ARG A 1 34  ? -5.379  3.254   -2.356  1.00 23.21 ? 34  ARG A O   1 
ATOM   265 C  CB  . ARG A 1 34  ? -7.211  0.651   -1.316  1.00 22.70 ? 34  ARG A CB  1 
ATOM   266 C  CG  . ARG A 1 34  ? -7.426  0.534   -2.839  1.00 25.37 ? 34  ARG A CG  1 
ATOM   267 C  CD  . ARG A 1 34  ? -8.767  -0.139  -3.173  1.00 27.53 ? 34  ARG A CD  1 
ATOM   268 N  NE  . ARG A 1 34  ? -9.901  0.760   -3.057  1.00 29.62 ? 34  ARG A NE  1 
ATOM   269 C  CZ  . ARG A 1 34  ? -11.164 0.365   -2.948  1.00 34.37 ? 34  ARG A CZ  1 
ATOM   270 N  NH1 . ARG A 1 34  ? -12.123 1.274   -2.858  1.00 23.67 ? 34  ARG A NH1 1 
ATOM   271 N  NH2 . ARG A 1 34  ? -11.472 -0.931  -2.936  1.00 29.57 ? 34  ARG A NH2 1 
ATOM   272 N  N   . LYS A 1 35  ? -6.780  3.656   -0.638  1.00 22.43 ? 35  LYS A N   1 
ATOM   273 C  CA  . LYS A 1 35  ? -6.898  5.076   -0.942  1.00 21.12 ? 35  LYS A CA  1 
ATOM   274 C  C   . LYS A 1 35  ? -5.535  5.754   -0.928  1.00 25.64 ? 35  LYS A C   1 
ATOM   275 O  O   . LYS A 1 35  ? -5.222  6.558   -1.814  1.00 21.50 ? 35  LYS A O   1 
ATOM   276 C  CB  . LYS A 1 35  ? -7.846  5.727   0.070   1.00 17.88 ? 35  LYS A CB  1 
ATOM   277 C  CG  . LYS A 1 35  ? -7.981  7.243   -0.047  1.00 29.14 ? 35  LYS A CG  1 
ATOM   278 C  CD  . LYS A 1 35  ? -8.909  7.766   1.052   1.00 42.22 ? 35  LYS A CD  1 
ATOM   279 C  CE  . LYS A 1 35  ? -8.932  9.280   1.112   1.00 38.88 ? 35  LYS A CE  1 
ATOM   280 N  NZ  . LYS A 1 35  ? -9.887  9.829   0.113   1.00 56.96 ? 35  LYS A NZ  1 
ATOM   281 N  N   . ALA A 1 36  ? -4.698  5.420   0.057   1.00 22.74 ? 36  ALA A N   1 
ATOM   282 C  CA  . ALA A 1 36  ? -3.375  6.045   0.143   1.00 21.09 ? 36  ALA A CA  1 
ATOM   283 C  C   . ALA A 1 36  ? -2.464  5.566   -0.981  1.00 21.05 ? 36  ALA A C   1 
ATOM   284 O  O   . ALA A 1 36  ? -1.702  6.360   -1.546  1.00 17.97 ? 36  ALA A O   1 
ATOM   285 C  CB  . ALA A 1 36  ? -2.742  5.756   1.507   1.00 17.43 ? 36  ALA A CB  1 
ATOM   286 N  N   . ALA A 1 37  ? -2.534  4.272   -1.322  1.00 20.21 ? 37  ALA A N   1 
ATOM   287 C  CA  . ALA A 1 37  ? -1.741  3.748   -2.434  1.00 17.23 ? 37  ALA A CA  1 
ATOM   288 C  C   . ALA A 1 37  ? -2.066  4.478   -3.735  1.00 18.75 ? 37  ALA A C   1 
ATOM   289 O  O   . ALA A 1 37  ? -1.161  4.899   -4.468  1.00 21.88 ? 37  ALA A O   1 
ATOM   290 C  CB  . ALA A 1 37  ? -1.979  2.241   -2.588  1.00 16.19 ? 37  ALA A CB  1 
ATOM   291 N  N   . LEU A 1 38  ? -3.356  4.644   -4.039  1.00 19.87 ? 38  LEU A N   1 
ATOM   292 C  CA  . LEU A 1 38  ? -3.730  5.319   -5.282  1.00 24.44 ? 38  LEU A CA  1 
ATOM   293 C  C   . LEU A 1 38  ? -3.303  6.781   -5.254  1.00 24.85 ? 38  LEU A C   1 
ATOM   294 O  O   . LEU A 1 38  ? -2.836  7.320   -6.266  1.00 20.46 ? 38  LEU A O   1 
ATOM   295 C  CB  . LEU A 1 38  ? -5.237  5.192   -5.516  1.00 22.09 ? 38  LEU A CB  1 
ATOM   296 C  CG  . LEU A 1 38  ? -5.694  3.737   -5.690  1.00 25.02 ? 38  LEU A CG  1 
ATOM   297 C  CD1 . LEU A 1 38  ? -7.224  3.599   -5.758  1.00 23.82 ? 38  LEU A CD1 1 
ATOM   298 C  CD2 . LEU A 1 38  ? -5.058  3.138   -6.918  1.00 18.57 ? 38  LEU A CD2 1 
ATOM   299 N  N   . ASP A 1 39  ? -3.409  7.424   -4.088  1.00 22.93 ? 39  ASP A N   1 
ATOM   300 C  CA  . ASP A 1 39  ? -3.002  8.823   -3.978  1.00 21.08 ? 39  ASP A CA  1 
ATOM   301 C  C   . ASP A 1 39  ? -1.494  8.983   -4.136  1.00 26.45 ? 39  ASP A C   1 
ATOM   302 O  O   . ASP A 1 39  ? -1.033  9.957   -4.746  1.00 22.28 ? 39  ASP A O   1 
ATOM   303 C  CB  . ASP A 1 39  ? -3.458  9.394   -2.637  1.00 20.25 ? 39  ASP A CB  1 
ATOM   304 C  CG  . ASP A 1 39  ? -3.504  10.904  -2.644  1.00 22.37 ? 39  ASP A CG  1 
ATOM   305 O  OD1 . ASP A 1 39  ? -4.271  11.478  -3.447  1.00 27.31 ? 39  ASP A OD1 1 
ATOM   306 O  OD2 . ASP A 1 39  ? -2.769  11.523  -1.856  1.00 27.00 ? 39  ASP A OD2 1 
ATOM   307 N  N   . ALA A 1 40  ? -0.709  8.055   -3.569  1.00 21.93 ? 40  ALA A N   1 
ATOM   308 C  CA  . ALA A 1 40  ? 0.748   8.102   -3.724  1.00 26.48 ? 40  ALA A CA  1 
ATOM   309 C  C   . ALA A 1 40  ? 1.156   7.982   -5.182  1.00 23.75 ? 40  ALA A C   1 
ATOM   310 O  O   . ALA A 1 40  ? 2.211   8.493   -5.581  1.00 19.37 ? 40  ALA A O   1 
ATOM   311 C  CB  . ALA A 1 40  ? 1.416   6.981   -2.918  1.00 19.88 ? 40  ALA A CB  1 
ATOM   312 N  N   . LYS A 1 41  ? 0.332   7.303   -5.983  1.00 21.58 ? 41  LYS A N   1 
ATOM   313 C  CA  . LYS A 1 41  ? 0.613   7.101   -7.401  1.00 31.42 ? 41  LYS A CA  1 
ATOM   314 C  C   . LYS A 1 41  ? 0.682   8.420   -8.167  1.00 25.27 ? 41  LYS A C   1 
ATOM   315 O  O   . LYS A 1 41  ? 1.240   8.464   -9.271  1.00 22.49 ? 41  LYS A O   1 
ATOM   316 C  CB  . LYS A 1 41  ? -0.472  6.168   -7.977  1.00 26.99 ? 41  LYS A CB  1 
ATOM   317 C  CG  . LYS A 1 41  ? -0.212  5.554   -9.336  1.00 26.82 ? 41  LYS A CG  1 
ATOM   318 C  CD  . LYS A 1 41  ? -1.416  4.678   -9.746  1.00 19.35 ? 41  LYS A CD  1 
ATOM   319 C  CE  . LYS A 1 41  ? -1.222  4.136   -11.153 1.00 27.85 ? 41  LYS A CE  1 
ATOM   320 N  NZ  . LYS A 1 41  ? -2.452  3.550   -11.768 1.00 28.50 ? 41  LYS A NZ  1 
ATOM   321 N  N   . LYS A 1 42  ? 0.147   9.500   -7.599  1.00 18.79 ? 42  LYS A N   1 
ATOM   322 C  CA  . LYS A 1 42  ? 0.168   10.797  -8.259  1.00 20.68 ? 42  LYS A CA  1 
ATOM   323 C  C   . LYS A 1 42  ? 1.459   11.574  -8.032  1.00 25.70 ? 42  LYS A C   1 
ATOM   324 O  O   . LYS A 1 42  ? 1.656   12.604  -8.683  1.00 28.88 ? 42  LYS A O   1 
ATOM   325 C  CB  . LYS A 1 42  ? -1.021  11.636  -7.779  1.00 24.31 ? 42  LYS A CB  1 
ATOM   326 C  CG  . LYS A 1 42  ? -2.375  10.952  -7.999  1.00 27.08 ? 42  LYS A CG  1 
ATOM   327 C  CD  . LYS A 1 42  ? -3.490  11.619  -7.187  1.00 25.62 ? 42  LYS A CD  1 
ATOM   328 C  CE  . LYS A 1 42  ? -4.796  10.824  -7.270  1.00 31.57 ? 42  LYS A CE  1 
ATOM   329 N  NZ  . LYS A 1 42  ? -5.753  11.127  -6.144  1.00 31.90 ? 42  LYS A NZ  1 
ATOM   330 N  N   . ALA A 1 43  ? 2.344   11.113  -7.150  1.00 25.19 ? 43  ALA A N   1 
ATOM   331 C  CA  . ALA A 1 43  ? 3.506   11.895  -6.742  1.00 24.01 ? 43  ALA A CA  1 
ATOM   332 C  C   . ALA A 1 43  ? 4.739   11.574  -7.579  1.00 23.93 ? 43  ALA A C   1 
ATOM   333 O  O   . ALA A 1 43  ? 4.816   10.554  -8.267  1.00 27.61 ? 43  ALA A O   1 
ATOM   334 C  CB  . ALA A 1 43  ? 3.840   11.648  -5.268  1.00 21.22 ? 43  ALA A CB  1 
ATOM   335 N  N   . THR A 1 44  ? 5.722   12.474  -7.501  1.00 27.12 ? 44  THR A N   1 
ATOM   336 C  CA  . THR A 1 44  ? 7.077   12.224  -7.976  1.00 26.69 ? 44  THR A CA  1 
ATOM   337 C  C   . THR A 1 44  ? 7.978   12.066  -6.759  1.00 28.30 ? 44  THR A C   1 
ATOM   338 O  O   . THR A 1 44  ? 8.082   13.001  -5.951  1.00 27.33 ? 44  THR A O   1 
ATOM   339 C  CB  . THR A 1 44  ? 7.575   13.365  -8.865  1.00 25.76 ? 44  THR A CB  1 
ATOM   340 O  OG1 . THR A 1 44  ? 6.725   13.482  -10.010 1.00 28.91 ? 44  THR A OG1 1 
ATOM   341 C  CG2 . THR A 1 44  ? 9.024   13.110  -9.336  1.00 23.11 ? 44  THR A CG2 1 
ATOM   342 N  N   . PRO A 1 45  ? 8.610   10.910  -6.552  1.00 23.28 ? 45  PRO A N   1 
ATOM   343 C  CA  . PRO A 1 45  ? 9.457   10.757  -5.372  1.00 26.56 ? 45  PRO A CA  1 
ATOM   344 C  C   . PRO A 1 45  ? 10.739  11.550  -5.535  1.00 35.26 ? 45  PRO A C   1 
ATOM   345 O  O   . PRO A 1 45  ? 11.227  11.747  -6.662  1.00 28.42 ? 45  PRO A O   1 
ATOM   346 C  CB  . PRO A 1 45  ? 9.731   9.241   -5.329  1.00 24.58 ? 45  PRO A CB  1 
ATOM   347 C  CG  . PRO A 1 45  ? 9.639   8.812   -6.747  1.00 23.15 ? 45  PRO A CG  1 
ATOM   348 C  CD  . PRO A 1 45  ? 8.605   9.708   -7.402  1.00 26.87 ? 45  PRO A CD  1 
ATOM   349 N  N   . PRO A 1 46  ? 11.329  12.027  -4.431  1.00 31.97 ? 46  PRO A N   1 
ATOM   350 C  CA  . PRO A 1 46  ? 12.551  12.847  -4.536  1.00 41.30 ? 46  PRO A CA  1 
ATOM   351 C  C   . PRO A 1 46  ? 13.650  12.237  -5.396  1.00 33.95 ? 46  PRO A C   1 
ATOM   352 O  O   . PRO A 1 46  ? 14.232  12.946  -6.221  1.00 32.60 ? 46  PRO A O   1 
ATOM   353 C  CB  . PRO A 1 46  ? 12.997  12.989  -3.075  1.00 31.25 ? 46  PRO A CB  1 
ATOM   354 C  CG  . PRO A 1 46  ? 11.730  12.924  -2.302  1.00 33.29 ? 46  PRO A CG  1 
ATOM   355 C  CD  . PRO A 1 46  ? 10.850  11.925  -3.043  1.00 29.92 ? 46  PRO A CD  1 
ATOM   356 N  N   . LYS A 1 47  ? 13.935  10.941  -5.253  1.00 30.73 ? 47  LYS A N   1 
ATOM   357 C  CA  . LYS A 1 47  ? 15.043  10.365  -6.010  1.00 25.45 ? 47  LYS A CA  1 
ATOM   358 C  C   . LYS A 1 47  ? 14.745  10.195  -7.499  1.00 29.74 ? 47  LYS A C   1 
ATOM   359 O  O   . LYS A 1 47  ? 15.652  9.825   -8.250  1.00 30.03 ? 47  LYS A O   1 
ATOM   360 C  CB  . LYS A 1 47  ? 15.455  9.027   -5.399  1.00 31.27 ? 47  LYS A CB  1 
ATOM   361 C  CG  . LYS A 1 47  ? 16.366  9.220   -4.198  1.00 42.70 ? 47  LYS A CG  1 
ATOM   362 C  CD  . LYS A 1 47  ? 16.652  7.945   -3.450  1.00 31.95 ? 47  LYS A CD  1 
ATOM   363 C  CE  . LYS A 1 47  ? 17.461  8.247   -2.182  1.00 41.45 ? 47  LYS A CE  1 
ATOM   364 N  NZ  . LYS A 1 47  ? 17.671  7.045   -1.333  1.00 31.59 ? 47  LYS A NZ  1 
ATOM   365 N  N   . LEU A 1 48  ? 13.522  10.471  -7.954  1.00 31.68 ? 48  LEU A N   1 
ATOM   366 C  CA  . LEU A 1 48  ? 13.208  10.420  -9.380  1.00 28.35 ? 48  LEU A CA  1 
ATOM   367 C  C   . LEU A 1 48  ? 12.890  11.794  -9.963  1.00 32.50 ? 48  LEU A C   1 
ATOM   368 O  O   . LEU A 1 48  ? 12.471  11.883  -11.127 1.00 30.39 ? 48  LEU A O   1 
ATOM   369 C  CB  . LEU A 1 48  ? 12.037  9.458   -9.636  1.00 20.63 ? 48  LEU A CB  1 
ATOM   370 C  CG  . LEU A 1 48  ? 12.291  7.971   -9.361  1.00 28.01 ? 48  LEU A CG  1 
ATOM   371 C  CD1 . LEU A 1 48  ? 11.075  7.117   -9.787  1.00 21.00 ? 48  LEU A CD1 1 
ATOM   372 C  CD2 . LEU A 1 48  ? 13.595  7.471   -10.038 1.00 19.30 ? 48  LEU A CD2 1 
ATOM   373 N  N   . GLU A 1 49  ? 13.075  12.875  -9.197  1.00 27.52 ? 49  GLU A N   1 
ATOM   374 C  CA  . GLU A 1 49  ? 12.613  14.168  -9.698  1.00 34.15 ? 49  GLU A CA  1 
ATOM   375 C  C   . GLU A 1 49  ? 13.446  14.679  -10.870 1.00 33.76 ? 49  GLU A C   1 
ATOM   376 O  O   . GLU A 1 49  ? 12.981  15.549  -11.607 1.00 34.69 ? 49  GLU A O   1 
ATOM   377 C  CB  . GLU A 1 49  ? 12.556  15.200  -8.567  1.00 36.12 ? 49  GLU A CB  1 
ATOM   378 C  CG  . GLU A 1 49  ? 13.880  15.602  -7.959  1.00 50.52 ? 49  GLU A CG  1 
ATOM   379 C  CD  . GLU A 1 49  ? 13.714  16.151  -6.544  1.00 65.89 ? 49  GLU A CD  1 
ATOM   380 O  OE1 . GLU A 1 49  ? 12.558  16.392  -6.121  1.00 62.13 ? 49  GLU A OE1 1 
ATOM   381 O  OE2 . GLU A 1 49  ? 14.738  16.333  -5.851  1.00 72.29 ? 49  GLU A OE2 1 
ATOM   382 N  N   . ASP A 1 50  ? 14.645  14.145  -11.084 1.00 31.62 ? 50  ASP A N   1 
ATOM   383 C  CA  A ASP A 1 50  ? 15.410  14.516  -12.265 0.57 39.50 ? 50  ASP A CA  1 
ATOM   384 C  CA  B ASP A 1 50  ? 15.441  14.487  -12.256 0.43 39.48 ? 50  ASP A CA  1 
ATOM   385 C  C   . ASP A 1 50  ? 15.058  13.677  -13.488 1.00 41.28 ? 50  ASP A C   1 
ATOM   386 O  O   . ASP A 1 50  ? 15.508  14.007  -14.587 1.00 41.31 ? 50  ASP A O   1 
ATOM   387 C  CB  A ASP A 1 50  ? 16.918  14.413  -11.984 0.57 40.49 ? 50  ASP A CB  1 
ATOM   388 C  CB  B ASP A 1 50  ? 16.933  14.283  -11.964 0.43 40.46 ? 50  ASP A CB  1 
ATOM   389 C  CG  A ASP A 1 50  ? 17.414  15.509  -11.054 0.57 36.70 ? 50  ASP A CG  1 
ATOM   390 C  CG  B ASP A 1 50  ? 17.251  12.873  -11.485 0.43 41.26 ? 50  ASP A CG  1 
ATOM   391 O  OD1 A ASP A 1 50  ? 16.728  16.545  -10.933 0.57 40.49 ? 50  ASP A OD1 1 
ATOM   392 O  OD1 B ASP A 1 50  ? 16.364  12.233  -10.871 0.43 35.17 ? 50  ASP A OD1 1 
ATOM   393 O  OD2 A ASP A 1 50  ? 18.487  15.333  -10.442 0.57 48.38 ? 50  ASP A OD2 1 
ATOM   394 O  OD2 B ASP A 1 50  ? 18.386  12.402  -11.726 0.43 36.26 ? 50  ASP A OD2 1 
ATOM   395 N  N   . LYS A 1 51  ? 14.259  12.620  -13.332 1.00 37.67 ? 51  LYS A N   1 
ATOM   396 C  CA  . LYS A 1 51  ? 13.881  11.797  -14.471 1.00 31.19 ? 51  LYS A CA  1 
ATOM   397 C  C   . LYS A 1 51  ? 12.693  12.414  -15.207 1.00 31.51 ? 51  LYS A C   1 
ATOM   398 O  O   . LYS A 1 51  ? 11.947  13.233  -14.664 1.00 36.47 ? 51  LYS A O   1 
ATOM   399 C  CB  . LYS A 1 51  ? 13.540  10.374  -14.019 1.00 35.98 ? 51  LYS A CB  1 
ATOM   400 C  CG  . LYS A 1 51  ? 14.636  9.689   -13.228 1.00 29.55 ? 51  LYS A CG  1 
ATOM   401 C  CD  . LYS A 1 51  ? 15.762  9.214   -14.133 1.00 40.87 ? 51  LYS A CD  1 
ATOM   402 C  CE  . LYS A 1 51  ? 16.825  8.475   -13.332 1.00 45.35 ? 51  LYS A CE  1 
ATOM   403 N  NZ  . LYS A 1 51  ? 17.950  7.987   -14.177 1.00 60.80 ? 51  LYS A NZ  1 
ATOM   404 N  N   . SER A 1 52  ? 12.528  12.016  -16.466 1.00 31.26 ? 52  SER A N   1 
ATOM   405 C  CA  . SER A 1 52  ? 11.395  12.498  -17.243 1.00 32.56 ? 52  SER A CA  1 
ATOM   406 C  C   . SER A 1 52  ? 10.094  11.908  -16.696 1.00 33.11 ? 52  SER A C   1 
ATOM   407 O  O   . SER A 1 52  ? 10.091  10.803  -16.142 1.00 28.37 ? 52  SER A O   1 
ATOM   408 C  CB  . SER A 1 52  ? 11.557  12.131  -18.718 1.00 32.04 ? 52  SER A CB  1 
ATOM   409 O  OG  . SER A 1 52  ? 11.484  10.726  -18.903 1.00 48.86 ? 52  SER A OG  1 
ATOM   410 N  N   . PRO A 1 53  ? 8.971   12.618  -16.856 1.00 34.88 ? 53  PRO A N   1 
ATOM   411 C  CA  . PRO A 1 53  ? 7.752   12.232  -16.125 1.00 30.55 ? 53  PRO A CA  1 
ATOM   412 C  C   . PRO A 1 53  ? 7.221   10.858  -16.492 1.00 34.39 ? 53  PRO A C   1 
ATOM   413 O  O   . PRO A 1 53  ? 6.526   10.241  -15.674 1.00 28.93 ? 53  PRO A O   1 
ATOM   414 C  CB  . PRO A 1 53  ? 6.752   13.338  -16.498 1.00 30.89 ? 53  PRO A CB  1 
ATOM   415 C  CG  . PRO A 1 53  ? 7.570   14.440  -17.098 1.00 40.88 ? 53  PRO A CG  1 
ATOM   416 C  CD  . PRO A 1 53  ? 8.742   13.784  -17.729 1.00 39.01 ? 53  PRO A CD  1 
ATOM   417 N  N   . ALA A 1 54  ? 7.512   10.357  -17.697 1.00 33.75 ? 54  ALA A N   1 
ATOM   418 C  CA  . ALA A 1 54  ? 7.104   9.012   -18.093 1.00 30.63 ? 54  ALA A CA  1 
ATOM   419 C  C   . ALA A 1 54  ? 8.312   8.119   -18.362 1.00 39.15 ? 54  ALA A C   1 
ATOM   420 O  O   . ALA A 1 54  ? 8.229   7.156   -19.131 1.00 29.28 ? 54  ALA A O   1 
ATOM   421 C  CB  . ALA A 1 54  ? 6.188   9.052   -19.312 1.00 32.54 ? 54  ALA A CB  1 
ATOM   422 N  N   . SER A 1 55  ? 9.440   8.433   -17.722 1.00 25.74 ? 55  SER A N   1 
ATOM   423 C  CA  . SER A 1 55  ? 10.604  7.566   -17.723 1.00 24.92 ? 55  SER A CA  1 
ATOM   424 C  C   . SER A 1 55  ? 10.230  6.159   -17.250 1.00 29.70 ? 55  SER A C   1 
ATOM   425 O  O   . SER A 1 55  ? 9.237   5.977   -16.544 1.00 33.85 ? 55  SER A O   1 
ATOM   426 C  CB  . SER A 1 55  ? 11.690  8.187   -16.838 1.00 25.76 ? 55  SER A CB  1 
ATOM   427 O  OG  . SER A 1 55  ? 11.269  8.245   -15.479 1.00 30.17 ? 55  SER A OG  1 
ATOM   428 N  N   . PRO A 1 56  ? 11.000  5.145   -17.661 1.00 26.84 ? 56  PRO A N   1 
ATOM   429 C  CA  . PRO A 1 56  ? 10.743  3.784   -17.165 1.00 21.16 ? 56  PRO A CA  1 
ATOM   430 C  C   . PRO A 1 56  ? 10.675  3.717   -15.654 1.00 22.91 ? 56  PRO A C   1 
ATOM   431 O  O   . PRO A 1 56  ? 9.886   2.934   -15.112 1.00 26.15 ? 56  PRO A O   1 
ATOM   432 C  CB  . PRO A 1 56  ? 11.935  2.983   -17.706 1.00 23.61 ? 56  PRO A CB  1 
ATOM   433 C  CG  . PRO A 1 56  ? 12.420  3.776   -18.889 1.00 34.33 ? 56  PRO A CG  1 
ATOM   434 C  CD  . PRO A 1 56  ? 12.184  5.210   -18.539 1.00 29.48 ? 56  PRO A CD  1 
ATOM   435 N  N   . GLU A 1 57  ? 11.464  4.540   -14.954 1.00 22.42 ? 57  GLU A N   1 
ATOM   436 C  CA  . GLU A 1 57  ? 11.467  4.510   -13.496 1.00 22.78 ? 57  GLU A CA  1 
ATOM   437 C  C   . GLU A 1 57  ? 10.163  5.062   -12.935 1.00 20.92 ? 57  GLU A C   1 
ATOM   438 O  O   . GLU A 1 57  ? 9.630   4.528   -11.960 1.00 22.39 ? 57  GLU A O   1 
ATOM   439 C  CB  . GLU A 1 57  ? 12.666  5.295   -12.953 1.00 24.24 ? 57  GLU A CB  1 
ATOM   440 C  CG  . GLU A 1 57  ? 14.029  4.618   -13.218 1.00 28.51 ? 57  GLU A CG  1 
ATOM   441 C  CD  . GLU A 1 57  ? 14.692  5.077   -14.521 1.00 36.76 ? 57  GLU A CD  1 
ATOM   442 O  OE1 . GLU A 1 57  ? 15.867  4.710   -14.735 1.00 56.26 ? 57  GLU A OE1 1 
ATOM   443 O  OE2 . GLU A 1 57  ? 14.057  5.807   -15.326 1.00 29.36 ? 57  GLU A OE2 1 
ATOM   444 N  N   . MET A 1 58  ? 9.647   6.148   -13.522 1.00 23.98 ? 58  MET A N   1 
ATOM   445 C  CA  . MET A 1 58  ? 8.382   6.703   -13.051 1.00 22.29 ? 58  MET A CA  1 
ATOM   446 C  C   . MET A 1 58  ? 7.222   5.767   -13.374 1.00 25.55 ? 58  MET A C   1 
ATOM   447 O  O   . MET A 1 58  ? 6.258   5.681   -12.601 1.00 21.54 ? 58  MET A O   1 
ATOM   448 C  CB  . MET A 1 58  ? 8.148   8.095   -13.656 1.00 21.38 ? 58  MET A CB  1 
ATOM   449 C  CG  . MET A 1 58  ? 8.938   9.208   -12.970 1.00 22.80 ? 58  MET A CG  1 
ATOM   450 S  SD  . MET A 1 58  ? 8.594   9.318   -11.184 1.00 25.18 ? 58  MET A SD  1 
ATOM   451 C  CE  . MET A 1 58  ? 6.876   9.798   -11.191 1.00 25.72 ? 58  MET A CE  1 
ATOM   452 N  N   . ILE A 1 59  ? 7.285   5.074   -14.523 1.00 23.20 ? 59  ILE A N   1 
ATOM   453 C  CA  . ILE A 1 59  ? 6.265   4.065   -14.834 1.00 24.16 ? 59  ILE A CA  1 
ATOM   454 C  C   . ILE A 1 59  ? 6.345   2.930   -13.823 1.00 21.75 ? 59  ILE A C   1 
ATOM   455 O  O   . ILE A 1 59  ? 5.324   2.471   -13.295 1.00 20.91 ? 59  ILE A O   1 
ATOM   456 C  CB  . ILE A 1 59  ? 6.412   3.535   -16.280 1.00 20.16 ? 59  ILE A CB  1 
ATOM   457 C  CG1 . ILE A 1 59  ? 6.211   4.651   -17.304 1.00 23.09 ? 59  ILE A CG1 1 
ATOM   458 C  CG2 . ILE A 1 59  ? 5.395   2.417   -16.555 1.00 20.06 ? 59  ILE A CG2 1 
ATOM   459 C  CD1 . ILE A 1 59  ? 4.878   5.402   -17.155 1.00 27.45 ? 59  ILE A CD1 1 
ATOM   460 N  N   . ASP A 1 60  ? 7.566   2.480   -13.517 1.00 23.01 ? 60  ASP A N   1 
ATOM   461 C  CA  . ASP A 1 60  ? 7.743   1.394   -12.559 1.00 18.64 ? 60  ASP A CA  1 
ATOM   462 C  C   . ASP A 1 60  ? 7.259   1.805   -11.172 1.00 20.58 ? 60  ASP A C   1 
ATOM   463 O  O   . ASP A 1 60  ? 6.656   1.009   -10.444 1.00 22.73 ? 60  ASP A O   1 
ATOM   464 C  CB  . ASP A 1 60  ? 9.218   0.985   -12.539 1.00 21.23 ? 60  ASP A CB  1 
ATOM   465 C  CG  . ASP A 1 60  ? 9.485   -0.195  -11.640 1.00 25.37 ? 60  ASP A CG  1 
ATOM   466 O  OD1 . ASP A 1 60  ? 8.745   -1.197  -11.719 1.00 28.62 ? 60  ASP A OD1 1 
ATOM   467 O  OD2 . ASP A 1 60  ? 10.440  -0.119  -10.848 1.00 26.17 ? 60  ASP A OD2 1 
ATOM   468 N  N   . PHE A 1 61  ? 7.503   3.059   -10.802 1.00 20.98 ? 61  PHE A N   1 
ATOM   469 C  CA  . PHE A 1 61  ? 6.990   3.608   -9.556  1.00 21.88 ? 61  PHE A CA  1 
ATOM   470 C  C   . PHE A 1 61  ? 5.467   3.559   -9.529  1.00 20.64 ? 61  PHE A C   1 
ATOM   471 O  O   . PHE A 1 61  ? 4.866   3.041   -8.579  1.00 19.96 ? 61  PHE A O   1 
ATOM   472 C  CB  . PHE A 1 61  ? 7.517   5.047   -9.412  1.00 18.93 ? 61  PHE A CB  1 
ATOM   473 C  CG  . PHE A 1 61  ? 6.996   5.797   -8.225  1.00 24.96 ? 61  PHE A CG  1 
ATOM   474 C  CD1 . PHE A 1 61  ? 7.573   5.633   -6.970  1.00 22.53 ? 61  PHE A CD1 1 
ATOM   475 C  CD2 . PHE A 1 61  ? 5.980   6.726   -8.371  1.00 22.62 ? 61  PHE A CD2 1 
ATOM   476 C  CE1 . PHE A 1 61  ? 7.116   6.356   -5.879  1.00 20.66 ? 61  PHE A CE1 1 
ATOM   477 C  CE2 . PHE A 1 61  ? 5.521   7.458   -7.280  1.00 22.94 ? 61  PHE A CE2 1 
ATOM   478 C  CZ  . PHE A 1 61  ? 6.093   7.268   -6.032  1.00 21.78 ? 61  PHE A CZ  1 
ATOM   479 N  N   . ARG A 1 62  ? 4.818   4.079   -10.578 1.00 17.97 ? 62  ARG A N   1 
ATOM   480 C  CA  . ARG A 1 62  ? 3.358   4.132   -10.558 1.00 19.01 ? 62  ARG A CA  1 
ATOM   481 C  C   . ARG A 1 62  ? 2.750   2.731   -10.586 1.00 14.57 ? 62  ARG A C   1 
ATOM   482 O  O   . ARG A 1 62  ? 1.764   2.465   -9.887  1.00 17.58 ? 62  ARG A O   1 
ATOM   483 C  CB  . ARG A 1 62  ? 2.830   4.991   -11.719 1.00 19.12 ? 62  ARG A CB  1 
ATOM   484 C  CG  . ARG A 1 62  ? 2.973   6.501   -11.454 1.00 20.72 ? 62  ARG A CG  1 
ATOM   485 C  CD  . ARG A 1 62  ? 2.109   7.366   -12.394 1.00 19.89 ? 62  ARG A CD  1 
ATOM   486 N  NE  . ARG A 1 62  ? 2.689   7.519   -13.734 1.00 21.23 ? 62  ARG A NE  1 
ATOM   487 C  CZ  . ARG A 1 62  ? 3.627   8.407   -14.066 1.00 25.35 ? 62  ARG A CZ  1 
ATOM   488 N  NH1 . ARG A 1 62  ? 4.106   9.245   -13.155 1.00 19.28 ? 62  ARG A NH1 1 
ATOM   489 N  NH2 . ARG A 1 62  ? 4.082   8.464   -15.319 1.00 18.62 ? 62  ARG A NH2 1 
ATOM   490 N  N   . VAL A 1 63  ? 3.318   1.820   -11.375 1.00 18.71 ? 63  VAL A N   1 
ATOM   491 C  CA  . VAL A 1 63  ? 2.744   0.473   -11.435 1.00 17.43 ? 63  VAL A CA  1 
ATOM   492 C  C   . VAL A 1 63  ? 2.931   -0.249  -10.108 1.00 17.10 ? 63  VAL A C   1 
ATOM   493 O  O   . VAL A 1 63  ? 2.120   -1.101  -9.742  1.00 22.59 ? 63  VAL A O   1 
ATOM   494 C  CB  . VAL A 1 63  ? 3.350   -0.325  -12.606 1.00 22.99 ? 63  VAL A CB  1 
ATOM   495 C  CG1 . VAL A 1 63  ? 2.827   -1.764  -12.601 1.00 20.68 ? 63  VAL A CG1 1 
ATOM   496 C  CG2 . VAL A 1 63  ? 3.013   0.349   -13.942 1.00 20.52 ? 63  VAL A CG2 1 
ATOM   497 N  N   . GLY A 1 64  ? 3.976   0.097   -9.346  1.00 20.24 ? 64  GLY A N   1 
ATOM   498 C  CA  . GLY A 1 64  ? 4.126   -0.481  -8.020  1.00 18.21 ? 64  GLY A CA  1 
ATOM   499 C  C   . GLY A 1 64  ? 2.918   -0.239  -7.137  1.00 17.96 ? 64  GLY A C   1 
ATOM   500 O  O   . GLY A 1 64  ? 2.556   -1.095  -6.325  1.00 16.19 ? 64  GLY A O   1 
ATOM   501 N  N   . PHE A 1 65  ? 2.249   0.904   -7.308  1.00 18.18 ? 65  PHE A N   1 
ATOM   502 C  CA  . PHE A 1 65  ? 1.045   1.146   -6.513  1.00 22.31 ? 65  PHE A CA  1 
ATOM   503 C  C   . PHE A 1 65  ? -0.165  0.389   -7.047  1.00 17.47 ? 65  PHE A C   1 
ATOM   504 O  O   . PHE A 1 65  ? -1.051  0.037   -6.264  1.00 21.11 ? 65  PHE A O   1 
ATOM   505 C  CB  . PHE A 1 65  ? 0.783   2.650   -6.416  1.00 18.33 ? 65  PHE A CB  1 
ATOM   506 C  CG  . PHE A 1 65  ? 1.856   3.371   -5.633  1.00 17.03 ? 65  PHE A CG  1 
ATOM   507 C  CD1 . PHE A 1 65  ? 1.977   3.171   -4.257  1.00 21.99 ? 65  PHE A CD1 1 
ATOM   508 C  CD2 . PHE A 1 65  ? 2.784   4.176   -6.276  1.00 15.51 ? 65  PHE A CD2 1 
ATOM   509 C  CE1 . PHE A 1 65  ? 3.010   3.797   -3.514  1.00 17.39 ? 65  PHE A CE1 1 
ATOM   510 C  CE2 . PHE A 1 65  ? 3.823   4.806   -5.553  1.00 19.06 ? 65  PHE A CE2 1 
ATOM   511 C  CZ  . PHE A 1 65  ? 3.921   4.614   -4.158  1.00 14.45 ? 65  PHE A CZ  1 
ATOM   512 N  N   . ASP A 1 66  ? -0.212  0.092   -8.352  1.00 19.62 ? 66  ASP A N   1 
ATOM   513 C  CA  . ASP A 1 66  ? -1.238  -0.828  -8.848  1.00 20.77 ? 66  ASP A CA  1 
ATOM   514 C  C   . ASP A 1 66  ? -1.044  -2.216  -8.250  1.00 18.40 ? 66  ASP A C   1 
ATOM   515 O  O   . ASP A 1 66  ? -2.000  -2.862  -7.811  1.00 18.44 ? 66  ASP A O   1 
ATOM   516 C  CB  . ASP A 1 66  ? -1.203  -0.916  -10.378 1.00 18.09 ? 66  ASP A CB  1 
ATOM   517 C  CG  . ASP A 1 66  ? -1.563  0.390   -11.052 1.00 22.18 ? 66  ASP A CG  1 
ATOM   518 O  OD1 . ASP A 1 66  ? -2.483  1.092   -10.576 1.00 22.55 ? 66  ASP A OD1 1 
ATOM   519 O  OD2 . ASP A 1 66  ? -0.933  0.706   -12.079 1.00 25.96 ? 66  ASP A OD2 1 
ATOM   520 N  N   . GLU A 1 67  ? 0.202   -2.695  -8.236  1.00 20.04 ? 67  GLU A N   1 
ATOM   521 C  CA  . GLU A 1 67  ? 0.485   -3.990  -7.628  1.00 20.13 ? 67  GLU A CA  1 
ATOM   522 C  C   . GLU A 1 67  ? 0.101   -3.991  -6.153  1.00 18.33 ? 67  GLU A C   1 
ATOM   523 O  O   . GLU A 1 67  ? -0.534  -4.931  -5.669  1.00 19.53 ? 67  GLU A O   1 
ATOM   524 C  CB  . GLU A 1 67  ? 1.969   -4.338  -7.832  1.00 16.48 ? 67  GLU A CB  1 
ATOM   525 C  CG  . GLU A 1 67  ? 2.305   -4.582  -9.318  1.00 25.07 ? 67  GLU A CG  1 
ATOM   526 C  CD  . GLU A 1 67  ? 3.810   -4.565  -9.629  1.00 36.12 ? 67  GLU A CD  1 
ATOM   527 O  OE1 . GLU A 1 67  ? 4.573   -3.887  -8.915  1.00 29.75 ? 67  GLU A OE1 1 
ATOM   528 O  OE2 . GLU A 1 67  ? 4.225   -5.225  -10.608 1.00 27.03 ? 67  GLU A OE2 1 
ATOM   529 N  N   . LEU A 1 68  ? 0.439   -2.923  -5.426  1.00 20.43 ? 68  LEU A N   1 
ATOM   530 C  CA  . LEU A 1 68  ? 0.069   -2.868  -4.015  1.00 18.93 ? 68  LEU A CA  1 
ATOM   531 C  C   . LEU A 1 68  ? -1.451  -2.841  -3.844  1.00 20.30 ? 68  LEU A C   1 
ATOM   532 O  O   . LEU A 1 68  ? -1.998  -3.551  -2.993  1.00 18.16 ? 68  LEU A O   1 
ATOM   533 C  CB  . LEU A 1 68  ? 0.721   -1.650  -3.353  1.00 17.28 ? 68  LEU A CB  1 
ATOM   534 C  CG  . LEU A 1 68  ? 0.425   -1.464  -1.862  1.00 20.98 ? 68  LEU A CG  1 
ATOM   535 C  CD1 . LEU A 1 68  ? 1.096   -2.588  -1.074  1.00 18.08 ? 68  LEU A CD1 1 
ATOM   536 C  CD2 . LEU A 1 68  ? 0.890   -0.099  -1.365  1.00 15.63 ? 68  LEU A CD2 1 
ATOM   537 N  N   . ALA A 1 69  ? -2.155  -2.049  -4.660  1.00 18.04 ? 69  ALA A N   1 
ATOM   538 C  CA  . ALA A 1 69  ? -3.617  -1.992  -4.562  1.00 21.42 ? 69  ALA A CA  1 
ATOM   539 C  C   . ALA A 1 69  ? -4.253  -3.354  -4.828  1.00 18.45 ? 69  ALA A C   1 
ATOM   540 O  O   . ALA A 1 69  ? -5.228  -3.733  -4.167  1.00 22.99 ? 69  ALA A O   1 
ATOM   541 C  CB  . ALA A 1 69  ? -4.172  -0.939  -5.532  1.00 19.62 ? 69  ALA A CB  1 
ATOM   542 N  N   . TRP A 1 70  ? -3.707  -4.121  -5.776  1.00 20.06 ? 70  TRP A N   1 
ATOM   543 C  CA  . TRP A 1 70  ? -4.270  -5.443  -6.048  1.00 19.92 ? 70  TRP A CA  1 
ATOM   544 C  C   . TRP A 1 70  ? -4.011  -6.406  -4.893  1.00 23.55 ? 70  TRP A C   1 
ATOM   545 O  O   . TRP A 1 70  ? -4.877  -7.221  -4.540  1.00 19.44 ? 70  TRP A O   1 
ATOM   546 C  CB  . TRP A 1 70  ? -3.707  -5.998  -7.362  1.00 22.29 ? 70  TRP A CB  1 
ATOM   547 C  CG  . TRP A 1 70  ? -4.471  -5.471  -8.546  1.00 25.12 ? 70  TRP A CG  1 
ATOM   548 C  CD1 . TRP A 1 70  ? -4.018  -4.605  -9.484  1.00 22.87 ? 70  TRP A CD1 1 
ATOM   549 C  CD2 . TRP A 1 70  ? -5.842  -5.761  -8.888  1.00 18.62 ? 70  TRP A CD2 1 
ATOM   550 N  NE1 . TRP A 1 70  ? -5.015  -4.340  -10.405 1.00 24.84 ? 70  TRP A NE1 1 
ATOM   551 C  CE2 . TRP A 1 70  ? -6.144  -5.032  -10.057 1.00 17.37 ? 70  TRP A CE2 1 
ATOM   552 C  CE3 . TRP A 1 70  ? -6.833  -6.573  -8.322  1.00 18.30 ? 70  TRP A CE3 1 
ATOM   553 C  CZ2 . TRP A 1 70  ? -7.405  -5.074  -10.671 1.00 19.15 ? 70  TRP A CZ2 1 
ATOM   554 C  CZ3 . TRP A 1 70  ? -8.090  -6.623  -8.930  1.00 25.94 ? 70  TRP A CZ3 1 
ATOM   555 C  CH2 . TRP A 1 70  ? -8.367  -5.872  -10.094 1.00 21.96 ? 70  TRP A CH2 1 
ATOM   556 N  N   . GLU A 1 71  ? -2.820  -6.341  -4.305  1.00 20.06 ? 71  GLU A N   1 
ATOM   557 C  CA  A GLU A 1 71  ? -2.523  -7.182  -3.149  0.58 24.42 ? 71  GLU A CA  1 
ATOM   558 C  CA  B GLU A 1 71  ? -2.529  -7.188  -3.154  0.42 24.41 ? 71  GLU A CA  1 
ATOM   559 C  C   . GLU A 1 71  ? -3.384  -6.796  -1.955  1.00 18.52 ? 71  GLU A C   1 
ATOM   560 O  O   . GLU A 1 71  ? -3.830  -7.659  -1.197  1.00 20.40 ? 71  GLU A O   1 
ATOM   561 C  CB  A GLU A 1 71  ? -1.044  -7.083  -2.789  0.58 20.98 ? 71  GLU A CB  1 
ATOM   562 C  CB  B GLU A 1 71  ? -1.039  -7.119  -2.820  0.42 21.06 ? 71  GLU A CB  1 
ATOM   563 C  CG  A GLU A 1 71  ? -0.092  -7.624  -3.856  0.58 26.05 ? 71  GLU A CG  1 
ATOM   564 C  CG  B GLU A 1 71  ? -0.160  -7.806  -3.871  0.42 26.02 ? 71  GLU A CG  1 
ATOM   565 C  CD  A GLU A 1 71  ? -0.365  -9.076  -4.224  0.58 23.37 ? 71  GLU A CD  1 
ATOM   566 C  CD  B GLU A 1 71  ? 1.328   -7.589  -3.655  0.42 25.21 ? 71  GLU A CD  1 
ATOM   567 O  OE1 A GLU A 1 71  ? -0.653  -9.341  -5.411  0.58 23.02 ? 71  GLU A OE1 1 
ATOM   568 O  OE1 B GLU A 1 71  ? 1.756   -7.478  -2.488  0.42 29.43 ? 71  GLU A OE1 1 
ATOM   569 O  OE2 A GLU A 1 71  ? -0.283  -9.952  -3.336  0.58 29.52 ? 71  GLU A OE2 1 
ATOM   570 O  OE2 B GLU A 1 71  ? 2.075   -7.537  -4.657  0.42 30.95 ? 71  GLU A OE2 1 
ATOM   571 N  N   . ILE A 1 72  ? -3.630  -5.500  -1.772  1.00 20.89 ? 72  ILE A N   1 
ATOM   572 C  CA  . ILE A 1 72  ? -4.532  -5.064  -0.710  1.00 18.83 ? 72  ILE A CA  1 
ATOM   573 C  C   . ILE A 1 72  ? -5.930  -5.623  -0.958  1.00 20.96 ? 72  ILE A C   1 
ATOM   574 O  O   . ILE A 1 72  ? -6.629  -6.065  -0.033  1.00 19.74 ? 72  ILE A O   1 
ATOM   575 C  CB  . ILE A 1 72  ? -4.541  -3.525  -0.636  1.00 15.78 ? 72  ILE A CB  1 
ATOM   576 C  CG1 . ILE A 1 72  ? -3.226  -3.003  -0.050  1.00 17.07 ? 72  ILE A CG1 1 
ATOM   577 C  CG2 . ILE A 1 72  ? -5.772  -3.016  0.138   1.00 14.69 ? 72  ILE A CG2 1 
ATOM   578 C  CD1 . ILE A 1 72  ? -3.036  -1.521  -0.323  1.00 19.54 ? 72  ILE A CD1 1 
ATOM   579 N  N   . HIS A 1 73  ? -6.349  -5.624  -2.216  1.00 20.86 ? 73  HIS A N   1 
ATOM   580 C  CA  . HIS A 1 73  ? -7.678  -6.116  -2.541  1.00 26.24 ? 73  HIS A CA  1 
ATOM   581 C  C   . HIS A 1 73  ? -7.829  -7.599  -2.212  1.00 22.06 ? 73  HIS A C   1 
ATOM   582 O  O   . HIS A 1 73  ? -8.894  -8.024  -1.754  1.00 20.84 ? 73  HIS A O   1 
ATOM   583 C  CB  . HIS A 1 73  ? -7.996  -5.866  -4.009  1.00 22.87 ? 73  HIS A CB  1 
ATOM   584 C  CG  . HIS A 1 73  ? -9.384  -6.264  -4.371  1.00 27.09 ? 73  HIS A CG  1 
ATOM   585 N  ND1 . HIS A 1 73  ? -10.493 -5.735  -3.741  1.00 34.83 ? 73  HIS A ND1 1 
ATOM   586 C  CD2 . HIS A 1 73  ? -9.847  -7.174  -5.256  1.00 21.63 ? 73  HIS A CD2 1 
ATOM   587 C  CE1 . HIS A 1 73  ? -11.581 -6.278  -4.255  1.00 41.45 ? 73  HIS A CE1 1 
ATOM   588 N  NE2 . HIS A 1 73  ? -11.215 -7.148  -5.181  1.00 27.22 ? 73  HIS A NE2 1 
ATOM   589 N  N   . ASP A 1 74  ? -6.778  -8.403  -2.422  1.00 18.09 ? 74  ASP A N   1 
ATOM   590 C  CA  . ASP A 1 74  ? -6.868  -9.813  -2.027  1.00 25.67 ? 74  ASP A CA  1 
ATOM   591 C  C   . ASP A 1 74  ? -7.053  -9.948  -0.523  1.00 24.60 ? 74  ASP A C   1 
ATOM   592 O  O   . ASP A 1 74  ? -7.857  -10.767 -0.063  1.00 26.24 ? 74  ASP A O   1 
ATOM   593 C  CB  . ASP A 1 74  ? -5.623  -10.590 -2.469  1.00 24.19 ? 74  ASP A CB  1 
ATOM   594 C  CG  . ASP A 1 74  ? -5.490  -10.673 -3.974  1.00 33.83 ? 74  ASP A CG  1 
ATOM   595 O  OD1 . ASP A 1 74  ? -6.504  -10.473 -4.665  1.00 28.90 ? 74  ASP A OD1 1 
ATOM   596 O  OD2 . ASP A 1 74  ? -4.373  -10.945 -4.467  1.00 37.02 ? 74  ASP A OD2 1 
ATOM   597 N  N   . ALA A 1 75  ? -6.317  -9.141  0.261   1.00 27.12 ? 75  ALA A N   1 
ATOM   598 C  CA  . ALA A 1 75  ? -6.459  -9.171  1.717   1.00 22.45 ? 75  ALA A CA  1 
ATOM   599 C  C   . ALA A 1 75  ? -7.851  -8.740  2.138   1.00 25.06 ? 75  ALA A C   1 
ATOM   600 O  O   . ALA A 1 75  ? -8.426  -9.298  3.082   1.00 27.19 ? 75  ALA A O   1 
ATOM   601 C  CB  . ALA A 1 75  ? -5.424  -8.265  2.380   1.00 23.26 ? 75  ALA A CB  1 
ATOM   602 N  N   . ALA A 1 76  ? -8.398  -7.729  1.462   1.00 23.17 ? 76  ALA A N   1 
ATOM   603 C  CA  . ALA A 1 76  ? -9.738  -7.265  1.786   1.00 26.85 ? 76  ALA A CA  1 
ATOM   604 C  C   . ALA A 1 76  ? -10.776 -8.335  1.471   1.00 29.25 ? 76  ALA A C   1 
ATOM   605 O  O   . ALA A 1 76  ? -11.727 -8.527  2.234   1.00 33.93 ? 76  ALA A O   1 
ATOM   606 C  CB  . ALA A 1 76  ? -10.034 -5.964  1.039   1.00 24.54 ? 76  ALA A CB  1 
ATOM   607 N  N   . HIS A 1 77  ? -10.604 -9.054  0.363   1.00 27.49 ? 77  HIS A N   1 
ATOM   608 C  CA  . HIS A 1 77  ? -11.481 -10.186 0.080   1.00 34.84 ? 77  HIS A CA  1 
ATOM   609 C  C   . HIS A 1 77  ? -11.578 -11.119 1.289   1.00 41.33 ? 77  HIS A C   1 
ATOM   610 O  O   . HIS A 1 77  ? -12.674 -11.534 1.684   1.00 38.34 ? 77  HIS A O   1 
ATOM   611 C  CB  . HIS A 1 77  ? -10.968 -10.951 -1.141  1.00 31.30 ? 77  HIS A CB  1 
ATOM   612 C  CG  . HIS A 1 77  ? -11.580 -10.521 -2.441  1.00 53.11 ? 77  HIS A CG  1 
ATOM   613 N  ND1 . HIS A 1 77  ? -12.139 -11.418 -3.328  1.00 53.79 ? 77  HIS A ND1 1 
ATOM   614 C  CD2 . HIS A 1 77  ? -11.688 -9.301  -3.023  1.00 40.67 ? 77  HIS A CD2 1 
ATOM   615 C  CE1 . HIS A 1 77  ? -12.580 -10.770 -4.392  1.00 40.09 ? 77  HIS A CE1 1 
ATOM   616 N  NE2 . HIS A 1 77  ? -12.320 -9.484  -4.231  1.00 50.12 ? 77  HIS A NE2 1 
ATOM   617 N  N   . LEU A 1 78  ? -10.434 -11.437 1.903   1.00 41.64 ? 78  LEU A N   1 
ATOM   618 C  CA  . LEU A 1 78  ? -10.414 -12.347 3.051   1.00 37.64 ? 78  LEU A CA  1 
ATOM   619 C  C   . LEU A 1 78  ? -11.149 -11.759 4.252   1.00 30.79 ? 78  LEU A C   1 
ATOM   620 O  O   . LEU A 1 78  ? -11.904 -12.463 4.932   1.00 40.03 ? 78  LEU A O   1 
ATOM   621 C  CB  . LEU A 1 78  ? -8.968  -12.689 3.408   1.00 26.23 ? 78  LEU A CB  1 
ATOM   622 C  CG  . LEU A 1 78  ? -8.219  -13.386 2.278   1.00 32.30 ? 78  LEU A CG  1 
ATOM   623 C  CD1 . LEU A 1 78  ? -6.713  -13.432 2.519   1.00 30.50 ? 78  LEU A CD1 1 
ATOM   624 C  CD2 . LEU A 1 78  ? -8.788  -14.785 2.103   1.00 42.19 ? 78  LEU A CD2 1 
ATOM   625 N  N   . ALA A 1 79  ? -10.966 -10.461 4.510   1.00 34.44 ? 79  ALA A N   1 
ATOM   626 C  CA  . ALA A 1 79  ? -11.652 -9.807  5.621   1.00 39.15 ? 79  ALA A CA  1 
ATOM   627 C  C   . ALA A 1 79  ? -13.162 -9.751  5.414   1.00 45.35 ? 79  ALA A C   1 
ATOM   628 O  O   . ALA A 1 79  ? -13.918 -9.711  6.393   1.00 40.92 ? 79  ALA A O   1 
ATOM   629 C  CB  . ALA A 1 79  ? -11.109 -8.388  5.817   1.00 30.09 ? 79  ALA A CB  1 
ATOM   630 N  N   . LYS A 1 80  ? -13.621 -9.720  4.161   1.00 47.56 ? 80  LYS A N   1 
ATOM   631 C  CA  . LYS A 1 80  ? -15.055 -9.615  3.897   1.00 47.85 ? 80  LYS A CA  1 
ATOM   632 C  C   . LYS A 1 80  ? -15.749 -10.968 3.995   1.00 46.74 ? 80  LYS A C   1 
ATOM   633 O  O   . LYS A 1 80  ? -16.945 -11.020 4.301   1.00 54.64 ? 80  LYS A O   1 
ATOM   634 C  CB  . LYS A 1 80  ? -15.288 -8.973  2.528   1.00 47.25 ? 80  LYS A CB  1 
ATOM   635 C  CG  . LYS A 1 80  ? -14.911 -7.492  2.494   1.00 46.59 ? 80  LYS A CG  1 
ATOM   636 C  CD  . LYS A 1 80  ? -14.584 -7.003  1.090   1.00 50.14 ? 80  LYS A CD  1 
ATOM   637 C  CE  . LYS A 1 80  ? -14.257 -5.513  1.105   1.00 54.37 ? 80  LYS A CE  1 
ATOM   638 N  NZ  . LYS A 1 80  ? -14.270 -4.942  -0.269  1.00 52.65 ? 80  LYS A NZ  1 
ATOM   639 N  N   . GLU A 1 81  ? -15.020 -12.064 3.749   1.00 41.16 ? 81  GLU A N   1 
ATOM   640 C  CA  . GLU A 1 81  ? -15.479 -13.407 4.087   1.00 44.97 ? 81  GLU A CA  1 
ATOM   641 C  C   . GLU A 1 81  ? -15.366 -13.731 5.575   1.00 50.60 ? 81  GLU A C   1 
ATOM   642 O  O   . GLU A 1 81  ? -15.608 -14.887 5.936   1.00 52.97 ? 81  GLU A O   1 
ATOM   643 C  CB  . GLU A 1 81  ? -14.678 -14.481 3.340   1.00 32.42 ? 81  GLU A CB  1 
ATOM   644 C  CG  . GLU A 1 81  ? -14.493 -14.320 1.858   1.00 47.12 ? 81  GLU A CG  1 
ATOM   645 C  CD  . GLU A 1 81  ? -13.596 -15.420 1.296   1.00 59.51 ? 81  GLU A CD  1 
ATOM   646 O  OE1 . GLU A 1 81  ? -13.474 -15.538 0.058   1.00 82.61 ? 81  GLU A OE1 1 
ATOM   647 O  OE2 . GLU A 1 81  ? -13.021 -16.187 2.090   1.00 56.20 ? 81  GLU A OE2 1 
ATOM   648 N  N   . GLY A 1 82  ? -14.956 -12.795 6.433   1.00 44.89 ? 82  GLY A N   1 
ATOM   649 C  CA  . GLY A 1 82  ? -14.776 -13.082 7.846   1.00 44.87 ? 82  GLY A CA  1 
ATOM   650 C  C   . GLY A 1 82  ? -13.521 -13.850 8.232   1.00 46.34 ? 82  GLY A C   1 
ATOM   651 O  O   . GLY A 1 82  ? -13.349 -14.159 9.420   1.00 49.74 ? 82  GLY A O   1 
ATOM   652 N  N   . LYS A 1 83  ? -12.629 -14.169 7.288   1.00 41.47 ? 83  LYS A N   1 
ATOM   653 C  CA  . LYS A 1 83  ? -11.374 -14.856 7.617   1.00 40.59 ? 83  LYS A CA  1 
ATOM   654 C  C   . LYS A 1 83  ? -10.337 -13.844 8.124   1.00 43.74 ? 83  LYS A C   1 
ATOM   655 O  O   . LYS A 1 83  ? -9.351  -13.506 7.463   1.00 43.09 ? 83  LYS A O   1 
ATOM   656 C  CB  . LYS A 1 83  ? -10.858 -15.639 6.417   1.00 42.38 ? 83  LYS A CB  1 
ATOM   657 C  CG  . LYS A 1 83  ? -11.728 -16.823 6.043   1.00 54.75 ? 83  LYS A CG  1 
ATOM   658 C  CD  . LYS A 1 83  ? -11.624 -17.147 4.563   1.00 64.31 ? 83  LYS A CD  1 
ATOM   659 C  CE  . LYS A 1 83  ? -10.754 -18.365 4.280   1.00 71.40 ? 83  LYS A CE  1 
ATOM   660 N  NZ  . LYS A 1 83  ? -10.242 -18.365 2.874   1.00 64.16 ? 83  LYS A NZ  1 
ATOM   661 N  N   . VAL A 1 84  ? -10.555 -13.391 9.361   1.00 30.61 ? 84  VAL A N   1 
ATOM   662 C  CA  . VAL A 1 84  ? -9.809  -12.253 9.889   1.00 32.20 ? 84  VAL A CA  1 
ATOM   663 C  C   . VAL A 1 84  ? -8.327  -12.583 10.048  1.00 39.84 ? 84  VAL A C   1 
ATOM   664 O  O   . VAL A 1 84  ? -7.460  -11.761 9.718   1.00 33.17 ? 84  VAL A O   1 
ATOM   665 C  CB  . VAL A 1 84  ? -10.444 -11.781 11.206  1.00 35.49 ? 84  VAL A CB  1 
ATOM   666 C  CG1 . VAL A 1 84  ? -9.793  -10.476 11.704  1.00 33.56 ? 84  VAL A CG1 1 
ATOM   667 C  CG2 . VAL A 1 84  ? -11.928 -11.588 10.992  1.00 37.20 ? 84  VAL A CG2 1 
ATOM   668 N  N   . LYS A 1 85  ? -8.002  -13.780 10.546  1.00 31.51 ? 85  LYS A N   1 
ATOM   669 C  CA  . LYS A 1 85  ? -6.596  -14.100 10.762  1.00 31.04 ? 85  LYS A CA  1 
ATOM   670 C  C   . LYS A 1 85  ? -5.848  -14.243 9.441   1.00 34.91 ? 85  LYS A C   1 
ATOM   671 O  O   . LYS A 1 85  ? -4.680  -13.845 9.339   1.00 35.48 ? 85  LYS A O   1 
ATOM   672 C  CB  . LYS A 1 85  ? -6.453  -15.377 11.595  1.00 36.68 ? 85  LYS A CB  1 
ATOM   673 C  CG  . LYS A 1 85  ? -6.530  -15.175 13.103  1.00 44.80 ? 85  LYS A CG  1 
ATOM   674 C  CD  . LYS A 1 85  ? -6.153  -16.465 13.843  1.00 51.85 ? 85  LYS A CD  1 
ATOM   675 C  CE  . LYS A 1 85  ? -6.562  -16.415 15.308  1.00 59.26 ? 85  LYS A CE  1 
ATOM   676 N  NZ  . LYS A 1 85  ? -8.041  -16.325 15.484  1.00 62.91 ? 85  LYS A NZ  1 
ATOM   677 N  N   . GLU A 1 86  ? -6.493  -14.825 8.425   1.00 27.72 ? 86  GLU A N   1 
ATOM   678 C  CA  . GLU A 1 86  ? -5.855  -14.933 7.116   1.00 29.09 ? 86  GLU A CA  1 
ATOM   679 C  C   . GLU A 1 86  ? -5.642  -13.556 6.482   1.00 29.21 ? 86  GLU A C   1 
ATOM   680 O  O   . GLU A 1 86  ? -4.629  -13.323 5.812   1.00 27.96 ? 86  GLU A O   1 
ATOM   681 C  CB  . GLU A 1 86  ? -6.690  -15.825 6.202   1.00 40.90 ? 86  GLU A CB  1 
ATOM   682 C  CG  . GLU A 1 86  ? -6.495  -17.320 6.440   1.00 50.37 ? 86  GLU A CG  1 
ATOM   683 C  CD  . GLU A 1 86  ? -7.470  -18.173 5.643   1.00 58.46 ? 86  GLU A CD  1 
ATOM   684 O  OE1 . GLU A 1 86  ? -8.281  -18.889 6.268   1.00 70.17 ? 86  GLU A OE1 1 
ATOM   685 O  OE2 . GLU A 1 86  ? -7.428  -18.123 4.393   1.00 56.21 ? 86  GLU A OE2 1 
ATOM   686 N  N   . ALA A 1 87  ? -6.584  -12.636 6.686   1.00 24.17 ? 87  ALA A N   1 
ATOM   687 C  CA  . ALA A 1 87  ? -6.420  -11.278 6.181   1.00 26.38 ? 87  ALA A CA  1 
ATOM   688 C  C   . ALA A 1 87  ? -5.285  -10.555 6.903   1.00 27.62 ? 87  ALA A C   1 
ATOM   689 O  O   . ALA A 1 87  ? -4.522  -9.804  6.284   1.00 28.47 ? 87  ALA A O   1 
ATOM   690 C  CB  . ALA A 1 87  ? -7.733  -10.510 6.332   1.00 20.95 ? 87  ALA A CB  1 
ATOM   691 N  N   . GLN A 1 88  ? -5.156  -10.774 8.213   1.00 28.41 ? 88  GLN A N   1 
ATOM   692 C  CA  . GLN A 1 88  ? -4.058  -10.164 8.952   1.00 28.65 ? 88  GLN A CA  1 
ATOM   693 C  C   . GLN A 1 88  ? -2.717  -10.688 8.462   1.00 26.49 ? 88  GLN A C   1 
ATOM   694 O  O   . GLN A 1 88  ? -1.742  -9.932  8.378   1.00 23.52 ? 88  GLN A O   1 
ATOM   695 C  CB  . GLN A 1 88  ? -4.223  -10.413 10.452  1.00 27.83 ? 88  GLN A CB  1 
ATOM   696 C  CG  . GLN A 1 88  ? -5.212  -9.477  11.141  1.00 27.05 ? 88  GLN A CG  1 
ATOM   697 C  CD  . GLN A 1 88  ? -5.610  -9.989  12.513  1.00 37.36 ? 88  GLN A CD  1 
ATOM   698 O  OE1 . GLN A 1 88  ? -5.864  -11.183 12.686  1.00 34.57 ? 88  GLN A OE1 1 
ATOM   699 N  NE2 . GLN A 1 88  ? -5.655  -9.098  13.494  1.00 30.13 ? 88  GLN A NE2 1 
ATOM   700 N  N   . ALA A 1 89  ? -2.649  -11.976 8.115   1.00 26.45 ? 89  ALA A N   1 
ATOM   701 C  CA  . ALA A 1 89  ? -1.390  -12.526 7.622   1.00 28.77 ? 89  ALA A CA  1 
ATOM   702 C  C   . ALA A 1 89  ? -1.093  -12.040 6.210   1.00 35.75 ? 89  ALA A C   1 
ATOM   703 O  O   . ALA A 1 89  ? 0.072   -11.823 5.851   1.00 33.27 ? 89  ALA A O   1 
ATOM   704 C  CB  . ALA A 1 89  ? -1.422  -14.055 7.668   1.00 28.48 ? 89  ALA A CB  1 
ATOM   705 N  N   . ALA A 1 90  ? -2.128  -11.879 5.384   1.00 31.61 ? 90  ALA A N   1 
ATOM   706 C  CA  . ALA A 1 90  ? -1.914  -11.314 4.057   1.00 27.34 ? 90  ALA A CA  1 
ATOM   707 C  C   . ALA A 1 90  ? -1.416  -9.875  4.156   1.00 22.74 ? 90  ALA A C   1 
ATOM   708 O  O   . ALA A 1 90  ? -0.514  -9.472  3.414   1.00 24.76 ? 90  ALA A O   1 
ATOM   709 C  CB  . ALA A 1 90  ? -3.202  -11.384 3.244   1.00 24.38 ? 90  ALA A CB  1 
ATOM   710 N  N   . ALA A 1 91  ? -1.970  -9.101  5.092   1.00 23.41 ? 91  ALA A N   1 
ATOM   711 C  CA  . ALA A 1 91  ? -1.522  -7.724  5.281   1.00 22.88 ? 91  ALA A CA  1 
ATOM   712 C  C   . ALA A 1 91  ? -0.043  -7.670  5.649   1.00 30.57 ? 91  ALA A C   1 
ATOM   713 O  O   . ALA A 1 91  ? 0.717   -6.870  5.090   1.00 27.78 ? 91  ALA A O   1 
ATOM   714 C  CB  . ALA A 1 91  ? -2.365  -7.037  6.351   1.00 20.87 ? 91  ALA A CB  1 
ATOM   715 N  N   . GLU A 1 92  ? 0.389   -8.505  6.599   1.00 31.09 ? 92  GLU A N   1 
ATOM   716 C  CA  . GLU A 1 92  ? 1.811   -8.520  6.947   1.00 29.67 ? 92  GLU A CA  1 
ATOM   717 C  C   . GLU A 1 92  ? 2.675   -8.885  5.740   1.00 32.24 ? 92  GLU A C   1 
ATOM   718 O  O   . GLU A 1 92  ? 3.780   -8.346  5.582   1.00 29.79 ? 92  GLU A O   1 
ATOM   719 C  CB  . GLU A 1 92  ? 2.055   -9.480  8.118   1.00 37.93 ? 92  GLU A CB  1 
ATOM   720 C  CG  . GLU A 1 92  ? 3.421   -9.347  8.787   1.00 48.92 ? 92  GLU A CG  1 
ATOM   721 C  CD  . GLU A 1 92  ? 3.554   -8.109  9.671   1.00 51.19 ? 92  GLU A CD  1 
ATOM   722 O  OE1 . GLU A 1 92  ? 4.625   -7.962  10.297  1.00 69.00 ? 92  GLU A OE1 1 
ATOM   723 O  OE2 . GLU A 1 92  ? 2.610   -7.283  9.743   1.00 48.20 ? 92  GLU A OE2 1 
ATOM   724 N  N   . GLN A 1 93  ? 2.177   -9.761  4.857   1.00 25.09 ? 93  GLN A N   1 
ATOM   725 C  CA  . GLN A 1 93  ? 2.912   -10.097 3.636   1.00 26.24 ? 93  GLN A CA  1 
ATOM   726 C  C   . GLN A 1 93  ? 3.060   -8.917  2.679   1.00 28.57 ? 93  GLN A C   1 
ATOM   727 O  O   . GLN A 1 93  ? 3.952   -8.944  1.825   1.00 27.49 ? 93  GLN A O   1 
ATOM   728 C  CB  . GLN A 1 93  ? 2.231   -11.249 2.896   1.00 29.79 ? 93  GLN A CB  1 
ATOM   729 C  CG  . GLN A 1 93  ? 2.541   -12.620 3.475   1.00 46.79 ? 93  GLN A CG  1 
ATOM   730 C  CD  . GLN A 1 93  ? 4.014   -12.803 3.776   1.00 53.32 ? 93  GLN A CD  1 
ATOM   731 O  OE1 . GLN A 1 93  ? 4.401   -12.947 4.934   1.00 50.62 ? 93  GLN A OE1 1 
ATOM   732 N  NE2 . GLN A 1 93  ? 4.847   -12.804 2.732   1.00 44.40 ? 93  GLN A NE2 1 
ATOM   733 N  N   . LEU A 1 94  ? 2.205   -7.892  2.789   1.00 25.32 ? 94  LEU A N   1 
ATOM   734 C  CA  . LEU A 1 94  ? 2.356   -6.707  1.948   1.00 27.22 ? 94  LEU A CA  1 
ATOM   735 C  C   . LEU A 1 94  ? 3.760   -6.120  2.035   1.00 26.01 ? 94  LEU A C   1 
ATOM   736 O  O   . LEU A 1 94  ? 4.229   -5.494  1.077   1.00 25.34 ? 94  LEU A O   1 
ATOM   737 C  CB  . LEU A 1 94  ? 1.324   -5.643  2.341   1.00 21.27 ? 94  LEU A CB  1 
ATOM   738 C  CG  . LEU A 1 94  ? -0.152  -5.982  2.123   1.00 23.73 ? 94  LEU A CG  1 
ATOM   739 C  CD1 . LEU A 1 94  ? -1.047  -4.907  2.730   1.00 19.09 ? 94  LEU A CD1 1 
ATOM   740 C  CD2 . LEU A 1 94  ? -0.469  -6.159  0.653   1.00 21.09 ? 94  LEU A CD2 1 
ATOM   741 N  N   . LYS A 1 95  ? 4.447   -6.321  3.170   1.00 32.50 ? 95  LYS A N   1 
ATOM   742 C  CA  . LYS A 1 95  ? 5.744   -5.684  3.401   1.00 28.97 ? 95  LYS A CA  1 
ATOM   743 C  C   . LYS A 1 95  ? 6.749   -6.006  2.304   1.00 27.19 ? 95  LYS A C   1 
ATOM   744 O  O   . LYS A 1 95  ? 7.621   -5.179  2.009   1.00 27.68 ? 95  LYS A O   1 
ATOM   745 C  CB  . LYS A 1 95  ? 6.293   -6.090  4.772   1.00 28.90 ? 95  LYS A CB  1 
ATOM   746 C  CG  . LYS A 1 95  ? 5.616   -5.317  5.910   1.00 37.94 ? 95  LYS A CG  1 
ATOM   747 C  CD  . LYS A 1 95  ? 6.007   -5.812  7.292   1.00 46.94 ? 95  LYS A CD  1 
ATOM   748 C  CE  . LYS A 1 95  ? 5.426   -4.901  8.371   1.00 37.74 ? 95  LYS A CE  1 
ATOM   749 N  NZ  . LYS A 1 95  ? 5.693   -5.412  9.745   1.00 50.27 ? 95  LYS A NZ  1 
ATOM   750 N  N   . THR A 1 96  ? 6.641   -7.179  1.669   1.00 30.76 ? 96  THR A N   1 
ATOM   751 C  CA  . THR A 1 96  ? 7.587   -7.486  0.598   1.00 25.16 ? 96  THR A CA  1 
ATOM   752 C  C   . THR A 1 96  ? 7.353   -6.594  -0.620  1.00 26.12 ? 96  THR A C   1 
ATOM   753 O  O   . THR A 1 96  ? 8.309   -6.248  -1.322  1.00 30.95 ? 96  THR A O   1 
ATOM   754 C  CB  . THR A 1 96  ? 7.518   -8.974  0.221   1.00 33.64 ? 96  THR A CB  1 
ATOM   755 O  OG1 . THR A 1 96  ? 6.230   -9.287  -0.314  1.00 41.15 ? 96  THR A OG1 1 
ATOM   756 C  CG2 . THR A 1 96  ? 7.760   -9.848  1.446   1.00 35.55 ? 96  THR A CG2 1 
ATOM   757 N  N   . THR A 1 97  ? 6.108   -6.175  -0.868  1.00 26.67 ? 97  THR A N   1 
ATOM   758 C  CA  . THR A 1 97  ? 5.865   -5.194  -1.926  1.00 20.73 ? 97  THR A CA  1 
ATOM   759 C  C   . THR A 1 97  ? 6.344   -3.806  -1.509  1.00 21.46 ? 97  THR A C   1 
ATOM   760 O  O   . THR A 1 97  ? 6.935   -3.081  -2.318  1.00 25.40 ? 97  THR A O   1 
ATOM   761 C  CB  . THR A 1 97  ? 4.381   -5.154  -2.292  1.00 25.41 ? 97  THR A CB  1 
ATOM   762 O  OG1 . THR A 1 97  ? 3.974   -6.425  -2.808  1.00 34.77 ? 97  THR A OG1 1 
ATOM   763 C  CG2 . THR A 1 97  ? 4.100   -4.064  -3.331  1.00 23.61 ? 97  THR A CG2 1 
ATOM   764 N  N   . CYS A 1 98  ? 6.076   -3.411  -0.259  1.00 25.39 ? 98  CYS A N   1 
ATOM   765 C  CA  . CYS A 1 98  ? 6.633   -2.166  0.266   1.00 22.53 ? 98  CYS A CA  1 
ATOM   766 C  C   . CYS A 1 98  ? 8.146   -2.124  0.070   1.00 24.71 ? 98  CYS A C   1 
ATOM   767 O  O   . CYS A 1 98  ? 8.694   -1.159  -0.475  1.00 24.19 ? 98  CYS A O   1 
ATOM   768 C  CB  . CYS A 1 98  ? 6.313   -2.025  1.762   1.00 23.37 ? 98  CYS A CB  1 
ATOM   769 S  SG  . CYS A 1 98  ? 4.616   -2.323  2.274   1.00 26.33 ? 98  CYS A SG  1 
ATOM   770 N  N   . ASN A 1 99  ? 8.830   -3.178  0.539   1.00 22.13 ? 99  ASN A N   1 
ATOM   771 C  CA  . ASN A 1 99  ? 10.292  -3.236  0.518   1.00 27.22 ? 99  ASN A CA  1 
ATOM   772 C  C   . ASN A 1 99  ? 10.842  -3.162  -0.899  1.00 27.53 ? 99  ASN A C   1 
ATOM   773 O  O   . ASN A 1 99  ? 11.867  -2.510  -1.143  1.00 28.97 ? 99  ASN A O   1 
ATOM   774 C  CB  . ASN A 1 99  ? 10.776  -4.534  1.180   1.00 26.78 ? 99  ASN A CB  1 
ATOM   775 C  CG  . ASN A 1 99  ? 10.486  -4.589  2.662   1.00 38.84 ? 99  ASN A CG  1 
ATOM   776 O  OD1 . ASN A 1 99  ? 10.307  -3.561  3.318   1.00 38.16 ? 99  ASN A OD1 1 
ATOM   777 N  ND2 . ASN A 1 99  ? 10.468  -5.803  3.211   1.00 44.94 ? 99  ASN A ND2 1 
ATOM   778 N  N   . ALA A 1 100 ? 10.190  -3.854  -1.840  1.00 24.89 ? 100 ALA A N   1 
ATOM   779 C  CA  . ALA A 1 100 ? 10.691  -3.901  -3.210  1.00 24.44 ? 100 ALA A CA  1 
ATOM   780 C  C   . ALA A 1 100 ? 10.761  -2.510  -3.812  1.00 25.65 ? 100 ALA A C   1 
ATOM   781 O  O   . ALA A 1 100 ? 11.760  -2.145  -4.442  1.00 29.08 ? 100 ALA A O   1 
ATOM   782 C  CB  . ALA A 1 100 ? 9.797   -4.806  -4.064  1.00 24.45 ? 100 ALA A CB  1 
ATOM   783 N  N   . CYS A 1 101 ? 9.706   -1.709  -3.632  1.00 24.52 ? 101 CYS A N   1 
ATOM   784 C  CA  . CYS A 1 101 ? 9.745   -0.337  -4.123  1.00 28.08 ? 101 CYS A CA  1 
ATOM   785 C  C   . CYS A 1 101 ? 10.786  0.482   -3.375  1.00 24.54 ? 101 CYS A C   1 
ATOM   786 O  O   . CYS A 1 101 ? 11.535  1.252   -3.993  1.00 22.49 ? 101 CYS A O   1 
ATOM   787 C  CB  . CYS A 1 101 ? 8.379   0.340   -3.990  1.00 17.39 ? 101 CYS A CB  1 
ATOM   788 S  SG  . CYS A 1 101 ? 8.393   1.994   -4.714  1.00 22.16 ? 101 CYS A SG  1 
ATOM   789 N  N   . HIS A 1 102 ? 10.816  0.350   -2.044  1.00 23.23 ? 102 HIS A N   1 
ATOM   790 C  CA  . HIS A 1 102 ? 11.765  1.120   -1.248  1.00 26.73 ? 102 HIS A CA  1 
ATOM   791 C  C   . HIS A 1 102 ? 13.194  0.863   -1.692  1.00 26.85 ? 102 HIS A C   1 
ATOM   792 O  O   . HIS A 1 102 ? 13.989  1.799   -1.836  1.00 23.69 ? 102 HIS A O   1 
ATOM   793 C  CB  . HIS A 1 102 ? 11.627  0.771   0.235   1.00 19.35 ? 102 HIS A CB  1 
ATOM   794 C  CG  . HIS A 1 102 ? 10.342  1.226   0.841   1.00 26.68 ? 102 HIS A CG  1 
ATOM   795 N  ND1 . HIS A 1 102 ? 9.861   0.727   2.033   1.00 24.25 ? 102 HIS A ND1 1 
ATOM   796 C  CD2 . HIS A 1 102 ? 9.432   2.132   0.418   1.00 22.63 ? 102 HIS A CD2 1 
ATOM   797 C  CE1 . HIS A 1 102 ? 8.717   1.314   2.325   1.00 25.23 ? 102 HIS A CE1 1 
ATOM   798 N  NE2 . HIS A 1 102 ? 8.430   2.158   1.353   1.00 25.50 ? 102 HIS A NE2 1 
ATOM   799 N  N   . GLN A 1 103 ? 13.539  -0.408  -1.894  1.00 24.74 ? 103 GLN A N   1 
ATOM   800 C  CA  . GLN A 1 103 ? 14.901  -0.760  -2.271  1.00 28.96 ? 103 GLN A CA  1 
ATOM   801 C  C   . GLN A 1 103 ? 15.316  -0.051  -3.545  1.00 34.29 ? 103 GLN A C   1 
ATOM   802 O  O   . GLN A 1 103 ? 16.496  0.263   -3.709  1.00 32.84 ? 103 GLN A O   1 
ATOM   803 C  CB  . GLN A 1 103 ? 15.057  -2.275  -2.444  1.00 36.39 ? 103 GLN A CB  1 
ATOM   804 C  CG  . GLN A 1 103 ? 14.786  -3.159  -1.189  1.00 39.54 ? 103 GLN A CG  1 
ATOM   805 C  CD  . GLN A 1 103 ? 15.620  -2.860  0.086   1.00 63.60 ? 103 GLN A CD  1 
ATOM   806 O  OE1 . GLN A 1 103 ? 16.155  -1.770  0.276   1.00 50.65 ? 103 GLN A OE1 1 
ATOM   807 N  NE2 . GLN A 1 103 ? 15.762  -3.871  0.929   1.00 61.59 ? 103 GLN A NE2 1 
ATOM   808 N  N   . LYS A 1 104 ? 14.358  0.267   -4.424  1.00 30.60 ? 104 LYS A N   1 
ATOM   809 C  CA  . LYS A 1 104 ? 14.677  0.927   -5.686  1.00 28.67 ? 104 LYS A CA  1 
ATOM   810 C  C   . LYS A 1 104 ? 14.630  2.450   -5.611  1.00 30.88 ? 104 LYS A C   1 
ATOM   811 O  O   . LYS A 1 104 ? 15.492  3.114   -6.191  1.00 32.70 ? 104 LYS A O   1 
ATOM   812 C  CB  . LYS A 1 104 ? 13.716  0.463   -6.786  1.00 29.30 ? 104 LYS A CB  1 
ATOM   813 C  CG  . LYS A 1 104 ? 14.044  -0.892  -7.405  1.00 26.22 ? 104 LYS A CG  1 
ATOM   814 C  CD  . LYS A 1 104 ? 13.007  -1.276  -8.486  1.00 29.64 ? 104 LYS A CD  1 
ATOM   815 C  CE  . LYS A 1 104 ? 11.591  -1.222  -7.898  1.00 31.11 ? 104 LYS A CE  1 
ATOM   816 N  NZ  . LYS A 1 104 ? 10.542  -1.888  -8.720  1.00 29.83 ? 104 LYS A NZ  1 
ATOM   817 N  N   . TYR A 1 105 ? 13.640  3.042   -4.933  1.00 31.95 ? 105 TYR A N   1 
ATOM   818 C  CA  . TYR A 1 105 ? 13.374  4.462   -5.134  1.00 24.68 ? 105 TYR A CA  1 
ATOM   819 C  C   . TYR A 1 105 ? 13.329  5.312   -3.877  1.00 25.95 ? 105 TYR A C   1 
ATOM   820 O  O   . TYR A 1 105 ? 13.220  6.536   -4.000  1.00 28.31 ? 105 TYR A O   1 
ATOM   821 C  CB  . TYR A 1 105 ? 12.041  4.649   -5.891  1.00 26.00 ? 105 TYR A CB  1 
ATOM   822 C  CG  . TYR A 1 105 ? 12.021  3.928   -7.221  1.00 26.06 ? 105 TYR A CG  1 
ATOM   823 C  CD1 . TYR A 1 105 ? 13.034  4.135   -8.159  1.00 21.48 ? 105 TYR A CD1 1 
ATOM   824 C  CD2 . TYR A 1 105 ? 11.007  3.016   -7.528  1.00 20.06 ? 105 TYR A CD2 1 
ATOM   825 C  CE1 . TYR A 1 105 ? 13.032  3.470   -9.393  1.00 25.06 ? 105 TYR A CE1 1 
ATOM   826 C  CE2 . TYR A 1 105 ? 10.994  2.339   -8.754  1.00 21.31 ? 105 TYR A CE2 1 
ATOM   827 C  CZ  . TYR A 1 105 ? 12.006  2.570   -9.681  1.00 28.52 ? 105 TYR A CZ  1 
ATOM   828 O  OH  . TYR A 1 105 ? 12.003  1.892   -10.888 1.00 26.91 ? 105 TYR A OH  1 
ATOM   829 N  N   . ARG A 1 106 ? 13.376  4.741   -2.689  1.00 29.41 ? 106 ARG A N   1 
ATOM   830 C  CA  . ARG A 1 106 ? 13.213  5.631   -1.550  1.00 29.78 ? 106 ARG A CA  1 
ATOM   831 C  C   . ARG A 1 106 ? 14.564  6.115   -1.002  1.00 42.88 ? 106 ARG A C   1 
ATOM   832 O  O   . ARG A 1 106 ? 15.612  5.483   -1.173  1.00 34.42 ? 106 ARG A O   1 
ATOM   833 C  CB  . ARG A 1 106 ? 12.346  4.967   -0.480  1.00 38.29 ? 106 ARG A CB  1 
ATOM   834 C  CG  . ARG A 1 106 ? 12.914  3.770   0.131   1.00 50.87 ? 106 ARG A CG  1 
ATOM   835 C  CD  . ARG A 1 106 ? 13.378  4.056   1.485   1.00 61.85 ? 106 ARG A CD  1 
ATOM   836 N  NE  . ARG A 1 106 ? 12.305  4.214   2.462   1.00 37.09 ? 106 ARG A NE  1 
ATOM   837 C  CZ  . ARG A 1 106 ? 11.808  3.207   3.184   1.00 54.99 ? 106 ARG A CZ  1 
ATOM   838 N  NH1 . ARG A 1 106 ? 10.849  3.421   4.081   1.00 36.62 ? 106 ARG A NH1 1 
ATOM   839 N  NH2 . ARG A 1 106 ? 12.267  1.969   3.007   1.00 52.50 ? 106 ARG A NH2 1 
ATOM   840 O  OXT . ARG A 1 106 ? 14.623  7.218   -0.443  1.00 30.71 ? 106 ARG A OXT 1 
HETATM 841 FE FE  . HEC B 2 .   ? 6.810   3.634   1.059   1.00 23.98 ? 201 HEC A FE  1 
HETATM 842 C  CHA . HEC B 2 .   ? 8.639   6.296   2.164   1.00 20.98 ? 201 HEC A CHA 1 
HETATM 843 C  CHB . HEC B 2 .   ? 5.988   2.819   4.327   1.00 23.68 ? 201 HEC A CHB 1 
HETATM 844 C  CHC . HEC B 2 .   ? 4.882   1.047   -0.023  1.00 19.74 ? 201 HEC A CHC 1 
HETATM 845 C  CHD . HEC B 2 .   ? 7.749   4.278   -2.195  1.00 19.30 ? 201 HEC A CHD 1 
HETATM 846 N  NA  . HEC B 2 .   ? 7.228   4.418   2.916   1.00 27.88 ? 201 HEC A NA  1 
HETATM 847 C  C1A . HEC B 2 .   ? 8.015   5.525   3.134   1.00 22.87 ? 201 HEC A C1A 1 
HETATM 848 C  C2A . HEC B 2 .   ? 8.055   5.734   4.568   1.00 28.24 ? 201 HEC A C2A 1 
HETATM 849 C  C3A . HEC B 2 .   ? 7.319   4.785   5.161   1.00 27.36 ? 201 HEC A C3A 1 
HETATM 850 C  C4A . HEC B 2 .   ? 6.781   3.931   4.125   1.00 27.90 ? 201 HEC A C4A 1 
HETATM 851 C  CMA . HEC B 2 .   ? 7.055   4.607   6.679   1.00 23.92 ? 201 HEC A CMA 1 
HETATM 852 C  CAA . HEC B 2 .   ? 8.807   6.887   5.271   1.00 25.36 ? 201 HEC A CAA 1 
HETATM 853 C  CBA . HEC B 2 .   ? 7.845   8.063   5.420   1.00 40.87 ? 201 HEC A CBA 1 
HETATM 854 C  CGA . HEC B 2 .   ? 8.512   9.222   6.135   1.00 50.14 ? 201 HEC A CGA 1 
HETATM 855 O  O1A . HEC B 2 .   ? 8.292   9.396   7.366   1.00 52.66 ? 201 HEC A O1A 1 
HETATM 856 O  O2A . HEC B 2 .   ? 9.266   9.977   5.464   1.00 54.10 ? 201 HEC A O2A 1 
HETATM 857 N  NB  . HEC B 2 .   ? 5.637   2.202   1.981   1.00 26.37 ? 201 HEC A NB  1 
HETATM 858 C  C1B . HEC B 2 .   ? 5.473   2.012   3.339   1.00 25.79 ? 201 HEC A C1B 1 
HETATM 859 C  C2B . HEC B 2 .   ? 4.661   0.831   3.549   1.00 22.58 ? 201 HEC A C2B 1 
HETATM 860 C  C3B . HEC B 2 .   ? 4.367   0.310   2.345   1.00 19.75 ? 201 HEC A C3B 1 
HETATM 861 C  C4B . HEC B 2 .   ? 4.967   1.181   1.343   1.00 25.79 ? 201 HEC A C4B 1 
HETATM 862 C  CMB . HEC B 2 .   ? 4.273   0.284   4.955   1.00 16.28 ? 201 HEC A CMB 1 
HETATM 863 C  CAB . HEC B 2 .   ? 3.515   -0.953  2.032   1.00 24.30 ? 201 HEC A CAB 1 
HETATM 864 C  CBB . HEC B 2 .   ? 2.336   -1.149  2.679   1.00 18.09 ? 201 HEC A CBB 1 
HETATM 865 N  NC  . HEC B 2 .   ? 6.379   2.832   -0.798  1.00 20.95 ? 201 HEC A NC  1 
HETATM 866 C  C1C . HEC B 2 .   ? 5.560   1.758   -0.989  1.00 21.12 ? 201 HEC A C1C 1 
HETATM 867 C  C2C . HEC B 2 .   ? 5.546   1.449   -2.405  1.00 22.88 ? 201 HEC A C2C 1 
HETATM 868 C  C3C . HEC B 2 .   ? 6.361   2.323   -3.040  1.00 19.69 ? 201 HEC A C3C 1 
HETATM 869 C  C4C . HEC B 2 .   ? 6.880   3.224   -2.017  1.00 18.95 ? 201 HEC A C4C 1 
HETATM 870 C  CMC . HEC B 2 .   ? 4.717   0.264   -2.950  1.00 16.04 ? 201 HEC A CMC 1 
HETATM 871 C  CAC . HEC B 2 .   ? 6.689   2.455   -4.553  1.00 20.51 ? 201 HEC A CAC 1 
HETATM 872 C  CBC . HEC B 2 .   ? 5.887   1.938   -5.501  1.00 19.92 ? 201 HEC A CBC 1 
HETATM 873 N  ND  . HEC B 2 .   ? 7.970   5.043   0.148   1.00 23.57 ? 201 HEC A ND  1 
HETATM 874 C  C1D . HEC B 2 .   ? 8.237   5.123   -1.208  1.00 23.38 ? 201 HEC A C1D 1 
HETATM 875 C  C2D . HEC B 2 .   ? 9.130   6.246   -1.404  1.00 27.58 ? 201 HEC A C2D 1 
HETATM 876 C  C3D . HEC B 2 .   ? 9.375   6.808   -0.207  1.00 27.97 ? 201 HEC A C3D 1 
HETATM 877 C  C4D . HEC B 2 .   ? 8.655   6.052   0.799   1.00 25.61 ? 201 HEC A C4D 1 
HETATM 878 C  CMD . HEC B 2 .   ? 9.670   6.691   -2.784  1.00 21.32 ? 201 HEC A CMD 1 
HETATM 879 C  CAD . HEC B 2 .   ? 10.262  8.045   0.079   1.00 26.17 ? 201 HEC A CAD 1 
HETATM 880 C  CBD . HEC B 2 .   ? 9.326   9.244   0.286   1.00 28.83 ? 201 HEC A CBD 1 
HETATM 881 C  CGD . HEC B 2 .   ? 10.108  10.512  0.558   1.00 37.66 ? 201 HEC A CGD 1 
HETATM 882 O  O1D . HEC B 2 .   ? 9.535   11.619  0.423   1.00 36.25 ? 201 HEC A O1D 1 
HETATM 883 O  O2D . HEC B 2 .   ? 11.311  10.432  0.913   1.00 51.85 ? 201 HEC A O2D 1 
HETATM 884 NI NI  . NI  C 3 .   ? -2.419  13.679  -2.392  1.00 34.98 ? 202 NI  A NI  1 
HETATM 885 NI NI  . NI  D 3 .   ? -12.906 -8.124  -5.907  0.33 20.85 ? 203 NI  A NI  1 
HETATM 886 CA CA  . CA  E 4 .   ? -5.971  -6.405  19.537  0.50 34.28 ? 204 CA  A CA  1 
HETATM 887 CA CA  . CA  F 4 .   ? -3.719  -7.855  18.923  1.00 59.85 ? 205 CA  A CA  1 
HETATM 888 CA CA  . CA  G 4 .   ? 9.849   14.732  6.870   1.00 92.57 ? 206 CA  A CA  1 
HETATM 889 CA CA  . CA  H 4 .   ? 9.364   11.619  7.406   0.50 56.51 ? 207 CA  A CA  1 
HETATM 890 CL CL  . CL  I 5 .   ? 1.972   7.726   -17.758 0.33 33.27 ? 208 CL  A CL  1 
HETATM 891 CL CL  . CL  J 5 .   ? -1.743  3.768   -14.799 0.33 36.83 ? 209 CL  A CL  1 
HETATM 892 CL CL  . CL  K 5 .   ? -9.847  -3.307  -1.577  1.00 39.73 ? 210 CL  A CL  1 
HETATM 893 O  O   . HOH L 6 .   ? -13.344 -3.602  -1.682  1.00 52.28 ? 301 HOH A O   1 
HETATM 894 O  O   . HOH L 6 .   ? 0.241   -1.886  19.698  1.00 55.01 ? 302 HOH A O   1 
HETATM 895 O  O   . HOH L 6 .   ? -0.131  15.940  2.935   1.00 36.97 ? 303 HOH A O   1 
HETATM 896 O  O   . HOH L 6 .   ? 5.328   -11.900 0.656   1.00 44.90 ? 304 HOH A O   1 
HETATM 897 O  O   . HOH L 6 .   ? -13.051 -13.424 -2.504  1.00 46.59 ? 305 HOH A O   1 
HETATM 898 O  O   . HOH L 6 .   ? -14.464 -0.221  5.429   1.00 41.90 ? 306 HOH A O   1 
HETATM 899 O  O   . HOH L 6 .   ? -3.463  -15.015 4.562   1.00 35.89 ? 307 HOH A O   1 
HETATM 900 O  O   . HOH L 6 .   ? 3.314   -8.409  -0.857  1.00 42.59 ? 308 HOH A O   1 
HETATM 901 O  O   . HOH L 6 .   ? 2.748   -3.501  14.757  1.00 58.15 ? 309 HOH A O   1 
HETATM 902 O  O   . HOH L 6 .   ? -11.917 3.065   5.643   1.00 40.34 ? 310 HOH A O   1 
HETATM 903 O  O   . HOH L 6 .   ? 8.299   13.200  -0.985  1.00 34.52 ? 311 HOH A O   1 
HETATM 904 O  O   . HOH L 6 .   ? -7.386  -2.708  -3.557  1.00 34.10 ? 312 HOH A O   1 
HETATM 905 O  O   . HOH L 6 .   ? 13.530  9.426   -0.785  1.00 33.05 ? 313 HOH A O   1 
HETATM 906 O  O   . HOH L 6 .   ? -2.204  -11.514 -3.056  1.00 38.44 ? 314 HOH A O   1 
HETATM 907 O  O   . HOH L 6 .   ? 16.461  3.310   -2.089  1.00 38.06 ? 315 HOH A O   1 
HETATM 908 O  O   . HOH L 6 .   ? -0.158  -7.579  -7.135  1.00 34.47 ? 316 HOH A O   1 
HETATM 909 O  O   . HOH L 6 .   ? 10.537  -7.414  -1.392  1.00 40.85 ? 317 HOH A O   1 
HETATM 910 O  O   . HOH L 6 .   ? 10.469  13.696  1.499   1.00 45.08 ? 318 HOH A O   1 
HETATM 911 O  O   . HOH L 6 .   ? 10.997  -1.147  3.523   1.00 31.55 ? 319 HOH A O   1 
HETATM 912 O  O   . HOH L 6 .   ? -4.183  13.997  -3.640  1.00 32.02 ? 320 HOH A O   1 
HETATM 913 O  O   . HOH L 6 .   ? -0.165  -5.835  9.417   1.00 28.14 ? 321 HOH A O   1 
HETATM 914 O  O   . HOH L 6 .   ? 7.645   13.166  -12.369 1.00 45.44 ? 322 HOH A O   1 
HETATM 915 O  O   . HOH L 6 .   ? -0.320  -10.138 0.934   1.00 28.58 ? 323 HOH A O   1 
HETATM 916 O  O   . HOH L 6 .   ? 1.173   -9.712  -1.225  1.00 38.13 ? 324 HOH A O   1 
HETATM 917 O  O   . HOH L 6 .   ? 0.704   -8.925  17.221  1.00 49.80 ? 325 HOH A O   1 
HETATM 918 O  O   . HOH L 6 .   ? 8.480   -2.075  -7.173  1.00 34.01 ? 326 HOH A O   1 
HETATM 919 O  O   . HOH L 6 .   ? 4.607   17.331  4.395   1.00 50.65 ? 327 HOH A O   1 
HETATM 920 O  O   . HOH L 6 .   ? 3.237   -7.579  -11.086 1.00 21.55 ? 328 HOH A O   1 
HETATM 921 O  O   . HOH L 6 .   ? -1.406  -8.042  10.157  1.00 27.97 ? 329 HOH A O   1 
HETATM 922 O  O   . HOH L 6 .   ? 9.082   -3.640  -10.814 1.00 39.70 ? 330 HOH A O   1 
HETATM 923 O  O   . HOH L 6 .   ? -9.675  0.104   11.275  1.00 38.97 ? 331 HOH A O   1 
HETATM 924 O  O   . HOH L 6 .   ? -3.722  -12.357 13.742  1.00 34.85 ? 332 HOH A O   1 
HETATM 925 O  O   . HOH L 6 .   ? -2.080  -10.152 14.212  1.00 35.17 ? 333 HOH A O   1 
HETATM 926 O  O   . HOH L 6 .   ? 12.679  9.109   -3.563  1.00 28.12 ? 334 HOH A O   1 
HETATM 927 O  O   . HOH L 6 .   ? 3.418   9.774   -10.410 1.00 21.86 ? 335 HOH A O   1 
HETATM 928 O  O   . HOH L 6 .   ? -6.408  6.682   3.227   1.00 29.37 ? 336 HOH A O   1 
HETATM 929 O  O   . HOH L 6 .   ? -7.221  3.042   10.627  1.00 40.89 ? 337 HOH A O   1 
HETATM 930 O  O   . HOH L 6 .   ? 15.253  7.082   -17.399 1.00 42.42 ? 338 HOH A O   1 
HETATM 931 O  O   . HOH L 6 .   ? 0.481   2.642   -13.378 1.00 41.51 ? 339 HOH A O   1 
HETATM 932 O  O   . HOH L 6 .   ? -11.537 -3.153  2.852   1.00 33.90 ? 340 HOH A O   1 
HETATM 933 O  O   . HOH L 6 .   ? 10.101  12.634  -12.743 1.00 30.25 ? 341 HOH A O   1 
HETATM 934 O  O   . HOH L 6 .   ? 9.094   0.567   -16.229 1.00 24.60 ? 342 HOH A O   1 
HETATM 935 O  O   . HOH L 6 .   ? 7.034   13.487  -3.463  1.00 32.83 ? 343 HOH A O   1 
HETATM 936 O  O   . HOH L 6 .   ? 8.815   4.634   -20.045 1.00 37.59 ? 344 HOH A O   1 
HETATM 937 O  O   . HOH L 6 .   ? 4.074   14.186  -9.825  1.00 43.04 ? 345 HOH A O   1 
HETATM 938 O  O   . HOH L 6 .   ? -2.797  -10.017 -0.201  1.00 26.29 ? 346 HOH A O   1 
HETATM 939 O  O   . HOH L 6 .   ? -9.633  3.437   -2.436  1.00 40.20 ? 347 HOH A O   1 
HETATM 940 O  O   . HOH L 6 .   ? -8.883  -10.213 15.779  1.00 43.56 ? 348 HOH A O   1 
HETATM 941 O  O   . HOH L 6 .   ? 6.975   -2.633  -5.058  1.00 27.78 ? 349 HOH A O   1 
HETATM 942 O  O   . HOH L 6 .   ? 0.948   11.581  -2.731  1.00 30.50 ? 350 HOH A O   1 
HETATM 943 O  O   . HOH L 6 .   ? -5.853  -2.311  15.931  1.00 32.24 ? 351 HOH A O   1 
HETATM 944 O  O   . HOH L 6 .   ? -1.206  2.508   13.947  1.00 40.23 ? 352 HOH A O   1 
HETATM 945 O  O   . HOH L 6 .   ? 13.360  -4.157  -5.556  1.00 35.08 ? 353 HOH A O   1 
HETATM 946 O  O   . HOH L 6 .   ? -2.834  -13.773 11.453  1.00 34.64 ? 354 HOH A O   1 
HETATM 947 O  O   . HOH L 6 .   ? -2.829  9.644   3.405   1.00 27.30 ? 355 HOH A O   1 
HETATM 948 O  O   . HOH L 6 .   ? 5.226   11.804  -13.576 1.00 41.72 ? 356 HOH A O   1 
HETATM 949 O  O   . HOH L 6 .   ? 4.320   14.918  4.988   1.00 52.50 ? 357 HOH A O   1 
HETATM 950 O  O   . HOH L 6 .   ? -7.818  -12.178 14.504  1.00 45.24 ? 358 HOH A O   1 
HETATM 951 O  O   . HOH L 6 .   ? 1.794   5.516   -15.586 1.00 32.02 ? 359 HOH A O   1 
HETATM 952 O  O   . HOH L 6 .   ? -1.660  15.679  -3.024  1.00 43.66 ? 360 HOH A O   1 
HETATM 953 O  O   . HOH L 6 .   ? -1.438  13.103  -4.099  1.00 33.26 ? 361 HOH A O   1 
HETATM 954 O  O   . HOH L 6 .   ? -5.166  0.188   -9.932  1.00 25.72 ? 362 HOH A O   1 
HETATM 955 O  O   . HOH L 6 .   ? -7.056  -4.632  20.546  0.50 47.76 ? 363 HOH A O   1 
HETATM 956 O  O   . HOH L 6 .   ? 6.696   -1.993  -9.626  1.00 37.98 ? 364 HOH A O   1 
HETATM 957 O  O   . HOH L 6 .   ? -4.787  9.959   0.490   1.00 34.82 ? 365 HOH A O   1 
HETATM 958 O  O   . HOH L 6 .   ? 11.402  -8.034  1.514   1.00 37.95 ? 366 HOH A O   1 
HETATM 959 O  O   . HOH L 6 .   ? 4.447   14.485  -2.641  1.00 29.34 ? 367 HOH A O   1 
HETATM 960 O  O   . HOH L 6 .   ? 11.943  8.616   -20.952 1.00 44.67 ? 368 HOH A O   1 
HETATM 961 O  O   . HOH L 6 .   ? 8.876   11.126  -20.329 1.00 34.36 ? 369 HOH A O   1 
HETATM 962 O  O   . HOH L 6 .   ? -5.454  6.201   8.542   1.00 45.71 ? 370 HOH A O   1 
HETATM 963 O  O   . HOH L 6 .   ? 6.173   14.098  0.715   1.00 31.47 ? 371 HOH A O   1 
HETATM 964 O  O   . HOH L 6 .   ? 2.902   13.157  -11.368 1.00 35.49 ? 372 HOH A O   1 
HETATM 965 O  O   . HOH L 6 .   ? 14.599  10.181  -17.688 1.00 37.45 ? 373 HOH A O   1 
HETATM 966 O  O   . HOH L 6 .   ? -8.531  -13.301 -1.590  1.00 45.34 ? 374 HOH A O   1 
HETATM 967 O  O   . HOH L 6 .   ? 4.816   15.083  -6.195  1.00 30.13 ? 375 HOH A O   1 
HETATM 968 O  O   . HOH L 6 .   ? 14.881  1.121   -11.620 1.00 38.55 ? 376 HOH A O   1 
HETATM 969 O  O   . HOH L 6 .   ? -15.150 -10.583 12.929  1.00 40.10 ? 377 HOH A O   1 
HETATM 970 O  O   . HOH L 6 .   ? -9.035  -16.457 9.209   1.00 45.56 ? 378 HOH A O   1 
HETATM 971 O  O   . HOH L 6 .   ? 7.838   16.514  6.228   1.00 72.42 ? 379 HOH A O   1 
HETATM 972 O  O   . HOH L 6 .   ? -15.542 -12.711 11.271  1.00 48.16 ? 380 HOH A O   1 
HETATM 973 O  O   . HOH L 6 .   ? 0.547   16.529  -2.344  1.00 52.49 ? 381 HOH A O   1 
HETATM 974 O  O   . HOH L 6 .   ? -5.810  -13.224 -6.425  1.00 44.05 ? 382 HOH A O   1 
HETATM 975 O  O   . HOH L 6 .   ? 18.522  9.027   1.252   1.00 40.55 ? 383 HOH A O   1 
HETATM 976 O  O   . HOH L 6 .   ? -10.603 -15.792 11.857  1.00 38.73 ? 384 HOH A O   1 
HETATM 977 O  O   . HOH L 6 .   ? -5.113  -10.609 16.564  1.00 48.66 ? 385 HOH A O   1 
HETATM 978 O  O   . HOH L 6 .   ? -3.840  -17.214 8.940   1.00 42.86 ? 386 HOH A O   1 
HETATM 979 O  O   . HOH L 6 .   ? -14.583 -1.826  3.393   1.00 45.59 ? 387 HOH A O   1 
HETATM 980 O  O   . HOH L 6 .   ? -10.560 -2.062  0.335   1.00 34.53 ? 388 HOH A O   1 
HETATM 981 O  O   . HOH L 6 .   ? -0.449  -12.389 10.930  1.00 33.18 ? 389 HOH A O   1 
HETATM 982 O  O   . HOH L 6 .   ? 12.135  7.092   4.830   0.50 55.49 ? 390 HOH A O   1 
HETATM 983 O  O   . HOH L 6 .   ? 0.873   13.990  -5.252  1.00 38.18 ? 391 HOH A O   1 
HETATM 984 O  O   . HOH L 6 .   ? 6.829   16.552  -5.554  1.00 51.26 ? 392 HOH A O   1 
HETATM 985 O  O   . HOH L 6 .   ? 2.196   -8.132  -8.480  1.00 42.50 ? 393 HOH A O   1 
HETATM 986 O  O   . HOH L 6 .   ? -5.453  8.781   2.236   1.00 47.83 ? 394 HOH A O   1 
HETATM 987 O  O   . HOH L 6 .   ? -0.368  -9.868  12.119  1.00 35.47 ? 395 HOH A O   1 
HETATM 988 O  O   . HOH L 6 .   ? 3.976   16.243  -9.099  1.00 46.75 ? 396 HOH A O   1 
HETATM 989 O  O   . HOH L 6 .   ? 6.197   15.936  -13.254 1.00 44.21 ? 397 HOH A O   1 
HETATM 990 O  O   . HOH L 6 .   ? 2.544   14.683  -4.114  1.00 46.03 ? 398 HOH A O   1 
HETATM 991 O  O   . HOH L 6 .   ? -2.170  -16.553 11.153  1.00 42.94 ? 399 HOH A O   1 
HETATM 992 O  O   . HOH L 6 .   ? -6.602  7.580   6.001   1.00 44.52 ? 400 HOH A O   1 
HETATM 993 O  O   . HOH L 6 .   ? -4.494  -0.268  16.709  1.00 37.80 ? 401 HOH A O   1 
HETATM 994 O  O   . HOH L 6 .   ? -4.165  -14.032 16.010  1.00 37.25 ? 402 HOH A O   1 
HETATM 995 O  O   . HOH L 6 .   ? 1.767   -13.377 9.787   1.00 39.87 ? 403 HOH A O   1 
HETATM 996 O  O   . HOH L 6 .   ? -16.667 -12.131 -2.911  0.33 45.36 ? 404 HOH A O   1 
HETATM 997 O  O   . HOH L 6 .   ? -3.022  -16.192 15.660  1.00 48.96 ? 405 HOH A O   1 
# 
